data_8YBQ
#
_entry.id   8YBQ
#
_cell.length_a   1.00
_cell.length_b   1.00
_cell.length_c   1.00
_cell.angle_alpha   90.00
_cell.angle_beta   90.00
_cell.angle_gamma   90.00
#
_symmetry.space_group_name_H-M   'P 1'
#
loop_
_entity.id
_entity.type
_entity.pdbx_description
1 polymer 'BCCT family transporter'
2 non-polymer 'CHOLINE ION'
3 water water
#
_entity_poly.entity_id   1
_entity_poly.type   'polypeptide(L)'
_entity_poly.pdbx_seq_one_letter_code
;MGSMSSPSTSSSGTVRMNAPVFYFAASFILIFGIIVIAFPQASGAWLLAAQNWAANTVGWYYMMVMTLYLVFVVVTALSG
FGKIKLGADHDEPEFSYLSWAGMLFAAGISITLFFFCVSEPLTHLLQPPQGEGGTAEAARQGMQLLFLHWGLHGWGVFAF
VGMALAYFAYRHNLPLALRSALYPLIGKRINGPIGYAVDGFGIIATIFGLGADMGFGVLHLNSGLDYLFGVPHTQWIQVG
LITLMMGAAILVAIAGVDKGVRVMSDINMLLACALLLFVLFAGPTQHLLNTLVQNIGDYLGALPSKSFDVYAYNKPSDWL
GGWTVFYWAWWIAWAPFVGLFIARISRGRTIREFVFGVLLIPLGFTLAWMSIFGNSAIDQVLNHGMAALGQSAIDDPSMT
LYLLLETYPWSKTVIAVTVFISFVFFVTSADSGTVVLSTLSAKGGNPDEDGPKWLRVFWGVATALITSGLLFSGSIDALK
SAVVLTSLPFSLILLLMMWGLHKAFVMESQRQIAQLYSLAPVSGSRRGGWRQRLSQAVHYPSRDEVYRFLDQTVRPAIDE
VTAVFVEKGLNVVNVPDPSNDSVTLEIGHGEERPFIYQVQMKGFFTPSFARGGMGSKQLNNRRYYRAEVHLSEGSQDYDL
VGYTKEQVINDVLDQYERHMQFLHLVRGSGSGSGSGSWSHPQFEK
;
_entity_poly.pdbx_strand_id   A,B,C
#
# COMPACT_ATOMS: atom_id res chain seq x y z
N GLY A 13 6.07 46.68 24.90
CA GLY A 13 5.50 47.92 24.40
C GLY A 13 5.24 47.89 22.91
N THR A 14 5.92 48.76 22.18
CA THR A 14 5.81 48.79 20.73
C THR A 14 6.68 47.73 20.09
N VAL A 15 6.44 47.48 18.80
CA VAL A 15 7.30 46.58 18.05
C VAL A 15 8.66 47.24 17.84
N ARG A 16 9.69 46.43 17.64
CA ARG A 16 11.04 46.93 17.43
C ARG A 16 11.88 45.82 16.81
N MET A 17 13.18 46.08 16.70
CA MET A 17 14.12 45.13 16.15
C MET A 17 14.66 44.20 17.24
N ASN A 18 14.84 42.94 16.88
CA ASN A 18 15.43 41.92 17.75
C ASN A 18 16.89 41.82 17.36
N ALA A 19 17.73 42.67 17.96
CA ALA A 19 19.10 42.86 17.48
C ALA A 19 19.93 41.58 17.43
N PRO A 20 19.90 40.69 18.43
CA PRO A 20 20.72 39.46 18.33
C PRO A 20 20.39 38.61 17.12
N VAL A 21 19.16 38.65 16.61
CA VAL A 21 18.78 37.90 15.42
C VAL A 21 19.13 38.66 14.15
N PHE A 22 18.82 39.96 14.14
CA PHE A 22 19.09 40.79 12.97
C PHE A 22 20.57 40.80 12.62
N TYR A 23 21.43 41.06 13.60
CA TYR A 23 22.86 41.17 13.31
C TYR A 23 23.45 39.84 12.86
N PHE A 24 23.08 38.75 13.51
CA PHE A 24 23.52 37.43 13.09
C PHE A 24 23.09 37.11 11.66
N ALA A 25 21.82 37.36 11.31
CA ALA A 25 21.35 36.99 9.99
C ALA A 25 21.85 37.93 8.91
N ALA A 26 22.11 39.20 9.24
CA ALA A 26 22.53 40.19 8.25
C ALA A 26 24.03 40.24 8.03
N SER A 27 24.83 39.67 8.93
CA SER A 27 26.27 39.67 8.70
C SER A 27 26.72 38.52 7.81
N PHE A 28 25.96 37.43 7.77
CA PHE A 28 26.22 36.34 6.85
C PHE A 28 25.87 36.71 5.41
N ILE A 29 24.67 37.27 5.20
CA ILE A 29 24.19 37.54 3.84
C ILE A 29 25.06 38.60 3.18
N LEU A 30 25.35 39.69 3.89
CA LEU A 30 26.10 40.78 3.29
C LEU A 30 27.55 40.41 3.02
N ILE A 31 28.09 39.46 3.78
CA ILE A 31 29.47 39.02 3.54
C ILE A 31 29.50 38.01 2.41
N PHE A 32 28.50 37.13 2.32
CA PHE A 32 28.43 36.20 1.19
C PHE A 32 28.20 36.93 -0.13
N GLY A 33 27.38 37.98 -0.14
CA GLY A 33 27.03 38.64 -1.37
C GLY A 33 28.10 39.50 -2.01
N ILE A 34 29.12 39.92 -1.27
CA ILE A 34 30.19 40.73 -1.82
C ILE A 34 31.31 39.88 -2.40
N ILE A 35 31.59 38.73 -1.78
CA ILE A 35 32.62 37.83 -2.29
C ILE A 35 32.24 37.31 -3.68
N VAL A 36 30.95 37.09 -3.92
CA VAL A 36 30.53 36.53 -5.20
C VAL A 36 30.51 37.61 -6.27
N ILE A 37 30.30 38.86 -5.89
CA ILE A 37 30.25 39.94 -6.87
C ILE A 37 31.66 40.42 -7.22
N ALA A 38 32.57 40.36 -6.26
CA ALA A 38 33.93 40.83 -6.52
C ALA A 38 34.78 39.78 -7.23
N PHE A 39 34.41 38.50 -7.12
CA PHE A 39 35.16 37.40 -7.72
C PHE A 39 34.18 36.46 -8.41
N PRO A 40 33.73 36.81 -9.62
CA PRO A 40 32.74 35.97 -10.30
C PRO A 40 33.32 34.69 -10.88
N GLN A 41 34.58 34.70 -11.33
CA GLN A 41 35.18 33.53 -11.94
C GLN A 41 35.65 32.49 -10.94
N ALA A 42 36.13 32.90 -9.76
CA ALA A 42 36.56 31.94 -8.76
C ALA A 42 35.38 31.34 -8.01
N SER A 43 34.24 32.04 -7.98
CA SER A 43 33.05 31.58 -7.26
C SER A 43 32.24 30.57 -8.06
N GLY A 44 32.28 30.62 -9.38
CA GLY A 44 31.53 29.68 -10.18
C GLY A 44 32.14 28.30 -10.24
N ALA A 45 33.44 28.21 -9.98
CA ALA A 45 34.14 26.92 -9.91
C ALA A 45 33.91 26.22 -8.59
N TRP A 46 34.00 26.94 -7.49
CA TRP A 46 33.77 26.34 -6.21
C TRP A 46 32.33 25.93 -5.98
N LEU A 47 31.36 26.70 -6.46
CA LEU A 47 29.97 26.30 -6.37
C LEU A 47 29.67 25.09 -7.25
N LEU A 48 30.39 24.94 -8.35
CA LEU A 48 30.22 23.77 -9.20
C LEU A 48 30.88 22.54 -8.60
N ALA A 49 31.99 22.73 -7.88
CA ALA A 49 32.62 21.62 -7.18
C ALA A 49 31.80 21.13 -6.00
N ALA A 50 31.18 22.04 -5.25
CA ALA A 50 30.36 21.66 -4.12
C ALA A 50 29.07 20.94 -4.51
N GLN A 51 28.54 21.20 -5.71
CA GLN A 51 27.31 20.56 -6.14
C GLN A 51 27.49 19.07 -6.41
N ASN A 52 28.66 18.67 -6.89
CA ASN A 52 28.94 17.25 -7.09
C ASN A 52 29.32 16.55 -5.80
N TRP A 53 29.94 17.26 -4.87
CA TRP A 53 30.24 16.69 -3.56
C TRP A 53 28.96 16.38 -2.79
N ALA A 54 28.00 17.30 -2.80
CA ALA A 54 26.78 17.13 -2.01
C ALA A 54 25.96 15.96 -2.50
N ALA A 55 25.79 15.83 -3.81
CA ALA A 55 24.96 14.76 -4.38
C ALA A 55 25.43 13.38 -3.96
N ASN A 56 26.73 13.20 -3.71
CA ASN A 56 27.26 11.92 -3.30
C ASN A 56 27.40 11.77 -1.79
N THR A 57 27.57 12.87 -1.06
CA THR A 57 27.84 12.74 0.36
C THR A 57 26.60 12.89 1.22
N VAL A 58 25.68 13.79 0.88
CA VAL A 58 24.51 14.02 1.72
C VAL A 58 23.22 13.79 0.96
N GLY A 59 23.26 12.94 -0.07
CA GLY A 59 22.06 12.68 -0.84
C GLY A 59 21.07 11.78 -0.13
N TRP A 60 21.56 10.74 0.54
CA TRP A 60 20.71 9.84 1.32
C TRP A 60 20.05 10.53 2.50
N TYR A 61 20.69 11.54 3.08
CA TYR A 61 20.16 12.21 4.27
C TYR A 61 18.89 13.00 3.94
N TYR A 62 18.88 13.68 2.80
CA TYR A 62 17.71 14.43 2.39
C TYR A 62 16.53 13.51 2.09
N MET A 63 16.78 12.42 1.37
CA MET A 63 15.72 11.45 1.09
C MET A 63 15.21 10.82 2.37
N MET A 64 16.08 10.64 3.37
CA MET A 64 15.62 10.05 4.62
C MET A 64 14.76 11.03 5.43
N VAL A 65 15.13 12.31 5.47
CA VAL A 65 14.39 13.25 6.31
C VAL A 65 13.12 13.80 5.66
N MET A 66 13.03 13.83 4.33
CA MET A 66 11.82 14.37 3.73
C MET A 66 10.60 13.47 3.92
N THR A 67 10.80 12.17 4.15
CA THR A 67 9.68 11.25 4.33
C THR A 67 9.15 11.27 5.76
N LEU A 68 10.02 11.60 6.73
CA LEU A 68 9.60 11.68 8.11
C LEU A 68 8.53 12.74 8.32
N TYR A 69 8.70 13.93 7.71
CA TYR A 69 7.72 14.98 7.88
C TYR A 69 6.34 14.56 7.38
N LEU A 70 6.30 13.94 6.19
CA LEU A 70 5.03 13.53 5.61
C LEU A 70 4.37 12.43 6.44
N VAL A 71 5.14 11.43 6.86
CA VAL A 71 4.56 10.35 7.67
C VAL A 71 4.04 10.90 9.00
N PHE A 72 4.79 11.81 9.61
CA PHE A 72 4.35 12.42 10.87
C PHE A 72 3.03 13.15 10.70
N VAL A 73 2.93 14.05 9.71
CA VAL A 73 1.72 14.84 9.59
C VAL A 73 0.53 14.00 9.15
N VAL A 74 0.75 12.89 8.44
CA VAL A 74 -0.40 12.06 8.06
C VAL A 74 -0.89 11.23 9.24
N VAL A 75 0.04 10.62 9.99
CA VAL A 75 -0.36 9.80 11.13
C VAL A 75 -1.00 10.67 12.21
N THR A 76 -0.54 11.90 12.38
CA THR A 76 -1.15 12.78 13.37
C THR A 76 -2.60 13.11 13.03
N ALA A 77 -2.89 13.40 11.76
CA ALA A 77 -4.23 13.75 11.35
C ALA A 77 -5.18 12.57 11.30
N LEU A 78 -4.69 11.36 11.06
CA LEU A 78 -5.55 10.18 11.06
C LEU A 78 -5.85 9.62 12.45
N SER A 79 -5.12 10.04 13.48
CA SER A 79 -5.30 9.51 14.82
C SER A 79 -6.31 10.34 15.59
N GLY A 80 -6.39 10.12 16.90
CA GLY A 80 -7.32 10.85 17.75
C GLY A 80 -6.90 12.27 18.07
N PHE A 81 -5.65 12.64 17.78
CA PHE A 81 -5.19 14.01 17.95
C PHE A 81 -5.74 14.94 16.89
N GLY A 82 -6.30 14.43 15.81
CA GLY A 82 -6.92 15.27 14.81
C GLY A 82 -8.19 15.96 15.24
N LYS A 83 -8.63 15.73 16.48
CA LYS A 83 -9.81 16.36 17.04
C LYS A 83 -9.49 17.65 17.79
N ILE A 84 -8.21 17.93 18.05
CA ILE A 84 -7.84 19.09 18.85
C ILE A 84 -8.05 20.36 18.03
N LYS A 85 -8.63 21.37 18.67
CA LYS A 85 -8.82 22.66 18.02
C LYS A 85 -7.51 23.45 18.03
N LEU A 86 -7.36 24.31 17.03
CA LEU A 86 -6.20 25.18 16.94
C LEU A 86 -6.41 26.53 17.62
N GLY A 87 -7.24 26.57 18.66
CA GLY A 87 -7.40 27.74 19.49
C GLY A 87 -7.92 27.32 20.85
N ALA A 88 -8.89 28.05 21.39
CA ALA A 88 -9.65 27.55 22.52
C ALA A 88 -10.80 26.68 22.01
N ASP A 89 -11.32 25.83 22.89
CA ASP A 89 -12.29 24.82 22.44
C ASP A 89 -13.66 25.41 22.11
N HIS A 90 -13.84 26.72 22.26
CA HIS A 90 -15.14 27.32 21.98
C HIS A 90 -15.11 28.53 21.06
N ASP A 91 -14.01 28.81 20.36
CA ASP A 91 -14.00 29.88 19.37
C ASP A 91 -14.17 29.33 17.96
N GLU A 92 -14.59 30.20 17.04
CA GLU A 92 -14.93 29.84 15.67
C GLU A 92 -13.96 30.46 14.66
N PRO A 93 -13.85 29.86 13.48
CA PRO A 93 -13.02 30.43 12.42
C PRO A 93 -13.44 31.85 12.04
N GLU A 94 -12.54 32.55 11.33
CA GLU A 94 -12.73 33.95 10.99
C GLU A 94 -12.79 34.18 9.48
N PHE A 95 -12.85 33.12 8.70
CA PHE A 95 -12.80 33.29 7.26
C PHE A 95 -13.78 32.37 6.60
N SER A 96 -13.99 32.54 5.31
CA SER A 96 -15.03 31.78 4.60
C SER A 96 -14.65 30.53 3.87
N TYR A 97 -13.49 29.99 4.17
CA TYR A 97 -13.01 28.81 3.47
C TYR A 97 -12.70 29.23 2.08
N LEU A 98 -13.62 29.93 1.44
CA LEU A 98 -13.39 30.44 0.09
C LEU A 98 -12.27 31.42 0.10
N SER A 99 -12.22 32.26 1.13
CA SER A 99 -11.17 33.24 1.23
C SER A 99 -9.94 32.65 1.92
N TRP A 100 -10.12 31.52 2.59
CA TRP A 100 -9.00 30.83 3.23
C TRP A 100 -8.28 30.06 2.15
N ALA A 101 -9.04 29.33 1.35
CA ALA A 101 -8.45 28.54 0.27
C ALA A 101 -7.74 29.43 -0.73
N GLY A 102 -8.41 30.49 -1.18
CA GLY A 102 -7.77 31.33 -2.17
C GLY A 102 -6.50 32.00 -1.70
N MET A 103 -6.30 32.14 -0.39
CA MET A 103 -5.10 32.77 0.15
C MET A 103 -3.92 31.82 0.21
N LEU A 104 -4.14 30.52 0.03
CA LEU A 104 -3.06 29.56 -0.07
C LEU A 104 -2.40 29.58 -1.44
N PHE A 105 -3.19 29.81 -2.50
CA PHE A 105 -2.65 29.92 -3.85
C PHE A 105 -1.68 31.09 -3.97
N ALA A 106 -2.12 32.29 -3.55
CA ALA A 106 -1.33 33.50 -3.73
C ALA A 106 0.05 33.38 -3.12
N ALA A 107 0.18 32.66 -1.99
CA ALA A 107 1.47 32.54 -1.32
C ALA A 107 2.24 31.32 -1.77
N GLY A 108 1.55 30.23 -2.16
CA GLY A 108 2.25 28.99 -2.48
C GLY A 108 2.92 28.99 -3.83
N ILE A 109 2.18 29.32 -4.88
CA ILE A 109 2.68 29.21 -6.25
C ILE A 109 3.27 30.54 -6.70
N SER A 110 4.22 30.46 -7.63
CA SER A 110 4.99 31.62 -8.05
C SER A 110 5.26 31.50 -9.55
N ILE A 111 6.20 32.33 -10.04
CA ILE A 111 6.53 32.40 -11.45
C ILE A 111 7.29 31.19 -11.96
N THR A 112 7.85 30.37 -11.08
CA THR A 112 8.62 29.22 -11.51
C THR A 112 7.75 28.07 -12.00
N LEU A 113 6.43 28.21 -11.95
CA LEU A 113 5.55 27.21 -12.54
C LEU A 113 5.55 27.28 -14.06
N PHE A 114 5.94 28.43 -14.62
CA PHE A 114 6.05 28.61 -16.06
C PHE A 114 7.41 28.18 -16.61
N PHE A 115 8.45 28.12 -15.77
CA PHE A 115 9.80 27.78 -16.21
C PHE A 115 10.02 26.28 -16.34
N PHE A 116 9.31 25.47 -15.56
CA PHE A 116 9.54 24.04 -15.50
C PHE A 116 8.43 23.21 -16.13
N CYS A 117 7.35 23.86 -16.59
CA CYS A 117 6.16 23.11 -16.98
C CYS A 117 6.34 22.34 -18.28
N VAL A 118 7.18 22.85 -19.18
CA VAL A 118 7.38 22.24 -20.49
C VAL A 118 8.80 21.70 -20.67
N SER A 119 9.80 22.41 -20.14
CA SER A 119 11.17 22.05 -20.44
C SER A 119 11.69 20.91 -19.57
N GLU A 120 11.07 20.66 -18.42
CA GLU A 120 11.56 19.59 -17.56
C GLU A 120 11.12 18.20 -18.03
N PRO A 121 9.85 17.99 -18.41
CA PRO A 121 9.49 16.67 -18.94
C PRO A 121 10.15 16.34 -20.27
N LEU A 122 10.52 17.34 -21.08
CA LEU A 122 11.22 17.09 -22.32
C LEU A 122 12.69 16.75 -22.11
N THR A 123 13.24 17.06 -20.93
CA THR A 123 14.60 16.70 -20.57
C THR A 123 14.70 15.26 -20.06
N HIS A 124 13.72 14.82 -19.29
CA HIS A 124 13.68 13.44 -18.79
C HIS A 124 13.34 12.43 -19.87
N LEU A 125 12.85 12.89 -21.03
CA LEU A 125 12.54 11.99 -22.13
C LEU A 125 13.77 11.70 -22.99
N LEU A 126 14.60 12.71 -23.22
CA LEU A 126 15.79 12.56 -24.05
C LEU A 126 17.03 12.18 -23.25
N GLN A 127 17.02 12.36 -21.93
CA GLN A 127 18.14 11.98 -21.07
C GLN A 127 17.62 11.41 -19.77
N PRO A 128 17.09 10.19 -19.79
CA PRO A 128 16.51 9.61 -18.58
C PRO A 128 17.59 9.25 -17.57
N PRO A 129 17.25 9.21 -16.28
CA PRO A 129 18.24 8.75 -15.29
C PRO A 129 18.60 7.28 -15.40
N GLN A 130 17.75 6.47 -16.01
CA GLN A 130 18.06 5.06 -16.24
C GLN A 130 17.23 4.58 -17.43
N GLY A 131 17.86 3.90 -18.37
CA GLY A 131 17.18 3.37 -19.52
C GLY A 131 17.67 4.02 -20.80
N GLU A 132 16.87 3.88 -21.86
CA GLU A 132 17.20 4.41 -23.17
C GLU A 132 16.15 5.45 -23.55
N GLY A 133 16.59 6.54 -24.17
CA GLY A 133 15.75 7.70 -24.34
C GLY A 133 15.03 7.74 -25.68
N GLY A 134 13.95 8.53 -25.69
CA GLY A 134 13.16 8.77 -26.90
C GLY A 134 12.04 7.78 -27.12
N THR A 135 11.82 6.85 -26.20
CA THR A 135 10.83 5.81 -26.37
C THR A 135 9.60 6.09 -25.51
N ALA A 136 8.74 5.08 -25.38
CA ALA A 136 7.44 5.27 -24.73
C ALA A 136 7.47 4.97 -23.23
N GLU A 137 8.52 4.33 -22.71
CA GLU A 137 8.65 4.25 -21.27
C GLU A 137 9.43 5.44 -20.70
N ALA A 138 10.26 6.09 -21.51
CA ALA A 138 10.90 7.32 -21.08
C ALA A 138 9.87 8.39 -20.77
N ALA A 139 8.81 8.48 -21.58
CA ALA A 139 7.77 9.47 -21.34
C ALA A 139 6.95 9.15 -20.10
N ARG A 140 6.60 7.88 -19.94
CA ARG A 140 5.86 7.44 -18.77
C ARG A 140 6.65 7.65 -17.48
N GLN A 141 7.98 7.51 -17.54
CA GLN A 141 8.80 7.72 -16.36
C GLN A 141 9.05 9.21 -16.09
N GLY A 142 9.17 10.01 -17.14
CA GLY A 142 9.35 11.44 -16.93
C GLY A 142 8.13 12.13 -16.36
N MET A 143 6.94 11.76 -16.85
CA MET A 143 5.72 12.33 -16.28
C MET A 143 5.46 11.83 -14.86
N GLN A 144 6.23 10.86 -14.38
CA GLN A 144 6.14 10.37 -13.01
C GLN A 144 7.13 11.06 -12.08
N LEU A 145 8.35 11.30 -12.57
CA LEU A 145 9.27 12.18 -11.85
C LEU A 145 8.69 13.58 -11.69
N LEU A 146 7.97 14.09 -12.71
CA LEU A 146 7.39 15.41 -12.61
C LEU A 146 6.29 15.46 -11.54
N PHE A 147 5.52 14.38 -11.39
CA PHE A 147 4.52 14.33 -10.32
C PHE A 147 5.17 14.17 -8.95
N LEU A 148 6.28 13.44 -8.87
CA LEU A 148 6.99 13.32 -7.59
C LEU A 148 7.56 14.65 -7.13
N HIS A 149 8.08 15.46 -8.06
CA HIS A 149 8.74 16.70 -7.69
C HIS A 149 7.78 17.83 -7.31
N TRP A 150 6.48 17.69 -7.56
CA TRP A 150 5.51 18.74 -7.30
C TRP A 150 4.29 18.21 -6.53
N GLY A 151 4.45 17.14 -5.77
CA GLY A 151 3.31 16.45 -5.18
C GLY A 151 3.22 16.54 -3.67
N LEU A 152 2.99 15.39 -3.03
CA LEU A 152 2.66 15.36 -1.61
C LEU A 152 3.84 15.70 -0.72
N HIS A 153 5.05 15.32 -1.11
CA HIS A 153 6.23 15.56 -0.29
C HIS A 153 6.44 17.04 0.00
N GLY A 154 6.21 17.91 -0.98
CA GLY A 154 6.47 19.32 -0.78
C GLY A 154 5.41 20.00 0.06
N TRP A 155 4.13 19.71 -0.20
CA TRP A 155 3.05 20.28 0.59
C TRP A 155 2.94 19.66 1.97
N GLY A 156 3.65 18.57 2.25
CA GLY A 156 3.61 17.97 3.57
C GLY A 156 4.49 18.63 4.61
N VAL A 157 5.46 19.45 4.21
CA VAL A 157 6.34 20.12 5.16
C VAL A 157 5.77 21.49 5.50
N PHE A 158 5.07 22.09 4.53
CA PHE A 158 4.33 23.32 4.78
C PHE A 158 3.30 23.10 5.89
N ALA A 159 2.54 22.02 5.79
CA ALA A 159 1.52 21.72 6.79
C ALA A 159 2.14 21.45 8.16
N PHE A 160 3.29 20.77 8.18
CA PHE A 160 3.99 20.52 9.44
C PHE A 160 4.36 21.82 10.14
N VAL A 161 5.02 22.72 9.41
CA VAL A 161 5.44 23.97 10.03
C VAL A 161 4.24 24.81 10.44
N GLY A 162 3.19 24.84 9.62
CA GLY A 162 2.02 25.63 9.98
C GLY A 162 1.31 25.12 11.21
N MET A 163 1.11 23.81 11.30
CA MET A 163 0.48 23.23 12.47
C MET A 163 1.31 23.47 13.73
N ALA A 164 2.63 23.26 13.64
CA ALA A 164 3.48 23.47 14.81
C ALA A 164 3.47 24.93 15.25
N LEU A 165 3.39 25.87 14.31
CA LEU A 165 3.34 27.28 14.70
C LEU A 165 2.01 27.69 15.30
N ALA A 166 0.89 27.18 14.76
CA ALA A 166 -0.41 27.58 15.28
C ALA A 166 -0.71 26.95 16.63
N TYR A 167 -0.26 25.71 16.84
CA TYR A 167 -0.59 25.00 18.08
C TYR A 167 -0.01 25.73 19.30
N PHE A 168 1.26 26.08 19.26
CA PHE A 168 1.93 26.67 20.41
C PHE A 168 1.54 28.13 20.62
N ALA A 169 0.89 28.76 19.67
CA ALA A 169 0.53 30.16 19.77
C ALA A 169 -0.92 30.37 20.17
N TYR A 170 -1.84 29.53 19.70
CA TYR A 170 -3.25 29.74 19.98
C TYR A 170 -3.76 28.91 21.14
N ARG A 171 -3.01 27.91 21.59
CA ARG A 171 -3.39 27.14 22.77
C ARG A 171 -2.54 27.40 24.00
N HIS A 172 -1.25 27.72 23.85
CA HIS A 172 -0.38 27.92 25.00
C HIS A 172 -0.01 29.38 25.21
N ASN A 173 -0.50 30.28 24.37
CA ASN A 173 -0.28 31.72 24.51
C ASN A 173 1.23 32.06 24.49
N LEU A 174 1.91 31.51 23.50
CA LEU A 174 3.32 31.77 23.28
C LEU A 174 3.48 32.61 22.02
N PRO A 175 4.63 33.26 21.83
CA PRO A 175 4.82 34.06 20.61
C PRO A 175 4.69 33.22 19.35
N LEU A 176 4.39 33.90 18.24
CA LEU A 176 4.32 33.26 16.93
C LEU A 176 5.72 33.28 16.34
N ALA A 177 6.51 32.26 16.68
CA ALA A 177 7.92 32.21 16.29
C ALA A 177 8.33 30.76 16.13
N LEU A 178 9.46 30.55 15.46
CA LEU A 178 9.95 29.20 15.21
C LEU A 178 10.49 28.53 16.46
N ARG A 179 10.94 29.32 17.44
CA ARG A 179 11.57 28.77 18.63
C ARG A 179 10.58 28.35 19.70
N SER A 180 9.29 28.67 19.56
CA SER A 180 8.31 28.33 20.58
C SER A 180 8.09 26.82 20.69
N ALA A 181 8.40 26.06 19.64
CA ALA A 181 8.23 24.61 19.67
C ALA A 181 9.34 23.90 20.44
N LEU A 182 10.33 24.63 20.93
CA LEU A 182 11.37 24.07 21.79
C LEU A 182 11.07 24.30 23.27
N TYR A 183 9.89 24.83 23.59
CA TYR A 183 9.56 25.11 24.99
C TYR A 183 9.47 23.84 25.83
N PRO A 184 8.81 22.76 25.39
CA PRO A 184 8.80 21.53 26.20
C PRO A 184 10.17 20.91 26.43
N LEU A 185 11.22 21.42 25.78
CA LEU A 185 12.56 20.86 25.93
C LEU A 185 13.48 21.71 26.80
N ILE A 186 13.43 23.04 26.70
CA ILE A 186 14.37 23.88 27.42
C ILE A 186 13.69 24.97 28.25
N GLY A 187 12.36 25.08 28.17
CA GLY A 187 11.66 26.02 29.02
C GLY A 187 11.89 27.48 28.66
N LYS A 188 12.28 28.27 29.66
CA LYS A 188 12.47 29.71 29.51
C LYS A 188 13.72 30.07 28.73
N ARG A 189 14.47 29.08 28.25
CA ARG A 189 15.68 29.36 27.50
C ARG A 189 15.44 29.62 26.02
N ILE A 190 14.17 29.75 25.61
CA ILE A 190 13.88 30.19 24.25
C ILE A 190 14.05 31.69 24.09
N ASN A 191 14.44 32.39 25.15
CA ASN A 191 14.75 33.81 25.10
C ASN A 191 16.23 34.04 25.42
N GLY A 192 17.09 33.18 24.88
CA GLY A 192 18.51 33.28 25.09
C GLY A 192 19.28 32.86 23.84
N PRO A 193 20.57 32.57 24.01
CA PRO A 193 21.40 32.22 22.85
C PRO A 193 20.90 31.04 22.04
N ILE A 194 20.23 30.07 22.65
CA ILE A 194 19.78 28.90 21.90
C ILE A 194 18.59 29.22 21.00
N GLY A 195 17.65 30.02 21.46
CA GLY A 195 16.49 30.36 20.66
C GLY A 195 16.74 31.36 19.56
N TYR A 196 17.76 32.21 19.70
CA TYR A 196 18.09 33.19 18.68
C TYR A 196 18.80 32.58 17.49
N ALA A 197 19.59 31.53 17.69
CA ALA A 197 20.20 30.83 16.58
C ALA A 197 19.17 30.12 15.72
N VAL A 198 18.15 29.53 16.36
CA VAL A 198 17.09 28.84 15.62
C VAL A 198 16.35 29.82 14.70
N ASP A 199 16.15 31.04 15.16
CA ASP A 199 15.48 32.07 14.36
C ASP A 199 16.40 32.70 13.33
N GLY A 200 17.70 32.80 13.60
CA GLY A 200 18.62 33.33 12.61
C GLY A 200 18.90 32.37 11.49
N PHE A 201 18.91 31.07 11.77
CA PHE A 201 19.13 30.04 10.75
C PHE A 201 17.94 29.87 9.82
N GLY A 202 16.76 30.36 10.20
CA GLY A 202 15.58 30.26 9.37
C GLY A 202 15.36 31.41 8.42
N ILE A 203 16.12 32.48 8.56
CA ILE A 203 16.05 33.60 7.62
C ILE A 203 16.97 33.39 6.42
N ILE A 204 18.13 32.75 6.63
CA ILE A 204 19.09 32.55 5.55
C ILE A 204 18.52 31.64 4.48
N ALA A 205 17.90 30.53 4.89
CA ALA A 205 17.27 29.62 3.95
C ALA A 205 16.19 30.32 3.14
N THR A 206 15.37 31.14 3.80
CA THR A 206 14.30 31.85 3.10
C THR A 206 14.86 32.83 2.08
N ILE A 207 15.92 33.56 2.45
CA ILE A 207 16.53 34.52 1.53
C ILE A 207 17.06 33.81 0.30
N PHE A 208 17.70 32.66 0.48
CA PHE A 208 18.28 31.97 -0.66
C PHE A 208 17.21 31.33 -1.55
N GLY A 209 16.13 30.80 -0.97
CA GLY A 209 15.02 30.31 -1.77
C GLY A 209 14.37 31.39 -2.61
N LEU A 210 14.12 32.56 -1.99
CA LEU A 210 13.55 33.68 -2.73
C LEU A 210 14.48 34.15 -3.85
N GLY A 211 15.80 34.16 -3.59
CA GLY A 211 16.74 34.56 -4.62
C GLY A 211 16.73 33.62 -5.81
N ALA A 212 16.69 32.31 -5.55
CA ALA A 212 16.62 31.35 -6.65
C ALA A 212 15.35 31.55 -7.48
N ASP A 213 14.21 31.70 -6.80
CA ASP A 213 12.96 31.93 -7.51
C ASP A 213 13.02 33.18 -8.39
N MET A 214 13.54 34.28 -7.85
CA MET A 214 13.65 35.52 -8.61
C MET A 214 14.59 35.39 -9.80
N GLY A 215 15.68 34.63 -9.65
CA GLY A 215 16.59 34.43 -10.78
C GLY A 215 15.97 33.64 -11.91
N PHE A 216 15.27 32.54 -11.57
CA PHE A 216 14.54 31.81 -12.61
C PHE A 216 13.50 32.69 -13.28
N GLY A 217 12.83 33.55 -12.52
CA GLY A 217 11.85 34.45 -13.10
C GLY A 217 12.45 35.46 -14.05
N VAL A 218 13.62 36.01 -13.72
CA VAL A 218 14.30 36.94 -14.63
C VAL A 218 14.63 36.24 -15.94
N LEU A 219 15.16 35.01 -15.86
CA LEU A 219 15.47 34.27 -17.08
C LEU A 219 14.22 34.00 -17.92
N HIS A 220 13.11 33.62 -17.29
CA HIS A 220 11.89 33.37 -18.04
C HIS A 220 11.35 34.65 -18.68
N LEU A 221 11.42 35.78 -17.98
CA LEU A 221 10.88 37.03 -18.52
C LEU A 221 11.72 37.63 -19.62
N ASN A 222 13.04 37.38 -19.61
CA ASN A 222 13.89 37.96 -20.66
C ASN A 222 13.65 37.36 -22.03
N SER A 223 13.12 36.15 -22.12
CA SER A 223 12.87 35.50 -23.41
C SER A 223 11.58 35.94 -24.08
N GLY A 224 10.54 36.25 -23.30
CA GLY A 224 9.31 36.74 -23.89
C GLY A 224 9.49 38.05 -24.62
N LEU A 225 10.29 38.96 -24.05
CA LEU A 225 10.54 40.23 -24.72
C LEU A 225 11.40 40.04 -25.96
N ASP A 226 12.32 39.06 -25.92
CA ASP A 226 13.08 38.73 -27.13
C ASP A 226 12.16 38.22 -28.23
N TYR A 227 11.24 37.33 -27.89
CA TYR A 227 10.28 36.81 -28.86
C TYR A 227 9.39 37.90 -29.42
N LEU A 228 8.88 38.79 -28.56
CA LEU A 228 7.90 39.77 -29.01
C LEU A 228 8.55 40.93 -29.75
N PHE A 229 9.55 41.58 -29.14
CA PHE A 229 10.08 42.82 -29.68
C PHE A 229 11.49 42.68 -30.24
N GLY A 230 12.38 41.98 -29.54
CA GLY A 230 13.73 41.83 -30.02
C GLY A 230 14.79 42.32 -29.05
N VAL A 231 14.46 42.31 -27.76
CA VAL A 231 15.37 42.74 -26.70
C VAL A 231 16.49 41.71 -26.54
N PRO A 232 17.75 42.13 -26.53
CA PRO A 232 18.85 41.16 -26.43
C PRO A 232 19.02 40.63 -25.01
N HIS A 233 19.80 39.56 -24.90
CA HIS A 233 20.17 39.02 -23.59
C HIS A 233 21.50 39.63 -23.18
N THR A 234 21.45 40.65 -22.33
CA THR A 234 22.62 41.41 -21.94
C THR A 234 22.64 41.52 -20.42
N GLN A 235 23.83 41.73 -19.85
CA GLN A 235 23.95 41.83 -18.40
C GLN A 235 23.29 43.09 -17.86
N TRP A 236 23.27 44.18 -18.64
CA TRP A 236 22.63 45.40 -18.17
C TRP A 236 21.12 45.39 -18.35
N ILE A 237 20.57 44.44 -19.11
CA ILE A 237 19.12 44.29 -19.20
C ILE A 237 18.57 43.55 -18.00
N GLN A 238 19.31 42.56 -17.49
CA GLN A 238 18.86 41.80 -16.34
C GLN A 238 18.88 42.64 -15.07
N VAL A 239 19.78 43.62 -14.99
CA VAL A 239 19.79 44.53 -13.84
C VAL A 239 18.50 45.36 -13.82
N GLY A 240 18.08 45.86 -14.97
CA GLY A 240 16.83 46.60 -15.04
C GLY A 240 15.62 45.72 -14.78
N LEU A 241 15.68 44.46 -15.23
CA LEU A 241 14.58 43.54 -14.95
C LEU A 241 14.46 43.27 -13.45
N ILE A 242 15.59 43.06 -12.77
CA ILE A 242 15.59 42.86 -11.32
C ILE A 242 15.07 44.09 -10.61
N THR A 243 15.53 45.28 -11.03
CA THR A 243 15.05 46.52 -10.44
C THR A 243 13.54 46.64 -10.55
N LEU A 244 13.00 46.43 -11.75
CA LEU A 244 11.54 46.52 -11.92
C LEU A 244 10.81 45.51 -11.05
N MET A 245 11.23 44.24 -11.09
CA MET A 245 10.54 43.19 -10.36
C MET A 245 10.53 43.43 -8.85
N MET A 246 11.64 43.94 -8.29
CA MET A 246 11.69 44.10 -6.84
C MET A 246 11.13 45.45 -6.38
N GLY A 247 11.28 46.50 -7.19
CA GLY A 247 10.67 47.77 -6.85
C GLY A 247 9.16 47.74 -6.97
N ALA A 248 8.62 46.87 -7.81
CA ALA A 248 7.17 46.70 -7.85
C ALA A 248 6.63 45.92 -6.68
N ALA A 249 7.47 45.21 -5.93
CA ALA A 249 7.03 44.42 -4.79
C ALA A 249 7.33 45.07 -3.44
N ILE A 250 8.28 46.00 -3.39
CA ILE A 250 8.50 46.75 -2.16
C ILE A 250 7.43 47.82 -1.97
N LEU A 251 7.02 48.47 -3.07
CA LEU A 251 6.03 49.53 -3.00
C LEU A 251 4.63 49.01 -2.72
N VAL A 252 4.37 47.73 -2.96
CA VAL A 252 3.08 47.16 -2.59
C VAL A 252 3.07 46.74 -1.13
N ALA A 253 4.24 46.41 -0.57
CA ALA A 253 4.33 46.01 0.82
C ALA A 253 4.40 47.19 1.80
N ILE A 254 4.96 48.32 1.39
CA ILE A 254 5.05 49.47 2.27
C ILE A 254 3.88 50.44 2.06
N ALA A 255 2.85 50.03 1.31
CA ALA A 255 1.73 50.92 1.02
C ALA A 255 0.49 50.62 1.85
N GLY A 256 0.40 49.45 2.48
CA GLY A 256 -0.70 49.15 3.37
C GLY A 256 -2.05 48.99 2.69
N VAL A 257 -2.12 48.16 1.66
CA VAL A 257 -3.37 47.83 0.99
C VAL A 257 -3.48 46.31 0.94
N ASP A 258 -4.61 45.79 1.39
CA ASP A 258 -4.86 44.35 1.38
C ASP A 258 -6.12 44.00 0.61
N LYS A 259 -7.13 44.88 0.62
CA LYS A 259 -8.30 44.68 -0.22
C LYS A 259 -7.93 44.60 -1.70
N GLY A 260 -7.28 45.65 -2.21
CA GLY A 260 -6.87 45.66 -3.60
C GLY A 260 -5.91 44.56 -3.97
N VAL A 261 -5.13 44.09 -2.99
CA VAL A 261 -4.17 43.03 -3.23
C VAL A 261 -4.86 41.68 -3.28
N ARG A 262 -5.68 41.36 -2.28
CA ARG A 262 -6.31 40.06 -2.23
C ARG A 262 -7.41 40.00 -3.26
N VAL A 263 -7.79 41.15 -3.77
CA VAL A 263 -8.80 41.19 -4.79
C VAL A 263 -8.14 41.02 -6.15
N MET A 264 -6.90 41.49 -6.29
CA MET A 264 -6.17 41.33 -7.55
C MET A 264 -5.58 39.94 -7.66
N SER A 265 -5.32 39.30 -6.53
CA SER A 265 -4.87 37.94 -6.57
C SER A 265 -5.95 37.11 -7.23
N ASP A 266 -7.20 37.22 -6.75
CA ASP A 266 -8.29 36.41 -7.28
C ASP A 266 -8.54 36.63 -8.77
N ILE A 267 -8.38 37.88 -9.25
CA ILE A 267 -8.49 38.11 -10.68
C ILE A 267 -7.44 37.32 -11.45
N ASN A 268 -6.19 37.34 -10.98
CA ASN A 268 -5.13 36.60 -11.67
C ASN A 268 -5.39 35.10 -11.62
N MET A 269 -5.94 34.60 -10.52
CA MET A 269 -6.24 33.18 -10.37
C MET A 269 -7.39 32.73 -11.26
N LEU A 270 -8.22 33.65 -11.74
CA LEU A 270 -9.21 33.31 -12.75
C LEU A 270 -8.64 33.33 -14.17
N LEU A 271 -7.74 34.28 -14.45
CA LEU A 271 -7.06 34.29 -15.74
C LEU A 271 -6.21 33.04 -15.94
N ALA A 272 -5.60 32.54 -14.87
CA ALA A 272 -4.83 31.30 -14.97
C ALA A 272 -5.70 30.12 -15.40
N CYS A 273 -6.89 29.99 -14.83
CA CYS A 273 -7.79 28.91 -15.21
C CYS A 273 -8.31 29.09 -16.63
N ALA A 274 -8.56 30.34 -17.05
CA ALA A 274 -8.96 30.57 -18.43
C ALA A 274 -7.87 30.12 -19.41
N LEU A 275 -6.60 30.42 -19.09
CA LEU A 275 -5.51 29.99 -19.96
C LEU A 275 -5.37 28.47 -19.98
N LEU A 276 -5.50 27.81 -18.83
CA LEU A 276 -5.44 26.36 -18.78
C LEU A 276 -6.55 25.74 -19.62
N LEU A 277 -7.77 26.28 -19.54
CA LEU A 277 -8.86 25.73 -20.33
C LEU A 277 -8.68 25.96 -21.82
N PHE A 278 -8.14 27.12 -22.21
CA PHE A 278 -7.83 27.35 -23.61
C PHE A 278 -6.83 26.32 -24.12
N VAL A 279 -5.78 26.07 -23.34
CA VAL A 279 -4.77 25.10 -23.79
C VAL A 279 -5.35 23.69 -23.85
N LEU A 280 -6.26 23.35 -22.94
CA LEU A 280 -6.86 22.02 -22.98
C LEU A 280 -7.79 21.84 -24.19
N PHE A 281 -8.64 22.82 -24.44
CA PHE A 281 -9.66 22.68 -25.48
C PHE A 281 -9.18 23.05 -26.87
N ALA A 282 -8.00 23.63 -27.01
CA ALA A 282 -7.44 23.91 -28.33
C ALA A 282 -6.49 22.83 -28.82
N GLY A 283 -6.39 21.70 -28.11
CA GLY A 283 -5.50 20.64 -28.49
C GLY A 283 -6.18 19.27 -28.52
N PRO A 284 -5.38 18.21 -28.36
CA PRO A 284 -5.94 16.85 -28.37
C PRO A 284 -6.64 16.50 -27.06
N THR A 285 -7.91 16.85 -26.93
CA THR A 285 -8.58 16.81 -25.64
C THR A 285 -8.67 15.39 -25.07
N GLN A 286 -9.04 14.41 -25.91
CA GLN A 286 -9.24 13.05 -25.40
C GLN A 286 -7.93 12.42 -24.96
N HIS A 287 -6.88 12.60 -25.76
CA HIS A 287 -5.55 12.13 -25.37
C HIS A 287 -5.12 12.72 -24.03
N LEU A 288 -5.39 14.01 -23.83
CA LEU A 288 -4.96 14.67 -22.59
C LEU A 288 -5.74 14.16 -21.39
N LEU A 289 -7.05 13.93 -21.55
CA LEU A 289 -7.85 13.39 -20.45
C LEU A 289 -7.39 11.97 -20.09
N ASN A 290 -7.12 11.13 -21.08
CA ASN A 290 -6.64 9.79 -20.79
C ASN A 290 -5.29 9.81 -20.08
N THR A 291 -4.35 10.64 -20.55
CA THR A 291 -3.04 10.69 -19.92
C THR A 291 -3.11 11.26 -18.50
N LEU A 292 -4.07 12.14 -18.22
CA LEU A 292 -4.23 12.63 -16.85
C LEU A 292 -4.55 11.48 -15.88
N VAL A 293 -5.55 10.66 -16.22
CA VAL A 293 -5.88 9.52 -15.37
C VAL A 293 -4.72 8.53 -15.27
N GLN A 294 -4.04 8.28 -16.41
CA GLN A 294 -2.88 7.40 -16.39
C GLN A 294 -1.80 7.89 -15.42
N ASN A 295 -1.52 9.20 -15.44
CA ASN A 295 -0.49 9.76 -14.57
C ASN A 295 -0.87 9.64 -13.10
N ILE A 296 -2.14 9.92 -12.76
CA ILE A 296 -2.58 9.75 -11.38
C ILE A 296 -2.33 8.32 -10.91
N GLY A 297 -2.73 7.34 -11.74
CA GLY A 297 -2.53 5.95 -11.36
C GLY A 297 -1.07 5.58 -11.18
N ASP A 298 -0.21 6.01 -12.11
CA ASP A 298 1.21 5.69 -12.01
C ASP A 298 1.85 6.28 -10.76
N TYR A 299 1.55 7.55 -10.46
CA TYR A 299 2.09 8.18 -9.26
C TYR A 299 1.67 7.45 -7.99
N LEU A 300 0.37 7.19 -7.84
CA LEU A 300 -0.08 6.53 -6.62
C LEU A 300 0.46 5.11 -6.52
N GLY A 301 0.66 4.43 -7.65
CA GLY A 301 1.22 3.10 -7.61
C GLY A 301 2.69 3.03 -7.22
N ALA A 302 3.49 4.02 -7.63
CA ALA A 302 4.92 3.98 -7.36
C ALA A 302 5.37 4.85 -6.19
N LEU A 303 4.45 5.54 -5.52
CA LEU A 303 4.85 6.40 -4.40
C LEU A 303 5.68 5.72 -3.31
N PRO A 304 5.28 4.56 -2.75
CA PRO A 304 6.00 4.06 -1.56
C PRO A 304 7.41 3.54 -1.83
N SER A 305 7.84 3.43 -3.08
CA SER A 305 9.17 2.95 -3.40
C SER A 305 10.07 4.00 -4.02
N LYS A 306 9.50 5.00 -4.69
CA LYS A 306 10.28 6.08 -5.27
C LYS A 306 10.75 7.10 -4.24
N SER A 307 10.34 6.95 -2.98
CA SER A 307 10.77 7.83 -1.91
C SER A 307 12.20 7.57 -1.46
N PHE A 308 12.76 6.40 -1.78
CA PHE A 308 14.12 6.07 -1.36
C PHE A 308 15.04 5.76 -2.52
N ASP A 309 14.67 6.11 -3.75
CA ASP A 309 15.46 5.74 -4.93
C ASP A 309 16.62 6.70 -5.11
N VAL A 310 17.84 6.18 -5.07
CA VAL A 310 19.05 6.96 -5.31
C VAL A 310 19.90 6.39 -6.43
N TYR A 311 19.41 5.39 -7.16
CA TYR A 311 20.09 4.80 -8.32
C TYR A 311 21.48 4.29 -7.94
N ALA A 312 21.51 3.47 -6.88
CA ALA A 312 22.76 3.08 -6.24
C ALA A 312 23.48 1.93 -6.95
N TYR A 313 22.76 1.11 -7.72
CA TYR A 313 23.38 0.01 -8.44
C TYR A 313 23.72 0.34 -9.88
N ASN A 314 23.49 1.58 -10.31
CA ASN A 314 23.83 2.02 -11.65
C ASN A 314 25.24 2.60 -11.68
N LYS A 315 25.63 3.12 -12.83
CA LYS A 315 26.93 3.74 -12.98
C LYS A 315 26.90 5.12 -12.36
N PRO A 316 27.95 5.53 -11.62
CA PRO A 316 27.87 6.78 -10.87
C PRO A 316 27.77 8.01 -11.78
N SER A 317 27.00 8.99 -11.32
CA SER A 317 26.81 10.24 -12.04
C SER A 317 26.47 11.33 -11.04
N ASP A 318 26.01 12.48 -11.54
CA ASP A 318 25.59 13.59 -10.70
C ASP A 318 24.19 14.07 -11.06
N TRP A 319 23.32 13.15 -11.50
CA TRP A 319 21.95 13.49 -11.83
C TRP A 319 21.16 13.94 -10.62
N LEU A 320 21.44 13.36 -9.45
CA LEU A 320 20.61 13.58 -8.27
C LEU A 320 20.80 14.98 -7.71
N GLY A 321 21.99 15.55 -7.83
CA GLY A 321 22.26 16.86 -7.29
C GLY A 321 21.66 18.01 -8.05
N GLY A 322 21.08 17.75 -9.21
CA GLY A 322 20.48 18.80 -10.00
C GLY A 322 18.97 18.69 -10.11
N TRP A 323 18.40 17.54 -9.74
CA TRP A 323 16.97 17.36 -9.87
C TRP A 323 16.24 17.09 -8.56
N THR A 324 16.55 16.03 -7.82
CA THR A 324 15.67 15.63 -6.72
C THR A 324 16.12 16.23 -5.38
N VAL A 325 17.43 16.19 -5.11
CA VAL A 325 17.95 16.76 -3.87
C VAL A 325 17.79 18.28 -3.90
N PHE A 326 17.95 18.90 -5.06
CA PHE A 326 17.64 20.32 -5.21
C PHE A 326 16.20 20.62 -4.84
N TYR A 327 15.26 19.79 -5.26
CA TYR A 327 13.86 20.04 -4.96
C TYR A 327 13.55 19.87 -3.47
N TRP A 328 14.11 18.88 -2.82
CA TRP A 328 13.94 18.72 -1.38
C TRP A 328 14.53 19.88 -0.61
N ALA A 329 15.68 20.40 -0.97
CA ALA A 329 16.26 21.58 -0.34
C ALA A 329 15.42 22.83 -0.59
N TRP A 330 14.86 22.97 -1.79
CA TRP A 330 14.06 24.14 -2.13
C TRP A 330 12.73 24.19 -1.37
N TRP A 331 12.03 23.06 -1.25
CA TRP A 331 10.81 23.06 -0.46
C TRP A 331 11.10 23.33 1.01
N ILE A 332 12.18 22.74 1.55
CA ILE A 332 12.55 23.02 2.94
C ILE A 332 12.86 24.49 3.13
N ALA A 333 13.53 25.13 2.17
CA ALA A 333 13.85 26.55 2.29
C ALA A 333 12.61 27.44 2.19
N TRP A 334 11.59 27.02 1.45
CA TRP A 334 10.36 27.80 1.38
C TRP A 334 9.41 27.55 2.56
N ALA A 335 9.61 26.48 3.32
CA ALA A 335 8.70 26.16 4.42
C ALA A 335 8.52 27.28 5.46
N PRO A 336 9.57 27.94 5.96
CA PRO A 336 9.35 28.94 7.02
C PRO A 336 8.44 30.08 6.63
N PHE A 337 8.46 30.51 5.38
CA PHE A 337 7.64 31.65 4.95
C PHE A 337 6.17 31.25 4.77
N VAL A 338 5.90 30.12 4.13
CA VAL A 338 4.52 29.73 3.89
C VAL A 338 3.85 29.20 5.16
N GLY A 339 4.61 28.55 6.04
CA GLY A 339 4.03 28.05 7.27
C GLY A 339 3.50 29.16 8.17
N LEU A 340 4.28 30.22 8.37
CA LEU A 340 3.83 31.31 9.21
C LEU A 340 2.72 32.13 8.55
N PHE A 341 2.62 32.06 7.22
CA PHE A 341 1.53 32.73 6.54
C PHE A 341 0.22 31.98 6.68
N ILE A 342 0.25 30.64 6.56
CA ILE A 342 -0.98 29.87 6.71
C ILE A 342 -1.40 29.69 8.17
N ALA A 343 -0.48 29.87 9.12
CA ALA A 343 -0.85 29.77 10.53
C ALA A 343 -1.69 30.96 11.01
N ARG A 344 -1.65 32.08 10.31
CA ARG A 344 -2.33 33.29 10.77
C ARG A 344 -3.80 33.32 10.39
N ILE A 345 -4.23 32.47 9.47
CA ILE A 345 -5.61 32.49 8.99
C ILE A 345 -6.30 31.17 9.29
N SER A 346 -5.83 30.43 10.29
CA SER A 346 -6.34 29.11 10.59
C SER A 346 -6.72 28.94 12.06
N ARG A 347 -6.97 30.05 12.76
CA ARG A 347 -7.39 29.95 14.16
C ARG A 347 -8.83 29.49 14.24
N GLY A 348 -9.08 28.51 15.11
CA GLY A 348 -10.42 27.98 15.31
C GLY A 348 -10.69 26.65 14.64
N ARG A 349 -9.79 26.18 13.79
CA ARG A 349 -10.00 24.94 13.05
C ARG A 349 -9.36 23.77 13.81
N THR A 350 -9.72 22.56 13.42
CA THR A 350 -9.15 21.35 13.99
C THR A 350 -7.95 20.91 13.16
N ILE A 351 -7.14 20.02 13.72
CA ILE A 351 -5.90 19.60 13.07
C ILE A 351 -6.21 18.81 11.79
N ARG A 352 -7.18 17.91 11.85
CA ARG A 352 -7.52 17.09 10.70
C ARG A 352 -8.02 17.92 9.52
N GLU A 353 -8.92 18.87 9.79
CA GLU A 353 -9.44 19.75 8.75
C GLU A 353 -8.36 20.60 8.11
N PHE A 354 -7.47 21.17 8.93
CA PHE A 354 -6.33 21.95 8.45
C PHE A 354 -5.40 21.13 7.56
N VAL A 355 -5.02 19.94 8.02
CA VAL A 355 -4.07 19.12 7.29
C VAL A 355 -4.67 18.66 5.96
N PHE A 356 -5.92 18.19 6.00
CA PHE A 356 -6.52 17.69 4.76
C PHE A 356 -6.96 18.80 3.82
N GLY A 357 -7.02 20.04 4.29
CA GLY A 357 -7.23 21.14 3.38
C GLY A 357 -5.94 21.54 2.70
N VAL A 358 -4.86 21.66 3.50
CA VAL A 358 -3.59 22.09 2.94
C VAL A 358 -3.01 21.04 2.00
N LEU A 359 -3.20 19.75 2.29
CA LEU A 359 -2.63 18.72 1.44
C LEU A 359 -3.37 18.54 0.12
N LEU A 360 -4.61 18.99 0.00
CA LEU A 360 -5.41 18.60 -1.16
C LEU A 360 -5.97 19.74 -1.97
N ILE A 361 -6.08 20.94 -1.42
CA ILE A 361 -6.66 22.03 -2.21
C ILE A 361 -5.66 22.63 -3.18
N PRO A 362 -4.43 22.99 -2.77
CA PRO A 362 -3.48 23.55 -3.73
C PRO A 362 -2.78 22.53 -4.61
N LEU A 363 -2.89 21.25 -4.29
CA LEU A 363 -2.22 20.19 -5.04
C LEU A 363 -2.95 19.81 -6.32
N GLY A 364 -4.29 19.85 -6.31
CA GLY A 364 -5.06 19.47 -7.48
C GLY A 364 -4.91 20.41 -8.66
N PHE A 365 -4.74 21.70 -8.42
CA PHE A 365 -4.48 22.64 -9.50
C PHE A 365 -3.09 22.48 -10.07
N THR A 366 -2.08 22.31 -9.19
CA THR A 366 -0.71 22.17 -9.63
C THR A 366 -0.50 20.91 -10.46
N LEU A 367 -1.03 19.78 -10.01
CA LEU A 367 -0.82 18.53 -10.75
C LEU A 367 -1.56 18.51 -12.07
N ALA A 368 -2.73 19.15 -12.15
CA ALA A 368 -3.44 19.28 -13.42
C ALA A 368 -2.71 20.17 -14.41
N TRP A 369 -2.22 21.32 -13.95
CA TRP A 369 -1.39 22.19 -14.78
C TRP A 369 -0.19 21.43 -15.34
N MET A 370 0.55 20.76 -14.46
CA MET A 370 1.76 20.06 -14.89
C MET A 370 1.44 18.97 -15.90
N SER A 371 0.41 18.17 -15.63
CA SER A 371 0.05 17.07 -16.52
C SER A 371 -0.31 17.59 -17.91
N ILE A 372 -1.25 18.54 -17.98
CA ILE A 372 -1.72 19.02 -19.28
C ILE A 372 -0.57 19.64 -20.07
N PHE A 373 0.19 20.55 -19.42
CA PHE A 373 1.23 21.26 -20.14
C PHE A 373 2.39 20.36 -20.55
N GLY A 374 2.73 19.33 -19.77
CA GLY A 374 3.81 18.45 -20.15
C GLY A 374 3.43 17.45 -21.22
N ASN A 375 2.20 16.94 -21.14
CA ASN A 375 1.76 15.97 -22.14
C ASN A 375 1.52 16.64 -23.49
N SER A 376 1.13 17.92 -23.49
CA SER A 376 0.96 18.63 -24.75
C SER A 376 2.26 18.71 -25.54
N ALA A 377 3.41 18.76 -24.87
CA ALA A 377 4.70 18.85 -25.53
C ALA A 377 5.29 17.47 -25.83
N ILE A 378 5.09 16.51 -24.94
CA ILE A 378 5.54 15.15 -25.24
C ILE A 378 4.82 14.62 -26.48
N ASP A 379 3.51 14.87 -26.59
CA ASP A 379 2.74 14.37 -27.72
C ASP A 379 3.24 14.96 -29.04
N GLN A 380 3.81 16.15 -29.00
CA GLN A 380 4.23 16.79 -30.25
C GLN A 380 5.69 16.51 -30.58
N VAL A 381 6.48 16.13 -29.58
CA VAL A 381 7.84 15.68 -29.89
C VAL A 381 7.84 14.24 -30.37
N LEU A 382 7.03 13.37 -29.77
CA LEU A 382 7.04 11.97 -30.20
C LEU A 382 6.25 11.73 -31.48
N ASN A 383 5.06 12.29 -31.60
CA ASN A 383 4.15 11.84 -32.66
C ASN A 383 4.15 12.74 -33.89
N HIS A 384 4.49 14.02 -33.73
CA HIS A 384 4.44 14.93 -34.87
C HIS A 384 5.80 15.27 -35.44
N GLY A 385 6.89 14.73 -34.89
CA GLY A 385 8.21 14.93 -35.44
C GLY A 385 8.72 16.36 -35.36
N MET A 386 8.71 16.95 -34.16
CA MET A 386 9.20 18.30 -33.94
C MET A 386 10.44 18.21 -33.04
N ALA A 387 11.61 18.07 -33.67
CA ALA A 387 12.83 17.82 -32.92
C ALA A 387 13.52 19.10 -32.46
N ALA A 388 13.27 20.21 -33.15
CA ALA A 388 13.84 21.48 -32.72
C ALA A 388 13.20 21.99 -31.43
N LEU A 389 12.03 21.47 -31.07
CA LEU A 389 11.44 21.82 -29.78
C LEU A 389 12.09 21.04 -28.64
N GLY A 390 12.46 19.78 -28.88
CA GLY A 390 13.13 18.99 -27.88
C GLY A 390 14.60 19.27 -27.73
N GLN A 391 15.24 19.75 -28.80
CA GLN A 391 16.64 20.15 -28.69
C GLN A 391 16.80 21.46 -27.94
N SER A 392 15.76 22.30 -27.93
CA SER A 392 15.77 23.57 -27.23
C SER A 392 15.71 23.42 -25.72
N ALA A 393 15.14 22.33 -25.22
CA ALA A 393 15.06 22.08 -23.79
C ALA A 393 16.41 21.76 -23.17
N ILE A 394 17.44 21.51 -23.98
CA ILE A 394 18.76 21.19 -23.49
C ILE A 394 19.70 22.40 -23.56
N ASP A 395 19.62 23.19 -24.63
CA ASP A 395 20.55 24.30 -24.81
C ASP A 395 19.97 25.63 -24.34
N ASP A 396 18.64 25.76 -24.29
CA ASP A 396 18.01 27.03 -23.90
C ASP A 396 16.65 26.75 -23.28
N PRO A 397 16.62 26.35 -22.00
CA PRO A 397 15.35 25.99 -21.37
C PRO A 397 14.39 27.15 -21.16
N SER A 398 14.77 28.37 -21.50
CA SER A 398 13.92 29.53 -21.27
C SER A 398 13.02 29.85 -22.46
N MET A 399 13.26 29.25 -23.62
CA MET A 399 12.51 29.54 -24.83
C MET A 399 11.58 28.42 -25.26
N THR A 400 11.50 27.34 -24.49
CA THR A 400 10.73 26.18 -24.94
C THR A 400 9.23 26.43 -24.89
N LEU A 401 8.76 27.15 -23.87
CA LEU A 401 7.33 27.41 -23.73
C LEU A 401 6.79 28.23 -24.89
N TYR A 402 7.56 29.21 -25.36
CA TYR A 402 7.10 30.03 -26.47
C TYR A 402 7.13 29.26 -27.78
N LEU A 403 8.12 28.38 -27.95
CA LEU A 403 8.16 27.51 -29.11
C LEU A 403 6.96 26.57 -29.15
N LEU A 404 6.48 26.12 -27.98
CA LEU A 404 5.26 25.32 -27.97
C LEU A 404 4.02 26.16 -28.21
N LEU A 405 3.95 27.36 -27.61
CA LEU A 405 2.76 28.19 -27.73
C LEU A 405 2.61 28.82 -29.12
N GLU A 406 3.66 28.86 -29.92
CA GLU A 406 3.52 29.45 -31.24
C GLU A 406 2.84 28.53 -32.26
N THR A 407 2.39 27.34 -31.85
CA THR A 407 1.67 26.43 -32.73
C THR A 407 0.17 26.41 -32.44
N TYR A 408 -0.37 27.50 -31.93
CA TYR A 408 -1.77 27.61 -31.54
C TYR A 408 -2.44 28.77 -32.29
N PRO A 409 -3.77 28.86 -32.26
CA PRO A 409 -4.44 29.99 -32.88
C PRO A 409 -4.21 31.29 -32.11
N TRP A 410 -4.02 32.38 -32.85
CA TRP A 410 -3.77 33.70 -32.26
C TRP A 410 -2.60 33.65 -31.28
N SER A 411 -1.42 33.33 -31.79
CA SER A 411 -0.28 33.02 -30.95
C SER A 411 0.33 34.25 -30.31
N LYS A 412 0.25 35.42 -30.95
CA LYS A 412 0.87 36.61 -30.41
C LYS A 412 0.02 37.33 -29.37
N THR A 413 -1.20 36.86 -29.12
CA THR A 413 -1.99 37.39 -28.03
C THR A 413 -1.89 36.54 -26.77
N VAL A 414 -1.80 35.22 -26.93
CA VAL A 414 -1.65 34.33 -25.79
C VAL A 414 -0.32 34.56 -25.09
N ILE A 415 0.73 34.87 -25.85
CA ILE A 415 2.05 35.08 -25.26
C ILE A 415 2.08 36.39 -24.47
N ALA A 416 1.46 37.43 -25.02
CA ALA A 416 1.37 38.71 -24.32
C ALA A 416 0.54 38.61 -23.05
N VAL A 417 -0.44 37.70 -23.02
CA VAL A 417 -1.18 37.47 -21.79
C VAL A 417 -0.37 36.67 -20.79
N THR A 418 0.38 35.67 -21.26
CA THR A 418 1.21 34.84 -20.38
C THR A 418 2.26 35.67 -19.66
N VAL A 419 2.92 36.59 -20.37
CA VAL A 419 3.94 37.43 -19.75
C VAL A 419 3.36 38.20 -18.56
N PHE A 420 2.21 38.84 -18.76
CA PHE A 420 1.56 39.61 -17.71
C PHE A 420 1.17 38.73 -16.54
N ILE A 421 0.57 37.57 -16.81
CA ILE A 421 0.15 36.68 -15.73
C ILE A 421 1.33 36.25 -14.88
N SER A 422 2.43 35.89 -15.53
CA SER A 422 3.63 35.49 -14.84
C SER A 422 4.23 36.62 -13.99
N PHE A 423 4.27 37.85 -14.47
CA PHE A 423 4.74 38.99 -13.68
C PHE A 423 3.86 39.21 -12.45
N VAL A 424 2.54 39.09 -12.60
CA VAL A 424 1.65 39.33 -11.46
C VAL A 424 1.79 38.22 -10.42
N PHE A 425 1.99 36.98 -10.87
CA PHE A 425 2.26 35.89 -9.92
C PHE A 425 3.48 36.19 -9.06
N PHE A 426 4.58 36.60 -9.68
CA PHE A 426 5.77 36.89 -8.88
C PHE A 426 5.53 38.03 -7.90
N VAL A 427 4.83 39.08 -8.34
CA VAL A 427 4.63 40.24 -7.45
C VAL A 427 3.81 39.84 -6.23
N THR A 428 2.72 39.09 -6.43
CA THR A 428 1.89 38.70 -5.29
C THR A 428 2.54 37.65 -4.41
N SER A 429 3.62 37.01 -4.85
CA SER A 429 4.37 36.15 -3.94
C SER A 429 5.47 36.87 -3.18
N ALA A 430 6.25 37.74 -3.83
CA ALA A 430 7.28 38.50 -3.15
C ALA A 430 6.72 39.51 -2.14
N ASP A 431 5.56 40.11 -2.44
CA ASP A 431 4.96 41.07 -1.52
C ASP A 431 4.67 40.43 -0.17
N SER A 432 4.17 39.20 -0.16
CA SER A 432 3.90 38.51 1.08
C SER A 432 5.16 37.97 1.75
N GLY A 433 6.23 37.72 0.98
CA GLY A 433 7.47 37.28 1.58
C GLY A 433 8.15 38.32 2.45
N THR A 434 8.16 39.57 1.99
CA THR A 434 8.85 40.62 2.74
C THR A 434 8.20 40.92 4.07
N VAL A 435 6.86 40.81 4.15
CA VAL A 435 6.16 41.07 5.40
C VAL A 435 6.51 40.02 6.45
N VAL A 436 6.48 38.74 6.05
CA VAL A 436 6.85 37.67 6.97
C VAL A 436 8.32 37.78 7.37
N LEU A 437 9.19 38.19 6.44
CA LEU A 437 10.59 38.39 6.81
C LEU A 437 10.77 39.48 7.85
N SER A 438 10.03 40.59 7.72
CA SER A 438 10.09 41.63 8.73
C SER A 438 9.48 41.21 10.06
N THR A 439 8.54 40.26 10.04
CA THR A 439 7.97 39.74 11.28
C THR A 439 8.88 38.77 12.01
N LEU A 440 9.61 37.93 11.28
CA LEU A 440 10.52 36.97 11.91
C LEU A 440 11.69 37.63 12.64
N SER A 441 11.93 38.91 12.42
CA SER A 441 13.05 39.60 13.06
C SER A 441 12.59 40.76 13.95
N ALA A 442 11.35 40.72 14.42
CA ALA A 442 10.82 41.74 15.31
C ALA A 442 10.45 41.14 16.66
N LYS A 443 10.05 42.00 17.59
CA LYS A 443 9.77 41.57 18.95
C LYS A 443 8.95 42.65 19.66
N GLY A 444 7.81 42.25 20.22
CA GLY A 444 6.99 43.14 21.01
C GLY A 444 5.62 43.35 20.38
N GLY A 445 4.87 44.28 20.98
CA GLY A 445 3.58 44.68 20.46
C GLY A 445 2.50 43.62 20.60
N ASN A 446 1.46 43.72 19.73
CA ASN A 446 0.38 42.77 19.70
C ASN A 446 0.79 41.53 18.93
N PRO A 447 0.36 40.34 19.35
CA PRO A 447 0.61 39.11 18.58
C PRO A 447 -0.42 38.86 17.48
N ASP A 448 -0.75 39.92 16.73
CA ASP A 448 -1.47 39.77 15.48
C ASP A 448 -1.03 40.76 14.42
N GLU A 449 -0.03 41.61 14.70
CA GLU A 449 0.43 42.61 13.76
C GLU A 449 1.82 42.26 13.27
N ASP A 450 2.26 42.97 12.23
CA ASP A 450 3.51 42.69 11.56
C ASP A 450 4.61 43.64 12.04
N GLY A 451 5.84 43.36 11.62
CA GLY A 451 6.99 44.11 12.07
C GLY A 451 7.05 45.50 11.47
N PRO A 452 8.09 46.25 11.84
CA PRO A 452 8.25 47.61 11.29
C PRO A 452 8.41 47.60 9.78
N LYS A 453 8.27 48.78 9.19
CA LYS A 453 8.22 48.95 7.74
C LYS A 453 9.58 49.23 7.12
N TRP A 454 10.61 49.53 7.90
CA TRP A 454 11.93 49.74 7.34
C TRP A 454 12.70 48.44 7.16
N LEU A 455 12.17 47.32 7.64
CA LEU A 455 12.81 46.02 7.46
C LEU A 455 12.38 45.33 6.18
N ARG A 456 11.19 45.64 5.66
CA ARG A 456 10.77 45.11 4.38
C ARG A 456 11.68 45.59 3.25
N VAL A 457 11.99 46.89 3.23
CA VAL A 457 12.93 47.41 2.25
C VAL A 457 14.29 46.73 2.38
N PHE A 458 14.78 46.56 3.60
CA PHE A 458 16.08 45.96 3.82
C PHE A 458 16.13 44.52 3.29
N TRP A 459 15.15 43.71 3.67
CA TRP A 459 15.15 42.32 3.25
C TRP A 459 14.76 42.13 1.79
N GLY A 460 14.25 43.18 1.12
CA GLY A 460 14.09 43.11 -0.31
C GLY A 460 15.36 43.45 -1.07
N VAL A 461 16.05 44.50 -0.65
CA VAL A 461 17.31 44.86 -1.27
C VAL A 461 18.35 43.76 -1.07
N ALA A 462 18.32 43.07 0.07
CA ALA A 462 19.24 41.96 0.29
C ALA A 462 19.02 40.82 -0.71
N THR A 463 17.76 40.45 -0.96
CA THR A 463 17.46 39.43 -1.95
C THR A 463 17.88 39.85 -3.35
N ALA A 464 17.64 41.11 -3.70
CA ALA A 464 18.10 41.61 -5.00
C ALA A 464 19.60 41.46 -5.14
N LEU A 465 20.36 41.81 -4.10
CA LEU A 465 21.81 41.69 -4.16
C LEU A 465 22.26 40.25 -4.33
N ILE A 466 21.64 39.32 -3.59
CA ILE A 466 22.01 37.91 -3.68
C ILE A 466 21.75 37.37 -5.08
N THR A 467 20.57 37.69 -5.64
CA THR A 467 20.23 37.22 -6.98
C THR A 467 21.19 37.78 -8.02
N SER A 468 21.47 39.08 -7.96
CA SER A 468 22.42 39.68 -8.89
C SER A 468 23.78 39.00 -8.81
N GLY A 469 24.25 38.68 -7.60
CA GLY A 469 25.52 38.03 -7.47
C GLY A 469 25.55 36.62 -8.02
N LEU A 470 24.51 35.83 -7.73
CA LEU A 470 24.49 34.43 -8.17
C LEU A 470 24.22 34.26 -9.65
N LEU A 471 23.59 35.13 -10.38
CA LEU A 471 23.38 34.91 -11.80
C LEU A 471 24.57 35.22 -12.65
N PHE A 472 25.34 36.24 -12.31
CA PHE A 472 26.51 36.63 -13.07
C PHE A 472 27.77 35.79 -12.83
N SER A 473 27.64 34.64 -12.18
CA SER A 473 28.77 33.79 -11.87
C SER A 473 28.61 32.35 -12.34
N GLY A 474 27.40 31.84 -12.50
CA GLY A 474 27.21 30.50 -13.01
C GLY A 474 25.85 30.21 -13.56
N SER A 475 25.02 31.22 -13.71
CA SER A 475 23.64 31.05 -14.15
C SER A 475 22.84 30.04 -13.37
N ILE A 476 22.22 29.09 -14.05
CA ILE A 476 21.35 28.13 -13.41
C ILE A 476 22.01 27.12 -12.50
N ASP A 477 23.28 26.81 -12.65
CA ASP A 477 23.82 25.82 -11.73
C ASP A 477 24.31 26.41 -10.42
N ALA A 478 24.41 27.74 -10.31
CA ALA A 478 24.85 28.35 -9.06
C ALA A 478 23.69 28.50 -8.08
N LEU A 479 22.50 28.82 -8.57
CA LEU A 479 21.32 28.90 -7.71
C LEU A 479 21.03 27.56 -7.05
N LYS A 480 21.05 26.48 -7.85
CA LYS A 480 20.79 25.14 -7.35
C LYS A 480 21.84 24.70 -6.33
N SER A 481 23.07 25.21 -6.44
CA SER A 481 24.10 24.84 -5.48
C SER A 481 23.96 25.62 -4.18
N ALA A 482 23.68 26.91 -4.27
CA ALA A 482 23.54 27.72 -3.07
C ALA A 482 22.38 27.25 -2.22
N VAL A 483 21.25 26.90 -2.84
CA VAL A 483 20.10 26.43 -2.06
C VAL A 483 20.44 25.14 -1.31
N VAL A 484 21.06 24.18 -2.01
CA VAL A 484 21.37 22.89 -1.41
C VAL A 484 22.38 23.05 -0.28
N LEU A 485 23.31 24.01 -0.41
CA LEU A 485 24.28 24.22 0.65
C LEU A 485 23.67 24.91 1.86
N THR A 486 22.76 25.87 1.65
CA THR A 486 22.26 26.66 2.77
C THR A 486 21.04 26.07 3.45
N SER A 487 20.42 25.03 2.90
CA SER A 487 19.28 24.43 3.60
C SER A 487 19.67 23.29 4.55
N LEU A 488 20.96 23.11 4.83
CA LEU A 488 21.38 21.98 5.68
C LEU A 488 21.14 22.17 7.18
N PRO A 489 21.46 23.32 7.78
CA PRO A 489 21.28 23.44 9.24
C PRO A 489 19.82 23.58 9.69
N PHE A 490 18.86 23.74 8.78
CA PHE A 490 17.47 23.92 9.20
C PHE A 490 16.70 22.61 9.30
N SER A 491 17.17 21.56 8.61
CA SER A 491 16.54 20.25 8.70
C SER A 491 16.65 19.67 10.10
N LEU A 492 17.80 19.86 10.76
CA LEU A 492 17.96 19.39 12.13
C LEU A 492 17.07 20.14 13.11
N ILE A 493 16.92 21.45 12.90
CA ILE A 493 15.97 22.22 13.70
C ILE A 493 14.56 21.71 13.51
N LEU A 494 14.19 21.33 12.29
CA LEU A 494 12.86 20.75 12.07
C LEU A 494 12.68 19.45 12.84
N LEU A 495 13.74 18.63 12.90
CA LEU A 495 13.66 17.40 13.70
C LEU A 495 13.46 17.70 15.19
N LEU A 496 14.17 18.71 15.69
CA LEU A 496 13.99 19.11 17.09
C LEU A 496 12.57 19.58 17.35
N MET A 497 12.00 20.35 16.42
CA MET A 497 10.62 20.81 16.57
C MET A 497 9.64 19.66 16.58
N MET A 498 9.89 18.64 15.75
CA MET A 498 9.06 17.43 15.77
C MET A 498 9.10 16.75 17.13
N TRP A 499 10.30 16.65 17.72
CA TRP A 499 10.44 16.08 19.06
C TRP A 499 9.62 16.87 20.08
N GLY A 500 9.72 18.19 20.05
CA GLY A 500 8.97 19.02 20.99
C GLY A 500 7.46 18.87 20.85
N LEU A 501 6.97 18.80 19.61
CA LEU A 501 5.53 18.62 19.40
C LEU A 501 5.06 17.26 19.93
N HIS A 502 5.84 16.20 19.67
CA HIS A 502 5.48 14.90 20.21
C HIS A 502 5.45 14.92 21.74
N LYS A 503 6.39 15.63 22.35
CA LYS A 503 6.41 15.72 23.82
C LYS A 503 5.23 16.51 24.36
N ALA A 504 4.67 17.45 23.59
CA ALA A 504 3.49 18.16 24.05
C ALA A 504 2.21 17.34 23.90
N PHE A 505 2.14 16.49 22.87
CA PHE A 505 0.93 15.70 22.65
C PHE A 505 0.65 14.73 23.80
N VAL A 506 1.69 14.20 24.46
CA VAL A 506 1.44 13.22 25.52
C VAL A 506 0.86 13.88 26.76
N MET A 507 1.29 15.10 27.08
CA MET A 507 0.65 15.86 28.14
C MET A 507 -0.77 16.28 27.78
N GLU A 508 -1.07 16.44 26.49
CA GLU A 508 -2.47 16.56 26.07
C GLU A 508 -3.28 15.30 26.39
N SER A 509 -2.83 14.12 26.04
CA SER A 509 -3.56 12.86 26.27
C SER A 509 -3.90 12.55 27.72
N GLN A 510 -2.97 12.77 28.64
CA GLN A 510 -3.25 12.58 30.04
C GLN A 510 -4.32 13.56 30.50
N ARG A 511 -4.05 14.84 30.42
CA ARG A 511 -5.00 15.86 30.87
C ARG A 511 -6.39 15.68 30.33
N GLN A 512 -6.56 14.98 29.23
CA GLN A 512 -7.96 14.79 28.84
C GLN A 512 -8.63 13.67 29.61
N ILE A 513 -7.86 12.80 30.28
CA ILE A 513 -8.43 11.71 31.07
C ILE A 513 -8.14 11.82 32.55
N ALA A 514 -7.28 12.75 32.96
CA ALA A 514 -6.99 12.93 34.38
C ALA A 514 -7.40 14.32 34.85
N GLY B 13 -53.15 3.14 1.19
CA GLY B 13 -54.01 1.97 1.27
C GLY B 13 -53.35 0.72 0.74
N THR B 14 -53.89 0.17 -0.34
CA THR B 14 -53.32 -1.01 -0.98
C THR B 14 -52.17 -0.61 -1.91
N VAL B 15 -51.40 -1.60 -2.32
CA VAL B 15 -50.36 -1.36 -3.32
C VAL B 15 -51.02 -1.10 -4.67
N ARG B 16 -50.31 -0.39 -5.54
CA ARG B 16 -50.80 -0.06 -6.86
C ARG B 16 -49.63 0.35 -7.74
N MET B 17 -49.95 0.82 -8.93
CA MET B 17 -48.96 1.27 -9.89
C MET B 17 -48.63 2.75 -9.67
N ASN B 18 -47.36 3.08 -9.83
CA ASN B 18 -46.85 4.45 -9.76
C ASN B 18 -46.75 4.95 -11.20
N ALA B 19 -47.85 5.48 -11.72
CA ALA B 19 -47.97 5.75 -13.15
C ALA B 19 -46.87 6.66 -13.71
N PRO B 20 -46.48 7.76 -13.06
CA PRO B 20 -45.41 8.60 -13.64
C PRO B 20 -44.11 7.86 -13.86
N VAL B 21 -43.80 6.83 -13.08
CA VAL B 21 -42.59 6.04 -13.26
C VAL B 21 -42.80 4.94 -14.30
N PHE B 22 -43.93 4.24 -14.22
CA PHE B 22 -44.23 3.16 -15.15
C PHE B 22 -44.25 3.67 -16.58
N TYR B 23 -44.99 4.75 -16.86
CA TYR B 23 -45.10 5.21 -18.23
C TYR B 23 -43.78 5.71 -18.79
N PHE B 24 -43.02 6.45 -17.99
CA PHE B 24 -41.69 6.89 -18.41
C PHE B 24 -40.78 5.72 -18.72
N ALA B 25 -40.74 4.70 -17.86
CA ALA B 25 -39.79 3.60 -18.07
C ALA B 25 -40.25 2.67 -19.18
N ALA B 26 -41.56 2.54 -19.40
CA ALA B 26 -42.09 1.60 -20.39
C ALA B 26 -42.20 2.19 -21.79
N SER B 27 -42.15 3.51 -21.94
CA SER B 27 -42.20 4.08 -23.28
C SER B 27 -40.84 4.10 -23.95
N PHE B 28 -39.76 4.12 -23.18
CA PHE B 28 -38.41 3.99 -23.72
C PHE B 28 -38.11 2.57 -24.20
N ILE B 29 -38.41 1.58 -23.36
CA ILE B 29 -38.05 0.20 -23.68
C ILE B 29 -38.82 -0.29 -24.90
N LEU B 30 -40.13 -0.04 -24.93
CA LEU B 30 -40.95 -0.56 -26.02
C LEU B 30 -40.65 0.14 -27.35
N ILE B 31 -40.16 1.38 -27.30
CA ILE B 31 -39.81 2.08 -28.52
C ILE B 31 -38.42 1.65 -29.00
N PHE B 32 -37.49 1.42 -28.07
CA PHE B 32 -36.18 0.90 -28.46
C PHE B 32 -36.27 -0.50 -29.03
N GLY B 33 -37.12 -1.36 -28.47
CA GLY B 33 -37.19 -2.74 -28.88
C GLY B 33 -37.80 -3.02 -30.23
N ILE B 34 -38.60 -2.11 -30.79
CA ILE B 34 -39.22 -2.30 -32.08
C ILE B 34 -38.31 -1.82 -33.21
N ILE B 35 -37.56 -0.75 -32.99
CA ILE B 35 -36.65 -0.24 -34.00
C ILE B 35 -35.56 -1.27 -34.32
N VAL B 36 -35.13 -2.03 -33.31
CA VAL B 36 -34.05 -2.99 -33.52
C VAL B 36 -34.58 -4.25 -34.20
N ILE B 37 -35.86 -4.57 -33.99
CA ILE B 37 -36.42 -5.78 -34.58
C ILE B 37 -36.85 -5.51 -36.03
N ALA B 38 -37.29 -4.28 -36.31
CA ALA B 38 -37.75 -3.98 -37.66
C ALA B 38 -36.59 -3.67 -38.61
N PHE B 39 -35.45 -3.23 -38.07
CA PHE B 39 -34.27 -2.87 -38.86
C PHE B 39 -33.04 -3.52 -38.25
N PRO B 40 -32.81 -4.80 -38.52
CA PRO B 40 -31.67 -5.48 -37.90
C PRO B 40 -30.33 -5.11 -38.53
N GLN B 41 -30.29 -4.81 -39.83
CA GLN B 41 -29.03 -4.50 -40.50
C GLN B 41 -28.55 -3.08 -40.24
N ALA B 42 -29.46 -2.11 -40.11
CA ALA B 42 -29.05 -0.74 -39.84
C ALA B 42 -28.69 -0.54 -38.37
N SER B 43 -29.22 -1.38 -37.48
CA SER B 43 -28.97 -1.26 -36.05
C SER B 43 -27.65 -1.87 -35.62
N GLY B 44 -27.17 -2.88 -36.33
CA GLY B 44 -25.90 -3.49 -35.98
C GLY B 44 -24.70 -2.65 -36.34
N ALA B 45 -24.85 -1.75 -37.30
CA ALA B 45 -23.79 -0.83 -37.69
C ALA B 45 -23.67 0.34 -36.73
N TRP B 46 -24.78 0.92 -36.34
CA TRP B 46 -24.76 2.01 -35.42
C TRP B 46 -24.32 1.61 -34.03
N LEU B 47 -24.72 0.44 -33.55
CA LEU B 47 -24.26 -0.04 -32.26
C LEU B 47 -22.77 -0.37 -32.28
N LEU B 48 -22.25 -0.77 -33.45
CA LEU B 48 -20.82 -1.03 -33.57
C LEU B 48 -20.02 0.26 -33.67
N ALA B 49 -20.61 1.30 -34.26
CA ALA B 49 -19.95 2.60 -34.30
C ALA B 49 -19.92 3.26 -32.94
N ALA B 50 -20.99 3.14 -32.15
CA ALA B 50 -21.03 3.73 -30.83
C ALA B 50 -20.08 3.06 -29.84
N GLN B 51 -19.77 1.79 -30.03
CA GLN B 51 -18.88 1.08 -29.11
C GLN B 51 -17.45 1.58 -29.20
N ASN B 52 -17.00 1.97 -30.39
CA ASN B 52 -15.66 2.53 -30.53
C ASN B 52 -15.60 3.99 -30.12
N TRP B 53 -16.70 4.72 -30.27
CA TRP B 53 -16.74 6.10 -29.78
C TRP B 53 -16.64 6.15 -28.26
N ALA B 54 -17.38 5.28 -27.57
CA ALA B 54 -17.43 5.33 -26.12
C ALA B 54 -16.07 5.01 -25.49
N ALA B 55 -15.40 3.97 -26.01
CA ALA B 55 -14.12 3.54 -25.45
C ALA B 55 -13.09 4.67 -25.43
N ASN B 56 -13.16 5.59 -26.40
CA ASN B 56 -12.22 6.69 -26.46
C ASN B 56 -12.73 7.97 -25.81
N THR B 57 -14.04 8.16 -25.73
CA THR B 57 -14.54 9.44 -25.22
C THR B 57 -14.90 9.39 -23.73
N VAL B 58 -15.48 8.29 -23.25
CA VAL B 58 -15.92 8.24 -21.87
C VAL B 58 -15.27 7.08 -21.11
N GLY B 59 -14.08 6.66 -21.56
CA GLY B 59 -13.39 5.57 -20.90
C GLY B 59 -12.77 5.96 -19.56
N TRP B 60 -12.16 7.15 -19.50
CA TRP B 60 -11.58 7.66 -18.27
C TRP B 60 -12.63 7.95 -17.19
N TYR B 61 -13.84 8.30 -17.59
CA TYR B 61 -14.89 8.66 -16.63
C TYR B 61 -15.33 7.45 -15.82
N TYR B 62 -15.48 6.29 -16.48
CA TYR B 62 -15.87 5.07 -15.79
C TYR B 62 -14.79 4.62 -14.81
N MET B 63 -13.53 4.64 -15.25
CA MET B 63 -12.43 4.28 -14.36
C MET B 63 -12.33 5.24 -13.19
N MET B 64 -12.68 6.51 -13.39
CA MET B 64 -12.61 7.46 -12.29
C MET B 64 -13.74 7.23 -11.29
N VAL B 65 -14.95 6.94 -11.75
CA VAL B 65 -16.07 6.82 -10.82
C VAL B 65 -16.18 5.46 -10.14
N MET B 66 -15.64 4.39 -10.74
CA MET B 66 -15.77 3.09 -10.08
C MET B 66 -14.90 2.98 -8.83
N THR B 67 -13.85 3.77 -8.72
CA THR B 67 -12.97 3.70 -7.55
C THR B 67 -13.52 4.51 -6.37
N LEU B 68 -14.31 5.55 -6.66
CA LEU B 68 -14.92 6.36 -5.61
C LEU B 68 -15.84 5.54 -4.74
N TYR B 69 -16.68 4.69 -5.35
CA TYR B 69 -17.62 3.88 -4.56
C TYR B 69 -16.87 2.97 -3.60
N LEU B 70 -15.83 2.30 -4.08
CA LEU B 70 -15.07 1.37 -3.24
C LEU B 70 -14.36 2.09 -2.11
N VAL B 71 -13.71 3.22 -2.41
CA VAL B 71 -13.00 3.97 -1.37
C VAL B 71 -13.99 4.48 -0.32
N PHE B 72 -15.15 4.96 -0.77
CA PHE B 72 -16.18 5.45 0.16
C PHE B 72 -16.64 4.34 1.10
N VAL B 73 -17.03 3.19 0.55
CA VAL B 73 -17.57 2.14 1.41
C VAL B 73 -16.50 1.54 2.32
N VAL B 74 -15.23 1.57 1.93
CA VAL B 74 -14.21 1.02 2.82
C VAL B 74 -13.89 2.01 3.94
N VAL B 75 -13.74 3.29 3.62
CA VAL B 75 -13.44 4.28 4.64
C VAL B 75 -14.60 4.42 5.63
N THR B 76 -15.83 4.29 5.15
CA THR B 76 -16.98 4.37 6.06
C THR B 76 -16.97 3.23 7.07
N ALA B 77 -16.69 2.02 6.64
CA ALA B 77 -16.71 0.86 7.53
C ALA B 77 -15.51 0.82 8.47
N LEU B 78 -14.37 1.38 8.10
CA LEU B 78 -13.21 1.41 8.98
C LEU B 78 -13.25 2.53 10.02
N SER B 79 -14.13 3.52 9.86
CA SER B 79 -14.18 4.66 10.76
C SER B 79 -15.16 4.39 11.91
N GLY B 80 -15.49 5.42 12.66
CA GLY B 80 -16.40 5.30 13.79
C GLY B 80 -17.86 5.19 13.40
N PHE B 81 -18.20 5.46 12.14
CA PHE B 81 -19.56 5.28 11.65
C PHE B 81 -19.92 3.81 11.46
N GLY B 82 -18.94 2.90 11.46
CA GLY B 82 -19.22 1.50 11.37
C GLY B 82 -19.89 0.89 12.58
N LYS B 83 -20.16 1.70 13.60
CA LYS B 83 -20.84 1.26 14.81
C LYS B 83 -22.35 1.47 14.75
N ILE B 84 -22.84 2.20 13.75
CA ILE B 84 -24.26 2.54 13.67
C ILE B 84 -25.05 1.31 13.28
N LYS B 85 -26.16 1.06 13.96
CA LYS B 85 -27.05 -0.03 13.61
C LYS B 85 -27.90 0.32 12.41
N LEU B 86 -28.28 -0.71 11.65
CA LEU B 86 -29.15 -0.52 10.49
C LEU B 86 -30.62 -0.65 10.85
N GLY B 87 -31.01 -0.31 12.07
CA GLY B 87 -32.40 -0.23 12.47
C GLY B 87 -32.53 0.70 13.65
N ALA B 88 -33.31 0.31 14.66
CA ALA B 88 -33.24 0.97 15.95
C ALA B 88 -32.13 0.35 16.78
N ASP B 89 -31.66 1.09 17.78
CA ASP B 89 -30.47 0.66 18.53
C ASP B 89 -30.73 -0.53 19.43
N HIS B 90 -31.96 -1.04 19.49
CA HIS B 90 -32.25 -2.17 20.39
C HIS B 90 -32.97 -3.33 19.72
N ASP B 91 -33.04 -3.41 18.40
CA ASP B 91 -33.61 -4.58 17.74
C ASP B 91 -32.52 -5.51 17.25
N GLU B 92 -32.87 -6.78 17.02
CA GLU B 92 -31.95 -7.85 16.67
C GLU B 92 -32.19 -8.36 15.25
N PRO B 93 -31.17 -8.96 14.63
CA PRO B 93 -31.34 -9.57 13.31
C PRO B 93 -32.42 -10.64 13.28
N GLU B 94 -32.86 -10.99 12.07
CA GLU B 94 -33.96 -11.92 11.87
C GLU B 94 -33.55 -13.18 11.13
N PHE B 95 -32.25 -13.39 10.93
CA PHE B 95 -31.83 -14.53 10.14
C PHE B 95 -30.62 -15.19 10.72
N SER B 96 -30.33 -16.41 10.30
CA SER B 96 -29.25 -17.20 10.90
C SER B 96 -27.85 -17.00 10.39
N TYR B 97 -27.61 -15.94 9.65
CA TYR B 97 -26.30 -15.72 9.06
C TYR B 97 -26.08 -16.77 8.01
N LEU B 98 -26.35 -18.03 8.36
CA LEU B 98 -26.23 -19.11 7.41
C LEU B 98 -27.25 -18.90 6.33
N SER B 99 -28.42 -18.45 6.72
CA SER B 99 -29.48 -18.22 5.76
C SER B 99 -29.31 -16.84 5.15
N TRP B 100 -28.48 -16.01 5.76
CA TRP B 100 -28.18 -14.69 5.23
C TRP B 100 -27.08 -14.87 4.20
N ALA B 101 -26.05 -15.62 4.58
CA ALA B 101 -24.93 -15.84 3.68
C ALA B 101 -25.36 -16.52 2.39
N GLY B 102 -26.25 -17.51 2.50
CA GLY B 102 -26.68 -18.28 1.34
C GLY B 102 -27.61 -17.54 0.40
N MET B 103 -28.29 -16.50 0.88
CA MET B 103 -29.20 -15.74 0.04
C MET B 103 -28.49 -14.70 -0.81
N LEU B 104 -27.22 -14.41 -0.53
CA LEU B 104 -26.42 -13.55 -1.38
C LEU B 104 -25.94 -14.26 -2.63
N PHE B 105 -25.63 -15.56 -2.53
CA PHE B 105 -25.23 -16.35 -3.70
C PHE B 105 -26.34 -16.42 -4.73
N ALA B 106 -27.54 -16.82 -4.31
CA ALA B 106 -28.65 -17.02 -5.23
C ALA B 106 -28.94 -15.80 -6.09
N ALA B 107 -28.77 -14.60 -5.53
CA ALA B 107 -29.06 -13.38 -6.27
C ALA B 107 -27.84 -12.83 -7.00
N GLY B 108 -26.64 -13.03 -6.45
CA GLY B 108 -25.47 -12.42 -7.04
C GLY B 108 -24.96 -13.09 -8.30
N ILE B 109 -24.77 -14.42 -8.24
CA ILE B 109 -24.15 -15.14 -9.35
C ILE B 109 -25.22 -15.71 -10.25
N SER B 110 -24.87 -15.89 -11.52
CA SER B 110 -25.83 -16.30 -12.55
C SER B 110 -25.12 -17.24 -13.53
N ILE B 111 -25.77 -17.46 -14.68
CA ILE B 111 -25.28 -18.39 -15.69
C ILE B 111 -24.05 -17.90 -16.43
N THR B 112 -23.73 -16.61 -16.35
CA THR B 112 -22.59 -16.07 -17.07
C THR B 112 -21.25 -16.43 -16.43
N LEU B 113 -21.26 -17.13 -15.30
CA LEU B 113 -20.03 -17.63 -14.70
C LEU B 113 -19.47 -18.80 -15.50
N PHE B 114 -20.32 -19.49 -16.25
CA PHE B 114 -19.90 -20.60 -17.12
C PHE B 114 -19.42 -20.14 -18.48
N PHE B 115 -19.82 -18.95 -18.93
CA PHE B 115 -19.47 -18.46 -20.26
C PHE B 115 -18.08 -17.83 -20.31
N PHE B 116 -17.60 -17.28 -19.20
CA PHE B 116 -16.35 -16.53 -19.19
C PHE B 116 -15.23 -17.25 -18.44
N CYS B 117 -15.51 -18.42 -17.84
CA CYS B 117 -14.55 -19.02 -16.92
C CYS B 117 -13.34 -19.61 -17.64
N VAL B 118 -13.50 -20.05 -18.87
CA VAL B 118 -12.44 -20.70 -19.62
C VAL B 118 -12.03 -19.90 -20.85
N SER B 119 -12.99 -19.26 -21.54
CA SER B 119 -12.67 -18.64 -22.82
C SER B 119 -12.05 -17.25 -22.65
N GLU B 120 -12.24 -16.60 -21.51
CA GLU B 120 -11.68 -15.26 -21.35
C GLU B 120 -10.19 -15.29 -21.01
N PRO B 121 -9.70 -16.14 -20.10
CA PRO B 121 -8.25 -16.20 -19.89
C PRO B 121 -7.48 -16.73 -21.08
N LEU B 122 -8.08 -17.56 -21.94
CA LEU B 122 -7.41 -18.03 -23.13
C LEU B 122 -7.33 -16.98 -24.23
N THR B 123 -8.16 -15.93 -24.14
CA THR B 123 -8.12 -14.82 -25.07
C THR B 123 -7.05 -13.80 -24.71
N HIS B 124 -6.87 -13.54 -23.42
CA HIS B 124 -5.83 -12.63 -22.95
C HIS B 124 -4.43 -13.22 -23.07
N LEU B 125 -4.31 -14.53 -23.30
CA LEU B 125 -3.01 -15.16 -23.48
C LEU B 125 -2.53 -15.05 -24.92
N LEU B 126 -3.43 -15.23 -25.88
CA LEU B 126 -3.07 -15.17 -27.29
C LEU B 126 -3.18 -13.78 -27.89
N GLN B 127 -3.88 -12.86 -27.24
CA GLN B 127 -4.02 -11.47 -27.72
C GLN B 127 -3.99 -10.53 -26.53
N PRO B 128 -2.81 -10.33 -25.92
CA PRO B 128 -2.73 -9.46 -24.74
C PRO B 128 -2.94 -8.01 -25.10
N PRO B 129 -3.39 -7.18 -24.15
CA PRO B 129 -3.50 -5.74 -24.43
C PRO B 129 -2.15 -5.05 -24.59
N GLN B 130 -1.07 -5.62 -24.07
CA GLN B 130 0.27 -5.07 -24.26
C GLN B 130 1.26 -6.20 -24.09
N GLY B 131 2.21 -6.31 -25.01
CA GLY B 131 3.24 -7.33 -24.94
C GLY B 131 3.13 -8.30 -26.09
N GLU B 132 3.77 -9.45 -25.93
CA GLU B 132 3.79 -10.49 -26.95
C GLU B 132 3.12 -11.74 -26.39
N GLY B 133 2.34 -12.42 -27.22
CA GLY B 133 1.45 -13.46 -26.76
C GLY B 133 2.03 -14.85 -26.81
N GLY B 134 1.43 -15.75 -26.02
CA GLY B 134 1.80 -17.14 -25.98
C GLY B 134 2.91 -17.49 -25.01
N THR B 135 3.40 -16.53 -24.24
CA THR B 135 4.51 -16.76 -23.34
C THR B 135 4.02 -16.84 -21.88
N ALA B 136 4.97 -16.79 -20.95
CA ALA B 136 4.67 -17.03 -19.54
C ALA B 136 4.32 -15.77 -18.76
N GLU B 137 4.57 -14.58 -19.32
CA GLU B 137 4.04 -13.37 -18.69
C GLU B 137 2.65 -13.03 -19.22
N ALA B 138 2.31 -13.48 -20.43
CA ALA B 138 0.94 -13.31 -20.92
C ALA B 138 -0.05 -14.05 -20.03
N ALA B 139 0.32 -15.24 -19.55
CA ALA B 139 -0.57 -16.00 -18.68
C ALA B 139 -0.71 -15.34 -17.31
N ARG B 140 0.41 -14.90 -16.74
CA ARG B 140 0.40 -14.21 -15.46
C ARG B 140 -0.40 -12.91 -15.52
N GLN B 141 -0.38 -12.23 -16.66
CA GLN B 141 -1.14 -10.98 -16.80
C GLN B 141 -2.62 -11.25 -17.06
N GLY B 142 -2.94 -12.31 -17.80
CA GLY B 142 -4.33 -12.64 -18.05
C GLY B 142 -5.06 -13.10 -16.82
N MET B 143 -4.41 -13.94 -16.00
CA MET B 143 -5.03 -14.36 -14.75
C MET B 143 -5.14 -13.22 -13.74
N GLN B 144 -4.55 -12.07 -14.03
CA GLN B 144 -4.65 -10.88 -13.19
C GLN B 144 -5.77 -9.96 -13.66
N LEU B 145 -5.91 -9.80 -14.97
CA LEU B 145 -7.10 -9.14 -15.51
C LEU B 145 -8.37 -9.87 -15.12
N LEU B 146 -8.32 -11.21 -15.09
CA LEU B 146 -9.51 -11.98 -14.72
C LEU B 146 -9.88 -11.76 -13.26
N PHE B 147 -8.89 -11.59 -12.38
CA PHE B 147 -9.18 -11.28 -10.98
C PHE B 147 -9.68 -9.84 -10.81
N LEU B 148 -9.16 -8.92 -11.62
CA LEU B 148 -9.64 -7.54 -11.56
C LEU B 148 -11.10 -7.44 -12.00
N HIS B 149 -11.50 -8.20 -13.02
CA HIS B 149 -12.84 -8.08 -13.56
C HIS B 149 -13.93 -8.73 -12.70
N TRP B 150 -13.56 -9.54 -11.70
CA TRP B 150 -14.53 -10.26 -10.88
C TRP B 150 -14.24 -10.09 -9.39
N GLY B 151 -13.59 -9.00 -8.99
CA GLY B 151 -13.10 -8.87 -7.63
C GLY B 151 -13.79 -7.81 -6.80
N LEU B 152 -12.99 -6.97 -6.13
CA LEU B 152 -13.52 -6.06 -5.12
C LEU B 152 -14.32 -4.90 -5.72
N HIS B 153 -13.93 -4.43 -6.91
CA HIS B 153 -14.61 -3.30 -7.52
C HIS B 153 -16.09 -3.57 -7.74
N GLY B 154 -16.44 -4.78 -8.17
CA GLY B 154 -17.84 -5.08 -8.48
C GLY B 154 -18.69 -5.24 -7.23
N TRP B 155 -18.19 -5.98 -6.25
CA TRP B 155 -18.92 -6.18 -5.00
C TRP B 155 -18.93 -4.93 -4.12
N GLY B 156 -18.12 -3.92 -4.44
CA GLY B 156 -18.11 -2.69 -3.65
C GLY B 156 -19.23 -1.72 -3.96
N VAL B 157 -19.90 -1.86 -5.11
CA VAL B 157 -20.99 -0.96 -5.47
C VAL B 157 -22.32 -1.55 -4.99
N PHE B 158 -22.39 -2.88 -4.98
CA PHE B 158 -23.53 -3.57 -4.37
C PHE B 158 -23.69 -3.17 -2.91
N ALA B 159 -22.59 -3.20 -2.16
CA ALA B 159 -22.63 -2.84 -0.75
C ALA B 159 -23.01 -1.39 -0.55
N PHE B 160 -22.52 -0.50 -1.43
CA PHE B 160 -22.88 0.91 -1.34
C PHE B 160 -24.38 1.11 -1.49
N VAL B 161 -24.96 0.53 -2.54
CA VAL B 161 -26.40 0.71 -2.76
C VAL B 161 -27.21 0.08 -1.63
N GLY B 162 -26.78 -1.10 -1.16
CA GLY B 162 -27.52 -1.76 -0.09
C GLY B 162 -27.51 -0.98 1.20
N MET B 163 -26.33 -0.49 1.61
CA MET B 163 -26.23 0.32 2.81
C MET B 163 -27.04 1.59 2.70
N ALA B 164 -26.95 2.30 1.57
CA ALA B 164 -27.72 3.52 1.41
C ALA B 164 -29.22 3.28 1.45
N LEU B 165 -29.68 2.15 0.91
CA LEU B 165 -31.10 1.84 0.95
C LEU B 165 -31.58 1.45 2.34
N ALA B 166 -30.79 0.66 3.09
CA ALA B 166 -31.23 0.22 4.40
C ALA B 166 -31.18 1.35 5.43
N TYR B 167 -30.19 2.24 5.32
CA TYR B 167 -30.04 3.30 6.32
C TYR B 167 -31.25 4.23 6.35
N PHE B 168 -31.68 4.71 5.19
CA PHE B 168 -32.77 5.68 5.14
C PHE B 168 -34.14 5.06 5.37
N ALA B 169 -34.24 3.74 5.36
CA ALA B 169 -35.52 3.07 5.54
C ALA B 169 -35.72 2.54 6.94
N TYR B 170 -34.67 2.04 7.60
CA TYR B 170 -34.83 1.45 8.91
C TYR B 170 -34.51 2.41 10.05
N ARG B 171 -33.87 3.54 9.77
CA ARG B 171 -33.61 4.54 10.80
C ARG B 171 -34.44 5.82 10.66
N HIS B 172 -34.80 6.23 9.45
CA HIS B 172 -35.56 7.46 9.26
C HIS B 172 -37.00 7.23 8.85
N ASN B 173 -37.42 5.97 8.72
CA ASN B 173 -38.81 5.61 8.40
C ASN B 173 -39.25 6.24 7.08
N LEU B 174 -38.42 6.06 6.06
CA LEU B 174 -38.70 6.51 4.71
C LEU B 174 -38.96 5.30 3.83
N PRO B 175 -39.59 5.49 2.67
CA PRO B 175 -39.83 4.34 1.78
C PRO B 175 -38.54 3.66 1.36
N LEU B 176 -38.67 2.40 0.97
CA LEU B 176 -37.54 1.62 0.44
C LEU B 176 -37.45 1.89 -1.05
N ALA B 177 -36.75 2.96 -1.42
CA ALA B 177 -36.69 3.40 -2.80
C ALA B 177 -35.36 4.08 -3.04
N LEU B 178 -35.01 4.24 -4.31
CA LEU B 178 -33.73 4.85 -4.67
C LEU B 178 -33.70 6.34 -4.41
N ARG B 179 -34.85 7.00 -4.41
CA ARG B 179 -34.92 8.45 -4.26
C ARG B 179 -34.87 8.91 -2.81
N SER B 180 -34.99 8.01 -1.84
CA SER B 180 -34.98 8.42 -0.45
C SER B 180 -33.64 8.99 0.00
N ALA B 181 -32.55 8.67 -0.69
CA ALA B 181 -31.24 9.19 -0.34
C ALA B 181 -31.02 10.62 -0.79
N LEU B 182 -31.99 11.22 -1.49
CA LEU B 182 -31.95 12.63 -1.86
C LEU B 182 -32.74 13.50 -0.89
N TYR B 183 -33.22 12.92 0.20
CA TYR B 183 -34.02 13.70 1.16
C TYR B 183 -33.21 14.80 1.83
N PRO B 184 -31.98 14.57 2.32
CA PRO B 184 -31.20 15.68 2.90
C PRO B 184 -30.88 16.80 1.94
N LEU B 185 -31.17 16.64 0.64
CA LEU B 185 -30.87 17.66 -0.34
C LEU B 185 -32.09 18.46 -0.79
N ILE B 186 -33.25 17.82 -0.98
CA ILE B 186 -34.42 18.51 -1.54
C ILE B 186 -35.66 18.34 -0.68
N GLY B 187 -35.59 17.56 0.39
CA GLY B 187 -36.72 17.46 1.30
C GLY B 187 -37.91 16.73 0.72
N LYS B 188 -39.09 17.36 0.78
CA LYS B 188 -40.35 16.76 0.36
C LYS B 188 -40.49 16.67 -1.15
N ARG B 189 -39.47 17.09 -1.90
CA ARG B 189 -39.53 17.04 -3.35
C ARG B 189 -39.13 15.68 -3.93
N ILE B 190 -38.94 14.67 -3.08
CA ILE B 190 -38.75 13.30 -3.57
C ILE B 190 -40.07 12.68 -4.01
N ASN B 191 -41.18 13.39 -3.89
CA ASN B 191 -42.48 12.95 -4.38
C ASN B 191 -42.96 13.85 -5.50
N GLY B 192 -42.05 14.24 -6.39
CA GLY B 192 -42.38 15.08 -7.51
C GLY B 192 -41.56 14.70 -8.74
N PRO B 193 -41.50 15.61 -9.71
CA PRO B 193 -40.79 15.30 -10.97
C PRO B 193 -39.33 14.89 -10.78
N ILE B 194 -38.64 15.41 -9.77
CA ILE B 194 -37.23 15.09 -9.60
C ILE B 194 -37.02 13.66 -9.10
N GLY B 195 -37.85 13.20 -8.17
CA GLY B 195 -37.70 11.86 -7.64
C GLY B 195 -38.18 10.76 -8.54
N TYR B 196 -39.10 11.05 -9.46
CA TYR B 196 -39.61 10.05 -10.38
C TYR B 196 -38.64 9.75 -11.51
N ALA B 197 -37.85 10.73 -11.93
CA ALA B 197 -36.82 10.48 -12.94
C ALA B 197 -35.71 9.60 -12.38
N VAL B 198 -35.34 9.79 -11.12
CA VAL B 198 -34.30 8.97 -10.50
C VAL B 198 -34.74 7.51 -10.46
N ASP B 199 -36.02 7.26 -10.23
CA ASP B 199 -36.53 5.89 -10.20
C ASP B 199 -36.78 5.32 -11.58
N GLY B 200 -37.13 6.15 -12.57
CA GLY B 200 -37.29 5.67 -13.92
C GLY B 200 -35.97 5.35 -14.61
N PHE B 201 -34.91 6.10 -14.30
CA PHE B 201 -33.60 5.84 -14.86
C PHE B 201 -32.94 4.60 -14.29
N GLY B 202 -33.41 4.08 -13.17
CA GLY B 202 -32.85 2.89 -12.57
C GLY B 202 -33.48 1.59 -13.01
N ILE B 203 -34.59 1.66 -13.75
CA ILE B 203 -35.21 0.46 -14.30
C ILE B 203 -34.62 0.11 -15.66
N ILE B 204 -34.25 1.11 -16.45
CA ILE B 204 -33.72 0.88 -17.80
C ILE B 204 -32.39 0.15 -17.73
N ALA B 205 -31.50 0.58 -16.84
CA ALA B 205 -30.21 -0.09 -16.67
C ALA B 205 -30.40 -1.54 -16.24
N THR B 206 -31.34 -1.80 -15.32
CA THR B 206 -31.58 -3.16 -14.87
C THR B 206 -32.10 -4.03 -16.00
N ILE B 207 -33.03 -3.50 -16.81
CA ILE B 207 -33.58 -4.29 -17.92
C ILE B 207 -32.47 -4.65 -18.90
N PHE B 208 -31.58 -3.71 -19.19
CA PHE B 208 -30.54 -4.01 -20.18
C PHE B 208 -29.48 -4.98 -19.63
N GLY B 209 -29.14 -4.87 -18.35
CA GLY B 209 -28.26 -5.85 -17.75
C GLY B 209 -28.82 -7.26 -17.76
N LEU B 210 -30.11 -7.39 -17.39
CA LEU B 210 -30.75 -8.70 -17.43
C LEU B 210 -30.81 -9.25 -18.85
N GLY B 211 -31.07 -8.39 -19.83
CA GLY B 211 -31.10 -8.85 -21.21
C GLY B 211 -29.75 -9.37 -21.69
N ALA B 212 -28.68 -8.67 -21.35
CA ALA B 212 -27.35 -9.15 -21.72
C ALA B 212 -27.04 -10.50 -21.07
N ASP B 213 -27.36 -10.64 -19.79
CA ASP B 213 -27.14 -11.92 -19.10
C ASP B 213 -27.91 -13.05 -19.78
N MET B 214 -29.19 -12.81 -20.09
CA MET B 214 -30.01 -13.84 -20.73
C MET B 214 -29.50 -14.20 -22.13
N GLY B 215 -28.98 -13.23 -22.87
CA GLY B 215 -28.43 -13.53 -24.19
C GLY B 215 -27.18 -14.39 -24.13
N PHE B 216 -26.26 -14.05 -23.21
CA PHE B 216 -25.09 -14.91 -23.02
C PHE B 216 -25.50 -16.31 -22.59
N GLY B 217 -26.53 -16.43 -21.74
CA GLY B 217 -27.00 -17.73 -21.33
C GLY B 217 -27.59 -18.55 -22.46
N VAL B 218 -28.34 -17.92 -23.36
CA VAL B 218 -28.88 -18.64 -24.53
C VAL B 218 -27.73 -19.18 -25.38
N LEU B 219 -26.71 -18.34 -25.62
CA LEU B 219 -25.57 -18.81 -26.41
C LEU B 219 -24.85 -19.98 -25.73
N HIS B 220 -24.66 -19.93 -24.42
CA HIS B 220 -23.99 -21.02 -23.72
C HIS B 220 -24.82 -22.29 -23.76
N LEU B 221 -26.14 -22.19 -23.61
CA LEU B 221 -26.99 -23.37 -23.59
C LEU B 221 -27.17 -24.01 -24.95
N ASN B 222 -27.08 -23.24 -26.04
CA ASN B 222 -27.27 -23.81 -27.37
C ASN B 222 -26.13 -24.76 -27.78
N SER B 223 -24.94 -24.60 -27.21
CA SER B 223 -23.80 -25.44 -27.57
C SER B 223 -23.79 -26.79 -26.86
N GLY B 224 -24.28 -26.85 -25.62
CA GLY B 224 -24.35 -28.14 -24.94
C GLY B 224 -25.26 -29.12 -25.64
N LEU B 225 -26.40 -28.64 -26.15
CA LEU B 225 -27.31 -29.53 -26.88
C LEU B 225 -26.71 -29.95 -28.22
N ASP B 226 -25.94 -29.07 -28.85
CA ASP B 226 -25.21 -29.45 -30.06
C ASP B 226 -24.20 -30.55 -29.77
N TYR B 227 -23.44 -30.40 -28.69
CA TYR B 227 -22.47 -31.42 -28.30
C TYR B 227 -23.14 -32.75 -27.96
N LEU B 228 -24.24 -32.72 -27.21
CA LEU B 228 -24.85 -33.96 -26.73
C LEU B 228 -25.66 -34.66 -27.82
N PHE B 229 -26.59 -33.94 -28.46
CA PHE B 229 -27.56 -34.57 -29.35
C PHE B 229 -27.34 -34.21 -30.81
N GLY B 230 -27.08 -32.95 -31.11
CA GLY B 230 -26.89 -32.55 -32.50
C GLY B 230 -27.84 -31.47 -32.96
N VAL B 231 -28.33 -30.66 -32.03
CA VAL B 231 -29.25 -29.56 -32.33
C VAL B 231 -28.50 -28.46 -33.07
N PRO B 232 -29.02 -27.96 -34.19
CA PRO B 232 -28.29 -26.93 -34.94
C PRO B 232 -28.41 -25.56 -34.30
N HIS B 233 -27.57 -24.64 -34.77
CA HIS B 233 -27.66 -23.24 -34.35
C HIS B 233 -28.52 -22.49 -35.34
N THR B 234 -29.79 -22.29 -35.01
CA THR B 234 -30.76 -21.69 -35.91
C THR B 234 -31.48 -20.58 -35.17
N GLN B 235 -32.03 -19.63 -35.93
CA GLN B 235 -32.73 -18.50 -35.32
C GLN B 235 -34.03 -18.94 -34.64
N TRP B 236 -34.69 -19.98 -35.17
CA TRP B 236 -35.92 -20.46 -34.56
C TRP B 236 -35.68 -21.36 -33.35
N ILE B 237 -34.46 -21.83 -33.15
CA ILE B 237 -34.13 -22.59 -31.94
C ILE B 237 -33.90 -21.65 -30.76
N GLN B 238 -33.29 -20.50 -31.01
CA GLN B 238 -33.03 -19.54 -29.93
C GLN B 238 -34.32 -18.92 -29.42
N VAL B 239 -35.34 -18.79 -30.27
CA VAL B 239 -36.63 -18.29 -29.82
C VAL B 239 -37.25 -19.25 -28.83
N GLY B 240 -37.19 -20.55 -29.13
CA GLY B 240 -37.70 -21.54 -28.19
C GLY B 240 -36.89 -21.60 -26.91
N LEU B 241 -35.57 -21.41 -27.01
CA LEU B 241 -34.75 -21.38 -25.81
C LEU B 241 -35.11 -20.21 -24.92
N ILE B 242 -35.31 -19.03 -25.51
CA ILE B 242 -35.73 -17.86 -24.75
C ILE B 242 -37.08 -18.08 -24.10
N THR B 243 -38.03 -18.65 -24.86
CA THR B 243 -39.35 -18.93 -24.34
C THR B 243 -39.26 -19.85 -23.12
N LEU B 244 -38.51 -20.95 -23.22
CA LEU B 244 -38.38 -21.87 -22.10
C LEU B 244 -37.75 -21.18 -20.90
N MET B 245 -36.63 -20.47 -21.11
CA MET B 245 -35.91 -19.86 -20.00
C MET B 245 -36.74 -18.82 -19.27
N MET B 246 -37.56 -18.03 -19.99
CA MET B 246 -38.30 -16.97 -19.32
C MET B 246 -39.65 -17.45 -18.80
N GLY B 247 -40.29 -18.40 -19.47
CA GLY B 247 -41.51 -18.98 -18.95
C GLY B 247 -41.29 -19.84 -17.73
N ALA B 248 -40.08 -20.39 -17.57
CA ALA B 248 -39.78 -21.10 -16.34
C ALA B 248 -39.49 -20.18 -15.18
N ALA B 249 -39.24 -18.90 -15.42
CA ALA B 249 -38.96 -17.94 -14.35
C ALA B 249 -40.13 -17.03 -14.02
N ILE B 250 -41.09 -16.87 -14.92
CA ILE B 250 -42.30 -16.13 -14.58
C ILE B 250 -43.24 -16.98 -13.73
N LEU B 251 -43.33 -18.27 -14.03
CA LEU B 251 -44.22 -19.16 -13.29
C LEU B 251 -43.73 -19.46 -11.88
N VAL B 252 -42.44 -19.25 -11.61
CA VAL B 252 -41.94 -19.40 -10.25
C VAL B 252 -42.16 -18.13 -9.45
N ALA B 253 -42.21 -16.98 -10.11
CA ALA B 253 -42.43 -15.71 -9.43
C ALA B 253 -43.90 -15.42 -9.15
N ILE B 254 -44.82 -15.90 -10.00
CA ILE B 254 -46.23 -15.65 -9.78
C ILE B 254 -46.91 -16.80 -9.01
N ALA B 255 -46.13 -17.72 -8.46
CA ALA B 255 -46.70 -18.88 -7.77
C ALA B 255 -46.65 -18.77 -6.25
N GLY B 256 -45.83 -17.87 -5.71
CA GLY B 256 -45.81 -17.64 -4.28
C GLY B 256 -45.25 -18.78 -3.45
N VAL B 257 -44.06 -19.25 -3.80
CA VAL B 257 -43.36 -20.28 -3.03
C VAL B 257 -41.95 -19.77 -2.76
N ASP B 258 -41.55 -19.78 -1.50
CA ASP B 258 -40.22 -19.35 -1.09
C ASP B 258 -39.45 -20.44 -0.37
N LYS B 259 -40.15 -21.30 0.37
CA LYS B 259 -39.50 -22.45 0.98
C LYS B 259 -38.87 -23.35 -0.07
N GLY B 260 -39.67 -23.83 -1.03
CA GLY B 260 -39.15 -24.68 -2.09
C GLY B 260 -38.09 -24.01 -2.94
N VAL B 261 -38.17 -22.70 -3.06
CA VAL B 261 -37.21 -21.96 -3.86
C VAL B 261 -35.89 -21.84 -3.13
N ARG B 262 -35.93 -21.40 -1.87
CA ARG B 262 -34.70 -21.20 -1.13
C ARG B 262 -34.12 -22.53 -0.72
N VAL B 263 -34.93 -23.55 -0.75
CA VAL B 263 -34.44 -24.87 -0.43
C VAL B 263 -33.79 -25.47 -1.69
N MET B 264 -34.26 -25.07 -2.86
CA MET B 264 -33.69 -25.57 -4.12
C MET B 264 -32.45 -24.79 -4.50
N SER B 265 -32.34 -23.55 -4.03
CA SER B 265 -31.15 -22.81 -4.25
C SER B 265 -30.02 -23.52 -3.56
N ASP B 266 -30.18 -23.83 -2.27
CA ASP B 266 -29.11 -24.46 -1.50
C ASP B 266 -28.67 -25.81 -2.06
N ILE B 267 -29.61 -26.60 -2.60
CA ILE B 267 -29.23 -27.83 -3.27
C ILE B 267 -28.30 -27.55 -4.45
N ASN B 268 -28.65 -26.56 -5.28
CA ASN B 268 -27.80 -26.23 -6.42
C ASN B 268 -26.42 -25.73 -5.99
N MET B 269 -26.38 -24.98 -4.89
CA MET B 269 -25.12 -24.45 -4.37
C MET B 269 -24.23 -25.54 -3.77
N LEU B 270 -24.78 -26.70 -3.44
CA LEU B 270 -23.95 -27.83 -3.06
C LEU B 270 -23.44 -28.61 -4.27
N LEU B 271 -24.28 -28.75 -5.30
CA LEU B 271 -23.82 -29.39 -6.54
C LEU B 271 -22.70 -28.60 -7.20
N ALA B 272 -22.75 -27.27 -7.11
CA ALA B 272 -21.67 -26.45 -7.65
C ALA B 272 -20.33 -26.75 -6.97
N CYS B 273 -20.32 -26.87 -5.65
CA CYS B 273 -19.10 -27.19 -4.92
C CYS B 273 -18.63 -28.61 -5.23
N ALA B 274 -19.55 -29.55 -5.39
CA ALA B 274 -19.15 -30.90 -5.78
C ALA B 274 -18.46 -30.90 -7.14
N LEU B 275 -18.99 -30.12 -8.09
CA LEU B 275 -18.36 -30.05 -9.42
C LEU B 275 -16.98 -29.38 -9.35
N LEU B 276 -16.86 -28.31 -8.56
CA LEU B 276 -15.56 -27.66 -8.39
C LEU B 276 -14.53 -28.60 -7.79
N LEU B 277 -14.94 -29.39 -6.79
CA LEU B 277 -13.99 -30.33 -6.17
C LEU B 277 -13.62 -31.46 -7.13
N PHE B 278 -14.56 -31.95 -7.94
CA PHE B 278 -14.22 -32.94 -8.94
C PHE B 278 -13.18 -32.39 -9.91
N VAL B 279 -13.38 -31.16 -10.38
CA VAL B 279 -12.43 -30.59 -11.33
C VAL B 279 -11.06 -30.37 -10.68
N LEU B 280 -11.03 -30.01 -9.39
CA LEU B 280 -9.74 -29.82 -8.73
C LEU B 280 -9.01 -31.13 -8.52
N PHE B 281 -9.69 -32.17 -8.06
CA PHE B 281 -9.03 -33.41 -7.69
C PHE B 281 -8.85 -34.37 -8.86
N ALA B 282 -9.44 -34.10 -10.02
CA ALA B 282 -9.20 -34.93 -11.20
C ALA B 282 -8.11 -34.36 -12.11
N GLY B 283 -7.41 -33.33 -11.68
CA GLY B 283 -6.37 -32.73 -12.49
C GLY B 283 -5.06 -32.56 -11.75
N PRO B 284 -4.24 -31.60 -12.20
CA PRO B 284 -2.95 -31.34 -11.55
C PRO B 284 -3.10 -30.56 -10.25
N THR B 285 -3.33 -31.26 -9.14
CA THR B 285 -3.76 -30.62 -7.90
C THR B 285 -2.70 -29.66 -7.36
N GLN B 286 -1.44 -30.08 -7.34
CA GLN B 286 -0.39 -29.26 -6.72
C GLN B 286 -0.13 -27.99 -7.53
N HIS B 287 -0.08 -28.12 -8.85
CA HIS B 287 0.05 -26.97 -9.72
C HIS B 287 -1.08 -25.97 -9.49
N LEU B 288 -2.31 -26.47 -9.33
CA LEU B 288 -3.45 -25.58 -9.16
C LEU B 288 -3.41 -24.87 -7.81
N LEU B 289 -3.00 -25.57 -6.76
CA LEU B 289 -2.88 -24.93 -5.46
C LEU B 289 -1.80 -23.84 -5.45
N ASN B 290 -0.66 -24.12 -6.08
CA ASN B 290 0.39 -23.11 -6.17
C ASN B 290 -0.06 -21.89 -6.96
N THR B 291 -0.71 -22.10 -8.11
CA THR B 291 -1.16 -20.96 -8.91
C THR B 291 -2.25 -20.16 -8.21
N LEU B 292 -3.06 -20.79 -7.37
CA LEU B 292 -4.05 -20.03 -6.60
C LEU B 292 -3.38 -19.00 -5.69
N VAL B 293 -2.40 -19.43 -4.90
CA VAL B 293 -1.68 -18.51 -4.03
C VAL B 293 -0.94 -17.44 -4.84
N GLN B 294 -0.32 -17.84 -5.96
CA GLN B 294 0.36 -16.87 -6.82
C GLN B 294 -0.60 -15.79 -7.31
N ASN B 295 -1.81 -16.19 -7.73
CA ASN B 295 -2.79 -15.23 -8.25
C ASN B 295 -3.24 -14.27 -7.17
N ILE B 296 -3.49 -14.76 -5.95
CA ILE B 296 -3.87 -13.88 -4.85
C ILE B 296 -2.79 -12.82 -4.63
N GLY B 297 -1.53 -13.26 -4.59
CA GLY B 297 -0.45 -12.32 -4.37
C GLY B 297 -0.33 -11.27 -5.48
N ASP B 298 -0.43 -11.71 -6.73
CA ASP B 298 -0.32 -10.77 -7.86
C ASP B 298 -1.44 -9.74 -7.84
N TYR B 299 -2.68 -10.18 -7.61
CA TYR B 299 -3.79 -9.24 -7.55
C TYR B 299 -3.62 -8.21 -6.45
N LEU B 300 -3.31 -8.65 -5.22
CA LEU B 300 -3.18 -7.69 -4.14
C LEU B 300 -1.98 -6.77 -4.35
N GLY B 301 -0.93 -7.25 -5.01
CA GLY B 301 0.20 -6.39 -5.29
C GLY B 301 -0.04 -5.32 -6.33
N ALA B 302 -0.85 -5.61 -7.35
CA ALA B 302 -1.07 -4.66 -8.43
C ALA B 302 -2.38 -3.90 -8.34
N LEU B 303 -3.20 -4.13 -7.30
CA LEU B 303 -4.48 -3.43 -7.19
C LEU B 303 -4.40 -1.91 -7.27
N PRO B 304 -3.54 -1.22 -6.48
CA PRO B 304 -3.66 0.26 -6.42
C PRO B 304 -3.21 0.98 -7.69
N SER B 305 -2.64 0.29 -8.67
CA SER B 305 -2.21 0.94 -9.90
C SER B 305 -3.01 0.51 -11.12
N LYS B 306 -3.57 -0.69 -11.12
CA LYS B 306 -4.39 -1.18 -12.22
C LYS B 306 -5.78 -0.56 -12.23
N SER B 307 -6.12 0.24 -11.23
CA SER B 307 -7.40 0.93 -11.16
C SER B 307 -7.50 2.10 -12.12
N PHE B 308 -6.38 2.61 -12.61
CA PHE B 308 -6.39 3.77 -13.50
C PHE B 308 -5.72 3.49 -14.84
N ASP B 309 -5.48 2.22 -15.19
CA ASP B 309 -4.75 1.89 -16.41
C ASP B 309 -5.67 1.95 -17.62
N VAL B 310 -5.33 2.82 -18.57
CA VAL B 310 -6.06 2.96 -19.82
C VAL B 310 -5.17 2.77 -21.04
N TYR B 311 -3.91 2.36 -20.85
CA TYR B 311 -2.97 2.08 -21.95
C TYR B 311 -2.81 3.29 -22.87
N ALA B 312 -2.51 4.43 -22.25
CA ALA B 312 -2.55 5.71 -22.94
C ALA B 312 -1.30 6.01 -23.75
N TYR B 313 -0.16 5.39 -23.43
CA TYR B 313 1.07 5.62 -24.17
C TYR B 313 1.33 4.56 -25.23
N ASN B 314 0.42 3.61 -25.42
CA ASN B 314 0.53 2.60 -26.45
C ASN B 314 -0.12 3.07 -27.74
N LYS B 315 -0.16 2.18 -28.72
CA LYS B 315 -0.80 2.49 -30.00
C LYS B 315 -2.31 2.39 -29.83
N PRO B 316 -3.07 3.32 -30.40
CA PRO B 316 -4.52 3.34 -30.13
C PRO B 316 -5.24 2.11 -30.67
N SER B 317 -6.24 1.67 -29.92
CA SER B 317 -7.06 0.52 -30.29
C SER B 317 -8.42 0.66 -29.63
N ASP B 318 -9.21 -0.41 -29.65
CA ASP B 318 -10.52 -0.44 -29.02
C ASP B 318 -10.66 -1.63 -28.07
N TRP B 319 -9.56 -2.03 -27.44
CA TRP B 319 -9.59 -3.14 -26.49
C TRP B 319 -10.41 -2.80 -25.24
N LEU B 320 -10.40 -1.53 -24.82
CA LEU B 320 -11.00 -1.16 -23.55
C LEU B 320 -12.52 -1.20 -23.61
N GLY B 321 -13.10 -0.91 -24.76
CA GLY B 321 -14.55 -0.89 -24.89
C GLY B 321 -15.21 -2.23 -24.93
N GLY B 322 -14.44 -3.31 -24.98
CA GLY B 322 -15.00 -4.64 -25.01
C GLY B 322 -14.70 -5.45 -23.76
N TRP B 323 -13.75 -5.00 -22.94
CA TRP B 323 -13.39 -5.77 -21.75
C TRP B 323 -13.61 -5.03 -20.43
N THR B 324 -12.99 -3.88 -20.19
CA THR B 324 -13.00 -3.35 -18.82
C THR B 324 -14.13 -2.34 -18.61
N VAL B 325 -14.34 -1.45 -19.58
CA VAL B 325 -15.43 -0.48 -19.48
C VAL B 325 -16.77 -1.19 -19.55
N PHE B 326 -16.86 -2.25 -20.37
CA PHE B 326 -18.06 -3.09 -20.37
C PHE B 326 -18.35 -3.66 -19.00
N TYR B 327 -17.31 -4.13 -18.29
CA TYR B 327 -17.52 -4.73 -16.98
C TYR B 327 -17.94 -3.68 -15.95
N TRP B 328 -17.41 -2.50 -15.98
CA TRP B 328 -17.81 -1.45 -15.07
C TRP B 328 -19.26 -1.06 -15.33
N ALA B 329 -19.68 -0.91 -16.57
CA ALA B 329 -21.07 -0.62 -16.90
C ALA B 329 -22.00 -1.74 -16.47
N TRP B 330 -21.58 -2.99 -16.62
CA TRP B 330 -22.41 -4.13 -16.27
C TRP B 330 -22.64 -4.26 -14.77
N TRP B 331 -21.59 -4.08 -13.96
CA TRP B 331 -21.79 -4.10 -12.51
C TRP B 331 -22.68 -2.94 -12.05
N ILE B 332 -22.48 -1.75 -12.61
CA ILE B 332 -23.34 -0.62 -12.27
C ILE B 332 -24.79 -0.90 -12.63
N ALA B 333 -25.03 -1.55 -13.78
CA ALA B 333 -26.41 -1.87 -14.18
C ALA B 333 -27.03 -2.93 -13.30
N TRP B 334 -26.24 -3.85 -12.74
CA TRP B 334 -26.80 -4.85 -11.83
C TRP B 334 -26.96 -4.34 -10.40
N ALA B 335 -26.33 -3.23 -10.04
CA ALA B 335 -26.40 -2.74 -8.66
C ALA B 335 -27.82 -2.49 -8.13
N PRO B 336 -28.74 -1.85 -8.86
CA PRO B 336 -30.05 -1.56 -8.26
C PRO B 336 -30.84 -2.78 -7.84
N PHE B 337 -30.71 -3.90 -8.56
CA PHE B 337 -31.48 -5.09 -8.22
C PHE B 337 -30.90 -5.83 -7.02
N VAL B 338 -29.58 -5.99 -6.96
CA VAL B 338 -28.98 -6.73 -5.85
C VAL B 338 -28.96 -5.90 -4.57
N GLY B 339 -28.81 -4.58 -4.68
CA GLY B 339 -28.82 -3.74 -3.49
C GLY B 339 -30.13 -3.78 -2.73
N LEU B 340 -31.24 -3.65 -3.44
CA LEU B 340 -32.54 -3.69 -2.78
C LEU B 340 -32.89 -5.09 -2.29
N PHE B 341 -32.28 -6.12 -2.86
CA PHE B 341 -32.49 -7.47 -2.37
C PHE B 341 -31.73 -7.73 -1.07
N ILE B 342 -30.48 -7.27 -0.98
CA ILE B 342 -29.71 -7.48 0.25
C ILE B 342 -30.11 -6.52 1.36
N ALA B 343 -30.76 -5.40 1.04
CA ALA B 343 -31.22 -4.48 2.07
C ALA B 343 -32.40 -5.02 2.88
N ARG B 344 -33.13 -5.99 2.34
CA ARG B 344 -34.34 -6.48 2.99
C ARG B 344 -34.07 -7.53 4.04
N ILE B 345 -32.88 -8.11 4.06
CA ILE B 345 -32.55 -9.18 4.98
C ILE B 345 -31.41 -8.78 5.91
N SER B 346 -31.20 -7.48 6.11
CA SER B 346 -30.07 -6.98 6.88
C SER B 346 -30.50 -6.01 7.97
N ARG B 347 -31.76 -6.04 8.39
CA ARG B 347 -32.21 -5.16 9.46
C ARG B 347 -31.66 -5.66 10.80
N GLY B 348 -31.11 -4.73 11.59
CA GLY B 348 -30.58 -5.05 12.89
C GLY B 348 -29.07 -5.17 12.96
N ARG B 349 -28.38 -5.16 11.83
CA ARG B 349 -26.93 -5.32 11.80
C ARG B 349 -26.26 -3.95 11.79
N THR B 350 -24.96 -3.94 12.06
CA THR B 350 -24.17 -2.72 12.03
C THR B 350 -23.54 -2.57 10.65
N ILE B 351 -23.05 -1.36 10.36
CA ILE B 351 -22.53 -1.06 9.04
C ILE B 351 -21.27 -1.86 8.76
N ARG B 352 -20.37 -1.95 9.74
CA ARG B 352 -19.11 -2.66 9.56
C ARG B 352 -19.34 -4.15 9.27
N GLU B 353 -20.21 -4.79 10.04
CA GLU B 353 -20.52 -6.20 9.84
C GLU B 353 -21.14 -6.47 8.48
N PHE B 354 -22.08 -5.62 8.06
CA PHE B 354 -22.71 -5.71 6.75
C PHE B 354 -21.71 -5.57 5.61
N VAL B 355 -20.85 -4.56 5.68
CA VAL B 355 -19.90 -4.29 4.61
C VAL B 355 -18.87 -5.42 4.52
N PHE B 356 -18.33 -5.85 5.66
CA PHE B 356 -17.31 -6.89 5.62
C PHE B 356 -17.88 -8.27 5.36
N GLY B 357 -19.19 -8.45 5.49
CA GLY B 357 -19.80 -9.69 5.05
C GLY B 357 -20.01 -9.70 3.55
N VAL B 358 -20.55 -8.60 3.03
CA VAL B 358 -20.84 -8.53 1.60
C VAL B 358 -19.57 -8.52 0.77
N LEU B 359 -18.51 -7.89 1.26
CA LEU B 359 -17.27 -7.83 0.48
C LEU B 359 -16.49 -9.13 0.46
N LEU B 360 -16.72 -10.04 1.40
CA LEU B 360 -15.80 -11.16 1.55
C LEU B 360 -16.45 -12.53 1.46
N ILE B 361 -17.76 -12.66 1.67
CA ILE B 361 -18.35 -14.00 1.63
C ILE B 361 -18.60 -14.45 0.19
N PRO B 362 -19.22 -13.65 -0.69
CA PRO B 362 -19.44 -14.12 -2.07
C PRO B 362 -18.22 -14.01 -2.97
N LEU B 363 -17.17 -13.31 -2.54
CA LEU B 363 -15.98 -13.11 -3.35
C LEU B 363 -15.03 -14.30 -3.32
N GLY B 364 -14.94 -15.00 -2.19
CA GLY B 364 -14.02 -16.12 -2.07
C GLY B 364 -14.40 -17.32 -2.91
N PHE B 365 -15.69 -17.56 -3.12
CA PHE B 365 -16.12 -18.63 -4.01
C PHE B 365 -15.88 -18.28 -5.48
N THR B 366 -16.19 -17.04 -5.85
CA THR B 366 -16.03 -16.61 -7.24
C THR B 366 -14.57 -16.62 -7.66
N LEU B 367 -13.67 -16.09 -6.82
CA LEU B 367 -12.27 -16.04 -7.21
C LEU B 367 -11.62 -17.42 -7.24
N ALA B 368 -12.05 -18.34 -6.37
CA ALA B 368 -11.57 -19.71 -6.43
C ALA B 368 -12.04 -20.45 -7.67
N TRP B 369 -13.33 -20.31 -8.01
CA TRP B 369 -13.85 -20.86 -9.25
C TRP B 369 -13.06 -20.36 -10.46
N MET B 370 -12.89 -19.05 -10.57
CA MET B 370 -12.21 -18.46 -11.71
C MET B 370 -10.77 -18.96 -11.80
N SER B 371 -10.04 -18.96 -10.67
CA SER B 371 -8.65 -19.38 -10.68
C SER B 371 -8.50 -20.82 -11.14
N ILE B 372 -9.24 -21.74 -10.50
CA ILE B 372 -9.09 -23.16 -10.84
C ILE B 372 -9.45 -23.42 -12.29
N PHE B 373 -10.61 -22.91 -12.73
CA PHE B 373 -11.07 -23.20 -14.08
C PHE B 373 -10.20 -22.56 -15.16
N GLY B 374 -9.63 -21.37 -14.92
CA GLY B 374 -8.79 -20.75 -15.91
C GLY B 374 -7.40 -21.35 -15.99
N ASN B 375 -6.84 -21.72 -14.82
CA ASN B 375 -5.52 -22.31 -14.84
C ASN B 375 -5.53 -23.73 -15.40
N SER B 376 -6.66 -24.45 -15.24
CA SER B 376 -6.75 -25.78 -15.83
C SER B 376 -6.62 -25.73 -17.35
N ALA B 377 -7.09 -24.65 -17.99
CA ALA B 377 -7.02 -24.53 -19.44
C ALA B 377 -5.71 -23.90 -19.91
N ILE B 378 -5.18 -22.93 -19.16
CA ILE B 378 -3.87 -22.39 -19.51
C ILE B 378 -2.81 -23.47 -19.45
N ASP B 379 -2.85 -24.33 -18.42
CA ASP B 379 -1.86 -25.39 -18.29
C ASP B 379 -1.89 -26.37 -19.45
N GLN B 380 -3.05 -26.53 -20.09
CA GLN B 380 -3.15 -27.52 -21.15
C GLN B 380 -2.92 -26.91 -22.51
N VAL B 381 -3.07 -25.58 -22.65
CA VAL B 381 -2.68 -24.94 -23.90
C VAL B 381 -1.16 -24.72 -23.95
N LEU B 382 -0.54 -24.34 -22.83
CA LEU B 382 0.90 -24.08 -22.87
C LEU B 382 1.72 -25.37 -22.82
N ASN B 383 1.38 -26.31 -21.94
CA ASN B 383 2.31 -27.39 -21.64
C ASN B 383 2.01 -28.67 -22.39
N HIS B 384 0.76 -28.90 -22.77
CA HIS B 384 0.41 -30.16 -23.42
C HIS B 384 0.20 -30.02 -24.92
N GLY B 385 0.35 -28.83 -25.49
CA GLY B 385 0.25 -28.64 -26.92
C GLY B 385 -1.12 -28.89 -27.51
N MET B 386 -2.14 -28.23 -26.97
CA MET B 386 -3.52 -28.36 -27.47
C MET B 386 -3.93 -27.01 -28.05
N ALA B 387 -3.67 -26.83 -29.34
CA ALA B 387 -3.86 -25.53 -29.98
C ALA B 387 -5.29 -25.35 -30.49
N ALA B 388 -5.99 -26.45 -30.77
CA ALA B 388 -7.37 -26.34 -31.21
C ALA B 388 -8.30 -25.90 -30.10
N LEU B 389 -7.86 -26.01 -28.84
CA LEU B 389 -8.63 -25.47 -27.73
C LEU B 389 -8.47 -23.97 -27.61
N GLY B 390 -7.27 -23.46 -27.87
CA GLY B 390 -7.04 -22.03 -27.82
C GLY B 390 -7.50 -21.27 -29.04
N GLN B 391 -7.56 -21.95 -30.19
CA GLN B 391 -8.12 -21.31 -31.38
C GLN B 391 -9.63 -21.19 -31.31
N SER B 392 -10.28 -22.05 -30.55
CA SER B 392 -11.73 -22.03 -30.36
C SER B 392 -12.21 -20.86 -29.53
N ALA B 393 -11.37 -20.34 -28.64
CA ALA B 393 -11.73 -19.19 -27.81
C ALA B 393 -11.83 -17.90 -28.61
N ILE B 394 -11.36 -17.89 -29.86
CA ILE B 394 -11.42 -16.70 -30.70
C ILE B 394 -12.57 -16.76 -31.69
N ASP B 395 -12.84 -17.93 -32.28
CA ASP B 395 -13.87 -18.04 -33.31
C ASP B 395 -15.21 -18.51 -32.75
N ASP B 396 -15.22 -19.20 -31.62
CA ASP B 396 -16.46 -19.76 -31.05
C ASP B 396 -16.31 -19.86 -29.55
N PRO B 397 -16.48 -18.76 -28.82
CA PRO B 397 -16.29 -18.78 -27.36
C PRO B 397 -17.33 -19.58 -26.59
N SER B 398 -18.33 -20.14 -27.25
CA SER B 398 -19.39 -20.87 -26.57
C SER B 398 -19.10 -22.37 -26.45
N MET B 399 -18.09 -22.88 -27.15
CA MET B 399 -17.79 -24.30 -27.17
C MET B 399 -16.50 -24.65 -26.45
N THR B 400 -15.83 -23.67 -25.84
CA THR B 400 -14.51 -23.94 -25.27
C THR B 400 -14.60 -24.78 -23.99
N LEU B 401 -15.63 -24.53 -23.17
CA LEU B 401 -15.77 -25.26 -21.92
C LEU B 401 -15.98 -26.75 -22.16
N TYR B 402 -16.75 -27.11 -23.18
CA TYR B 402 -17.00 -28.51 -23.46
C TYR B 402 -15.76 -29.18 -24.05
N LEU B 403 -15.00 -28.45 -24.85
CA LEU B 403 -13.73 -28.96 -25.36
C LEU B 403 -12.75 -29.21 -24.23
N LEU B 404 -12.77 -28.40 -23.17
CA LEU B 404 -11.93 -28.69 -22.02
C LEU B 404 -12.47 -29.86 -21.20
N LEU B 405 -13.78 -29.92 -20.99
CA LEU B 405 -14.37 -30.96 -20.16
C LEU B 405 -14.34 -32.34 -20.81
N GLU B 406 -14.16 -32.42 -22.13
CA GLU B 406 -14.13 -33.74 -22.75
C GLU B 406 -12.82 -34.48 -22.56
N THR B 407 -11.86 -33.92 -21.82
CA THR B 407 -10.60 -34.59 -21.53
C THR B 407 -10.54 -35.14 -20.10
N TYR B 408 -11.69 -35.48 -19.52
CA TYR B 408 -11.81 -35.94 -18.15
C TYR B 408 -12.47 -37.30 -18.11
N PRO B 409 -12.43 -38.01 -16.98
CA PRO B 409 -13.13 -39.29 -16.88
C PRO B 409 -14.65 -39.10 -16.85
N TRP B 410 -15.35 -40.00 -17.54
CA TRP B 410 -16.82 -39.96 -17.63
C TRP B 410 -17.30 -38.60 -18.12
N SER B 411 -16.90 -38.26 -19.34
CA SER B 411 -17.10 -36.91 -19.84
C SER B 411 -18.54 -36.60 -20.22
N LYS B 412 -19.32 -37.60 -20.61
CA LYS B 412 -20.69 -37.35 -21.03
C LYS B 412 -21.68 -37.29 -19.88
N THR B 413 -21.23 -37.54 -18.65
CA THR B 413 -22.09 -37.33 -17.49
C THR B 413 -21.85 -35.99 -16.84
N VAL B 414 -20.60 -35.53 -16.81
CA VAL B 414 -20.27 -34.23 -16.24
C VAL B 414 -20.91 -33.11 -17.05
N ILE B 415 -20.97 -33.27 -18.37
CA ILE B 415 -21.55 -32.23 -19.23
C ILE B 415 -23.06 -32.15 -19.03
N ALA B 416 -23.72 -33.30 -18.91
CA ALA B 416 -25.16 -33.33 -18.66
C ALA B 416 -25.50 -32.76 -17.29
N VAL B 417 -24.58 -32.87 -16.33
CA VAL B 417 -24.81 -32.23 -15.03
C VAL B 417 -24.59 -30.72 -15.12
N THR B 418 -23.56 -30.30 -15.86
CA THR B 418 -23.26 -28.87 -16.01
C THR B 418 -24.42 -28.11 -16.65
N VAL B 419 -25.02 -28.70 -17.69
CA VAL B 419 -26.14 -28.04 -18.36
C VAL B 419 -27.27 -27.74 -17.38
N PHE B 420 -27.64 -28.75 -16.59
CA PHE B 420 -28.72 -28.60 -15.60
C PHE B 420 -28.36 -27.55 -14.55
N ILE B 421 -27.14 -27.59 -14.03
CA ILE B 421 -26.74 -26.64 -12.99
C ILE B 421 -26.81 -25.21 -13.52
N SER B 422 -26.33 -24.99 -14.73
CA SER B 422 -26.37 -23.70 -15.36
C SER B 422 -27.80 -23.20 -15.58
N PHE B 423 -28.74 -24.03 -16.03
CA PHE B 423 -30.14 -23.65 -16.17
C PHE B 423 -30.76 -23.26 -14.84
N VAL B 424 -30.45 -24.01 -13.78
CA VAL B 424 -31.05 -23.70 -12.48
C VAL B 424 -30.48 -22.39 -11.91
N PHE B 425 -29.19 -22.13 -12.14
CA PHE B 425 -28.63 -20.83 -11.75
C PHE B 425 -29.39 -19.68 -12.39
N PHE B 426 -29.61 -19.74 -13.71
CA PHE B 426 -30.32 -18.64 -14.34
C PHE B 426 -31.74 -18.49 -13.79
N VAL B 427 -32.45 -19.60 -13.57
CA VAL B 427 -33.82 -19.50 -13.10
C VAL B 427 -33.89 -18.83 -11.73
N THR B 428 -33.02 -19.25 -10.81
CA THR B 428 -33.05 -18.65 -9.46
C THR B 428 -32.52 -17.23 -9.44
N SER B 429 -31.87 -16.75 -10.49
CA SER B 429 -31.54 -15.33 -10.55
C SER B 429 -32.63 -14.47 -11.20
N ALA B 430 -33.22 -14.92 -12.32
CA ALA B 430 -34.30 -14.17 -12.95
C ALA B 430 -35.56 -14.11 -12.09
N ASP B 431 -35.87 -15.18 -11.35
CA ASP B 431 -37.06 -15.17 -10.50
C ASP B 431 -37.02 -14.04 -9.48
N SER B 432 -35.86 -13.80 -8.87
CA SER B 432 -35.70 -12.71 -7.92
C SER B 432 -35.61 -11.34 -8.59
N GLY B 433 -35.20 -11.28 -9.85
CA GLY B 433 -35.16 -10.01 -10.55
C GLY B 433 -36.54 -9.42 -10.83
N THR B 434 -37.48 -10.26 -11.23
CA THR B 434 -38.81 -9.77 -11.59
C THR B 434 -39.56 -9.21 -10.39
N VAL B 435 -39.37 -9.80 -9.21
CA VAL B 435 -40.03 -9.32 -8.00
C VAL B 435 -39.55 -7.93 -7.64
N VAL B 436 -38.24 -7.72 -7.64
CA VAL B 436 -37.68 -6.40 -7.35
C VAL B 436 -38.09 -5.39 -8.40
N LEU B 437 -38.18 -5.81 -9.67
CA LEU B 437 -38.64 -4.89 -10.71
C LEU B 437 -40.08 -4.46 -10.48
N SER B 438 -40.96 -5.39 -10.06
CA SER B 438 -42.33 -5.00 -9.74
C SER B 438 -42.42 -4.14 -8.50
N THR B 439 -41.46 -4.25 -7.57
CA THR B 439 -41.45 -3.40 -6.39
C THR B 439 -40.97 -1.99 -6.67
N LEU B 440 -39.97 -1.82 -7.55
CA LEU B 440 -39.45 -0.50 -7.87
C LEU B 440 -40.47 0.39 -8.58
N SER B 441 -41.57 -0.17 -9.08
CA SER B 441 -42.57 0.61 -9.79
C SER B 441 -43.94 0.58 -9.12
N ALA B 442 -43.98 0.32 -7.82
CA ALA B 442 -45.22 0.32 -7.05
C ALA B 442 -45.18 1.39 -5.97
N LYS B 443 -46.31 1.53 -5.28
CA LYS B 443 -46.45 2.59 -4.29
C LYS B 443 -47.63 2.28 -3.38
N GLY B 444 -47.39 2.28 -2.07
CA GLY B 444 -48.44 2.09 -1.08
C GLY B 444 -48.23 0.83 -0.27
N GLY B 445 -49.24 0.53 0.55
CA GLY B 445 -49.26 -0.70 1.33
C GLY B 445 -48.24 -0.71 2.47
N ASN B 446 -47.87 -1.94 2.89
CA ASN B 446 -46.88 -2.14 3.93
C ASN B 446 -45.48 -2.02 3.36
N PRO B 447 -44.54 -1.43 4.10
CA PRO B 447 -43.14 -1.40 3.66
C PRO B 447 -42.35 -2.66 4.01
N ASP B 448 -42.97 -3.82 3.78
CA ASP B 448 -42.24 -5.08 3.78
C ASP B 448 -42.74 -6.06 2.73
N GLU B 449 -43.72 -5.68 1.91
CA GLU B 449 -44.30 -6.55 0.90
C GLU B 449 -43.91 -6.07 -0.49
N ASP B 450 -44.19 -6.92 -1.48
CA ASP B 450 -43.78 -6.67 -2.85
C ASP B 450 -44.94 -6.12 -3.67
N GLY B 451 -44.65 -5.69 -4.90
CA GLY B 451 -45.63 -5.06 -5.74
C GLY B 451 -46.65 -6.05 -6.29
N PRO B 452 -47.59 -5.54 -7.09
CA PRO B 452 -48.60 -6.42 -7.68
C PRO B 452 -47.99 -7.47 -8.59
N LYS B 453 -48.81 -8.47 -8.92
CA LYS B 453 -48.35 -9.66 -9.63
C LYS B 453 -48.49 -9.55 -11.14
N TRP B 454 -49.19 -8.55 -11.66
CA TRP B 454 -49.28 -8.38 -13.11
C TRP B 454 -48.10 -7.60 -13.68
N LEU B 455 -47.24 -7.05 -12.83
CA LEU B 455 -46.05 -6.33 -13.30
C LEU B 455 -44.85 -7.25 -13.48
N ARG B 456 -44.80 -8.38 -12.77
CA ARG B 456 -43.75 -9.36 -12.99
C ARG B 456 -43.81 -9.93 -14.40
N VAL B 457 -45.00 -10.31 -14.86
CA VAL B 457 -45.18 -10.78 -16.23
C VAL B 457 -44.76 -9.72 -17.23
N PHE B 458 -45.15 -8.46 -16.99
CA PHE B 458 -44.82 -7.38 -17.91
C PHE B 458 -43.32 -7.19 -18.03
N TRP B 459 -42.64 -7.07 -16.89
CA TRP B 459 -41.20 -6.82 -16.92
C TRP B 459 -40.40 -8.06 -17.31
N GLY B 460 -41.01 -9.24 -17.35
CA GLY B 460 -40.33 -10.39 -17.93
C GLY B 460 -40.46 -10.45 -19.44
N VAL B 461 -41.67 -10.20 -19.95
CA VAL B 461 -41.85 -10.17 -21.40
C VAL B 461 -41.05 -9.04 -22.04
N ALA B 462 -40.91 -7.91 -21.33
CA ALA B 462 -40.08 -6.83 -21.85
C ALA B 462 -38.62 -7.24 -22.02
N THR B 463 -38.05 -7.93 -21.03
CA THR B 463 -36.67 -8.41 -21.13
C THR B 463 -36.53 -9.42 -22.25
N ALA B 464 -37.50 -10.34 -22.39
CA ALA B 464 -37.46 -11.28 -23.51
C ALA B 464 -37.42 -10.56 -24.85
N LEU B 465 -38.24 -9.51 -25.01
CA LEU B 465 -38.27 -8.76 -26.26
C LEU B 465 -36.93 -8.08 -26.53
N ILE B 466 -36.34 -7.46 -25.51
CA ILE B 466 -35.07 -6.77 -25.68
C ILE B 466 -33.97 -7.75 -26.08
N THR B 467 -33.91 -8.91 -25.41
CA THR B 467 -32.89 -9.92 -25.73
C THR B 467 -33.06 -10.43 -27.16
N SER B 468 -34.30 -10.77 -27.54
CA SER B 468 -34.55 -11.22 -28.90
C SER B 468 -34.11 -10.20 -29.93
N GLY B 469 -34.36 -8.91 -29.67
CA GLY B 469 -33.96 -7.89 -30.62
C GLY B 469 -32.46 -7.71 -30.72
N LEU B 470 -31.76 -7.71 -29.59
CA LEU B 470 -30.31 -7.49 -29.60
C LEU B 470 -29.51 -8.69 -30.10
N LEU B 471 -29.93 -9.92 -30.04
CA LEU B 471 -29.14 -11.01 -30.57
C LEU B 471 -29.22 -11.19 -32.05
N PHE B 472 -30.36 -10.95 -32.66
CA PHE B 472 -30.54 -11.13 -34.09
C PHE B 472 -30.05 -9.97 -34.94
N SER B 473 -29.28 -9.07 -34.37
CA SER B 473 -28.76 -7.91 -35.09
C SER B 473 -27.25 -7.76 -35.01
N GLY B 474 -26.60 -8.24 -33.95
CA GLY B 474 -25.15 -8.17 -33.89
C GLY B 474 -24.48 -9.16 -32.98
N SER B 475 -25.22 -10.10 -32.42
CA SER B 475 -24.70 -11.08 -31.46
C SER B 475 -24.01 -10.50 -30.24
N ILE B 476 -22.81 -10.96 -29.94
CA ILE B 476 -22.11 -10.54 -28.74
C ILE B 476 -21.66 -9.11 -28.70
N ASP B 477 -21.44 -8.44 -29.82
CA ASP B 477 -20.98 -7.07 -29.68
C ASP B 477 -22.10 -6.06 -29.50
N ALA B 478 -23.36 -6.45 -29.72
CA ALA B 478 -24.48 -5.54 -29.53
C ALA B 478 -24.91 -5.43 -28.08
N LEU B 479 -24.86 -6.56 -27.36
CA LEU B 479 -25.17 -6.54 -25.93
C LEU B 479 -24.18 -5.66 -25.16
N LYS B 480 -22.89 -5.82 -25.44
CA LYS B 480 -21.86 -5.03 -24.78
C LYS B 480 -22.00 -3.54 -25.10
N SER B 481 -22.53 -3.20 -26.28
CA SER B 481 -22.69 -1.80 -26.62
C SER B 481 -23.92 -1.19 -25.94
N ALA B 482 -25.03 -1.93 -25.93
CA ALA B 482 -26.25 -1.42 -25.31
C ALA B 482 -26.05 -1.18 -23.81
N VAL B 483 -25.36 -2.08 -23.12
CA VAL B 483 -25.14 -1.90 -21.69
C VAL B 483 -24.32 -0.64 -21.43
N VAL B 484 -23.23 -0.46 -22.19
CA VAL B 484 -22.34 0.67 -21.97
C VAL B 484 -23.06 1.99 -22.28
N LEU B 485 -23.95 1.97 -23.27
CA LEU B 485 -24.67 3.20 -23.57
C LEU B 485 -25.75 3.51 -22.54
N THR B 486 -26.43 2.50 -22.01
CA THR B 486 -27.56 2.77 -21.12
C THR B 486 -27.19 2.90 -19.65
N SER B 487 -25.95 2.59 -19.25
CA SER B 487 -25.58 2.78 -17.86
C SER B 487 -24.99 4.16 -17.56
N LEU B 488 -25.07 5.11 -18.49
CA LEU B 488 -24.43 6.41 -18.26
C LEU B 488 -25.20 7.35 -17.33
N PRO B 489 -26.52 7.51 -17.45
CA PRO B 489 -27.21 8.47 -16.57
C PRO B 489 -27.37 8.00 -15.12
N PHE B 490 -27.04 6.76 -14.79
CA PHE B 490 -27.25 6.29 -13.41
C PHE B 490 -26.01 6.50 -12.53
N SER B 491 -24.83 6.64 -13.14
CA SER B 491 -23.62 6.92 -12.38
C SER B 491 -23.67 8.27 -11.68
N LEU B 492 -24.24 9.27 -12.35
CA LEU B 492 -24.40 10.59 -11.74
C LEU B 492 -25.39 10.56 -10.58
N ILE B 493 -26.47 9.80 -10.73
CA ILE B 493 -27.41 9.61 -9.64
C ILE B 493 -26.72 8.95 -8.45
N LEU B 494 -25.84 7.99 -8.71
CA LEU B 494 -25.09 7.37 -7.61
C LEU B 494 -24.20 8.39 -6.89
N LEU B 495 -23.59 9.31 -7.64
CA LEU B 495 -22.80 10.36 -7.01
C LEU B 495 -23.68 11.27 -6.13
N LEU B 496 -24.86 11.61 -6.62
CA LEU B 496 -25.79 12.42 -5.81
C LEU B 496 -26.19 11.69 -4.52
N MET B 497 -26.43 10.38 -4.61
CA MET B 497 -26.77 9.60 -3.42
C MET B 497 -25.62 9.57 -2.43
N MET B 498 -24.39 9.48 -2.92
CA MET B 498 -23.22 9.55 -2.05
C MET B 498 -23.17 10.89 -1.31
N TRP B 499 -23.44 11.98 -2.02
CA TRP B 499 -23.49 13.30 -1.38
C TRP B 499 -24.54 13.35 -0.27
N GLY B 500 -25.74 12.82 -0.55
CA GLY B 500 -26.79 12.83 0.46
C GLY B 500 -26.45 12.01 1.69
N LEU B 501 -25.83 10.85 1.49
CA LEU B 501 -25.43 10.02 2.63
C LEU B 501 -24.37 10.72 3.48
N HIS B 502 -23.38 11.35 2.83
CA HIS B 502 -22.39 12.10 3.59
C HIS B 502 -23.04 13.23 4.39
N LYS B 503 -24.03 13.90 3.80
CA LYS B 503 -24.71 14.98 4.51
C LYS B 503 -25.54 14.47 5.69
N ALA B 504 -26.01 13.22 5.64
CA ALA B 504 -26.73 12.68 6.79
C ALA B 504 -25.78 12.24 7.91
N PHE B 505 -24.58 11.77 7.57
CA PHE B 505 -23.65 11.30 8.59
C PHE B 505 -23.22 12.41 9.54
N VAL B 506 -23.12 13.65 9.07
CA VAL B 506 -22.65 14.72 9.94
C VAL B 506 -23.69 15.09 10.98
N MET B 507 -24.97 15.07 10.61
CA MET B 507 -26.03 15.24 11.60
C MET B 507 -26.11 14.07 12.56
N GLU B 508 -25.71 12.87 12.14
CA GLU B 508 -25.49 11.79 13.10
C GLU B 508 -24.41 12.12 14.12
N SER B 509 -23.23 12.53 13.65
CA SER B 509 -22.10 12.80 14.54
C SER B 509 -22.37 13.95 15.51
N GLN B 510 -23.09 14.99 15.09
CA GLN B 510 -23.43 16.06 16.02
C GLN B 510 -24.44 15.62 17.06
N ARG B 511 -25.44 14.82 16.67
CA ARG B 511 -26.51 14.41 17.55
C ARG B 511 -26.07 13.39 18.59
N GLN B 512 -24.95 12.71 18.40
CA GLN B 512 -24.47 11.78 19.41
C GLN B 512 -23.70 12.47 20.54
N ILE B 513 -23.28 13.72 20.34
CA ILE B 513 -22.56 14.46 21.37
C ILE B 513 -23.30 15.69 21.85
N ALA B 514 -24.39 16.07 21.20
CA ALA B 514 -25.17 17.22 21.65
C ALA B 514 -26.58 16.80 22.05
N GLY C 13 2.11 -27.65 45.45
CA GLY C 13 3.23 -27.57 46.37
C GLY C 13 4.51 -27.12 45.71
N THR C 14 5.51 -28.00 45.71
CA THR C 14 6.77 -27.71 45.05
C THR C 14 6.68 -27.99 43.56
N VAL C 15 7.67 -27.51 42.82
CA VAL C 15 7.77 -27.82 41.40
C VAL C 15 8.14 -29.28 41.24
N ARG C 16 7.79 -29.87 40.10
CA ARG C 16 8.08 -31.25 39.81
C ARG C 16 7.95 -31.48 38.31
N MET C 17 8.05 -32.75 37.92
CA MET C 17 7.93 -33.14 36.52
C MET C 17 6.48 -33.41 36.16
N ASN C 18 6.12 -33.00 34.95
CA ASN C 18 4.79 -33.24 34.36
C ASN C 18 4.92 -34.48 33.48
N ALA C 19 4.77 -35.65 34.09
CA ALA C 19 5.12 -36.91 33.42
C ALA C 19 4.43 -37.13 32.09
N PRO C 20 3.12 -36.88 31.94
CA PRO C 20 2.49 -37.11 30.62
C PRO C 20 3.11 -36.30 29.49
N VAL C 21 3.69 -35.14 29.77
CA VAL C 21 4.37 -34.34 28.76
C VAL C 21 5.80 -34.80 28.56
N PHE C 22 6.51 -35.03 29.65
CA PHE C 22 7.91 -35.46 29.57
C PHE C 22 8.05 -36.76 28.79
N TYR C 23 7.26 -37.78 29.14
CA TYR C 23 7.42 -39.07 28.49
C TYR C 23 7.05 -39.01 27.01
N PHE C 24 5.97 -38.31 26.66
CA PHE C 24 5.62 -38.13 25.26
C PHE C 24 6.72 -37.41 24.48
N ALA C 25 7.27 -36.33 25.02
CA ALA C 25 8.26 -35.57 24.26
C ALA C 25 9.62 -36.27 24.22
N ALA C 26 9.95 -37.06 25.23
CA ALA C 26 11.26 -37.70 25.32
C ALA C 26 11.32 -39.05 24.62
N SER C 27 10.18 -39.67 24.32
CA SER C 27 10.22 -40.94 23.61
C SER C 27 10.34 -40.76 22.10
N PHE C 28 9.90 -39.62 21.57
CA PHE C 28 10.09 -39.29 20.17
C PHE C 28 11.54 -38.93 19.86
N ILE C 29 12.14 -38.05 20.67
CA ILE C 29 13.48 -37.55 20.39
C ILE C 29 14.50 -38.67 20.50
N LEU C 30 14.43 -39.47 21.57
CA LEU C 30 15.42 -40.51 21.78
C LEU C 30 15.30 -41.64 20.76
N ILE C 31 14.11 -41.85 20.20
CA ILE C 31 13.95 -42.88 19.18
C ILE C 31 14.39 -42.35 17.82
N PHE C 32 14.13 -41.08 17.53
CA PHE C 32 14.62 -40.49 16.29
C PHE C 32 16.14 -40.41 16.26
N GLY C 33 16.77 -40.08 17.39
CA GLY C 33 18.19 -39.87 17.43
C GLY C 33 19.07 -41.09 17.29
N ILE C 34 18.55 -42.28 17.57
CA ILE C 34 19.32 -43.52 17.47
C ILE C 34 19.26 -44.10 16.06
N ILE C 35 18.11 -43.98 15.39
CA ILE C 35 17.98 -44.47 14.03
C ILE C 35 18.94 -43.74 13.09
N VAL C 36 19.16 -42.45 13.33
CA VAL C 36 20.01 -41.67 12.43
C VAL C 36 21.48 -41.94 12.71
N ILE C 37 21.82 -42.32 13.94
CA ILE C 37 23.21 -42.57 14.28
C ILE C 37 23.61 -44.00 13.89
N ALA C 38 22.66 -44.93 13.95
CA ALA C 38 22.99 -46.31 13.62
C ALA C 38 22.97 -46.56 12.11
N PHE C 39 22.25 -45.73 11.35
CA PHE C 39 22.12 -45.88 9.90
C PHE C 39 22.33 -44.52 9.24
N PRO C 40 23.58 -44.09 9.09
CA PRO C 40 23.84 -42.77 8.51
C PRO C 40 23.62 -42.70 7.01
N GLN C 41 23.86 -43.78 6.28
CA GLN C 41 23.73 -43.77 4.82
C GLN C 41 22.30 -43.90 4.35
N ALA C 42 21.46 -44.66 5.06
CA ALA C 42 20.06 -44.80 4.67
C ALA C 42 19.24 -43.58 5.08
N SER C 43 19.69 -42.84 6.10
CA SER C 43 18.96 -41.68 6.59
C SER C 43 19.21 -40.43 5.77
N GLY C 44 20.36 -40.31 5.12
CA GLY C 44 20.64 -39.15 4.31
C GLY C 44 19.91 -39.13 2.99
N ALA C 45 19.50 -40.31 2.51
CA ALA C 45 18.73 -40.42 1.29
C ALA C 45 17.25 -40.10 1.51
N TRP C 46 16.66 -40.62 2.57
CA TRP C 46 15.29 -40.34 2.88
C TRP C 46 15.05 -38.91 3.28
N LEU C 47 15.95 -38.28 4.00
CA LEU C 47 15.81 -36.87 4.33
C LEU C 47 15.97 -35.99 3.09
N LEU C 48 16.76 -36.44 2.12
CA LEU C 48 16.90 -35.69 0.88
C LEU C 48 15.70 -35.88 -0.03
N ALA C 49 15.06 -37.05 0.03
CA ALA C 49 13.83 -37.27 -0.73
C ALA C 49 12.66 -36.48 -0.15
N ALA C 50 12.56 -36.40 1.17
CA ALA C 50 11.48 -35.64 1.81
C ALA C 50 11.58 -34.15 1.58
N GLN C 51 12.79 -33.61 1.39
CA GLN C 51 12.95 -32.17 1.20
C GLN C 51 12.39 -31.71 -0.14
N ASN C 52 12.48 -32.53 -1.18
CA ASN C 52 11.90 -32.18 -2.47
C ASN C 52 10.40 -32.42 -2.51
N TRP C 53 9.91 -33.39 -1.74
CA TRP C 53 8.47 -33.60 -1.64
C TRP C 53 7.79 -32.42 -0.96
N ALA C 54 8.37 -31.92 0.13
CA ALA C 54 7.73 -30.87 0.90
C ALA C 54 7.63 -29.57 0.11
N ALA C 55 8.71 -29.19 -0.58
CA ALA C 55 8.72 -27.93 -1.33
C ALA C 55 7.60 -27.85 -2.36
N ASN C 56 7.17 -28.99 -2.91
CA ASN C 56 6.11 -29.01 -3.89
C ASN C 56 4.74 -29.29 -3.30
N THR C 57 4.66 -29.98 -2.16
CA THR C 57 3.34 -30.36 -1.66
C THR C 57 2.81 -29.40 -0.59
N VAL C 58 3.67 -28.89 0.29
CA VAL C 58 3.19 -28.04 1.39
C VAL C 58 3.86 -26.67 1.36
N GLY C 59 4.30 -26.23 0.18
CA GLY C 59 4.94 -24.93 0.09
C GLY C 59 3.98 -23.77 0.17
N TRP C 60 2.82 -23.89 -0.48
CA TRP C 60 1.78 -22.87 -0.42
C TRP C 60 1.19 -22.70 0.98
N TYR C 61 1.16 -23.76 1.77
CA TYR C 61 0.55 -23.71 3.10
C TYR C 61 1.36 -22.84 4.05
N TYR C 62 2.69 -22.96 3.99
CA TYR C 62 3.54 -22.13 4.84
C TYR C 62 3.45 -20.66 4.48
N MET C 63 3.48 -20.36 3.18
CA MET C 63 3.33 -18.97 2.74
C MET C 63 1.96 -18.41 3.12
N MET C 64 0.94 -19.26 3.15
CA MET C 64 -0.39 -18.77 3.52
C MET C 64 -0.49 -18.51 5.01
N VAL C 65 0.10 -19.36 5.85
CA VAL C 65 -0.06 -19.19 7.30
C VAL C 65 0.90 -18.17 7.91
N MET C 66 2.07 -17.93 7.29
CA MET C 66 2.98 -16.96 7.91
C MET C 66 2.48 -15.53 7.82
N THR C 67 1.60 -15.22 6.87
CA THR C 67 1.10 -13.86 6.73
C THR C 67 -0.06 -13.57 7.68
N LEU C 68 -0.81 -14.61 8.06
CA LEU C 68 -1.91 -14.46 9.00
C LEU C 68 -1.42 -13.95 10.35
N TYR C 69 -0.33 -14.50 10.86
CA TYR C 69 0.18 -14.05 12.17
C TYR C 69 0.54 -12.57 12.15
N LEU C 70 1.23 -12.13 11.10
CA LEU C 70 1.65 -10.74 11.01
C LEU C 70 0.45 -9.80 10.89
N VAL C 71 -0.51 -10.15 10.01
CA VAL C 71 -1.68 -9.29 9.85
C VAL C 71 -2.48 -9.22 11.15
N PHE C 72 -2.61 -10.35 11.85
CA PHE C 72 -3.33 -10.37 13.12
C PHE C 72 -2.67 -9.45 14.14
N VAL C 73 -1.36 -9.59 14.35
CA VAL C 73 -0.72 -8.79 15.39
C VAL C 73 -0.65 -7.32 15.03
N VAL C 74 -0.64 -6.98 13.74
CA VAL C 74 -0.62 -5.55 13.39
C VAL C 74 -2.01 -4.94 13.56
N VAL C 75 -3.05 -5.63 13.10
CA VAL C 75 -4.39 -5.09 13.22
C VAL C 75 -4.81 -4.99 14.69
N THR C 76 -4.37 -5.94 15.51
CA THR C 76 -4.70 -5.87 16.93
C THR C 76 -4.09 -4.65 17.61
N ALA C 77 -2.83 -4.33 17.30
CA ALA C 77 -2.17 -3.21 17.92
C ALA C 77 -2.63 -1.86 17.39
N LEU C 78 -3.10 -1.79 16.15
CA LEU C 78 -3.61 -0.54 15.61
C LEU C 78 -5.04 -0.22 16.02
N SER C 79 -5.78 -1.18 16.56
CA SER C 79 -7.19 -0.99 16.90
C SER C 79 -7.31 -0.51 18.34
N GLY C 80 -8.53 -0.53 18.88
CA GLY C 80 -8.78 -0.10 20.24
C GLY C 80 -8.38 -1.09 21.30
N PHE C 81 -8.06 -2.33 20.91
CA PHE C 81 -7.56 -3.33 21.85
C PHE C 81 -6.12 -3.07 22.25
N GLY C 82 -5.40 -2.20 21.55
CA GLY C 82 -4.06 -1.85 21.93
C GLY C 82 -3.94 -1.04 23.19
N LYS C 83 -5.06 -0.72 23.83
CA LYS C 83 -5.09 0.03 25.08
C LYS C 83 -5.11 -0.89 26.31
N ILE C 84 -5.31 -2.18 26.12
CA ILE C 84 -5.43 -3.11 27.24
C ILE C 84 -4.07 -3.32 27.88
N LYS C 85 -4.02 -3.28 29.20
CA LYS C 85 -2.80 -3.55 29.93
C LYS C 85 -2.54 -5.05 30.00
N LEU C 86 -1.26 -5.40 30.09
CA LEU C 86 -0.86 -6.80 30.21
C LEU C 86 -0.73 -7.24 31.66
N GLY C 87 -1.51 -6.64 32.56
CA GLY C 87 -1.59 -7.09 33.94
C GLY C 87 -2.91 -6.63 34.52
N ALA C 88 -2.90 -6.12 35.75
CA ALA C 88 -4.04 -5.38 36.26
C ALA C 88 -3.93 -3.93 35.81
N ASP C 89 -5.06 -3.21 35.82
CA ASP C 89 -5.10 -1.87 35.25
C ASP C 89 -4.37 -0.83 36.09
N HIS C 90 -3.80 -1.21 37.23
CA HIS C 90 -3.12 -0.23 38.08
C HIS C 90 -1.72 -0.64 38.52
N ASP C 91 -1.10 -1.65 37.91
CA ASP C 91 0.29 -1.97 38.22
C ASP C 91 1.23 -1.40 37.16
N GLU C 92 2.50 -1.25 37.52
CA GLU C 92 3.52 -0.61 36.71
C GLU C 92 4.59 -1.60 36.26
N PRO C 93 5.29 -1.30 35.15
CA PRO C 93 6.40 -2.15 34.71
C PRO C 93 7.49 -2.30 35.76
N GLU C 94 8.36 -3.29 35.57
CA GLU C 94 9.39 -3.64 36.54
C GLU C 94 10.79 -3.47 35.98
N PHE C 95 10.92 -2.92 34.78
CA PHE C 95 12.23 -2.86 34.17
C PHE C 95 12.43 -1.52 33.54
N SER C 96 13.65 -1.19 33.17
CA SER C 96 13.95 0.16 32.67
C SER C 96 13.91 0.41 31.19
N TYR C 97 13.28 -0.47 30.44
CA TYR C 97 13.22 -0.32 29.00
C TYR C 97 14.59 -0.54 28.45
N LEU C 98 15.59 0.02 29.11
CA LEU C 98 16.96 -0.17 28.69
C LEU C 98 17.35 -1.59 28.96
N SER C 99 16.88 -2.13 30.07
CA SER C 99 17.19 -3.50 30.43
C SER C 99 16.14 -4.41 29.80
N TRP C 100 15.07 -3.83 29.30
CA TRP C 100 14.05 -4.60 28.61
C TRP C 100 14.51 -4.72 27.18
N ALA C 101 14.93 -3.61 26.61
CA ALA C 101 15.38 -3.63 25.22
C ALA C 101 16.59 -4.55 25.03
N GLY C 102 17.54 -4.53 25.97
CA GLY C 102 18.74 -5.32 25.84
C GLY C 102 18.55 -6.80 26.07
N MET C 103 17.49 -7.21 26.75
CA MET C 103 17.24 -8.62 27.01
C MET C 103 16.57 -9.31 25.83
N LEU C 104 16.07 -8.56 24.85
CA LEU C 104 15.55 -9.14 23.62
C LEU C 104 16.66 -9.56 22.68
N PHE C 105 17.77 -8.81 22.63
CA PHE C 105 18.92 -9.17 21.81
C PHE C 105 19.52 -10.49 22.24
N ALA C 106 19.83 -10.63 23.53
CA ALA C 106 20.52 -11.81 24.04
C ALA C 106 19.78 -13.11 23.68
N ALA C 107 18.45 -13.07 23.66
CA ALA C 107 17.68 -14.28 23.37
C ALA C 107 17.35 -14.43 21.89
N GLY C 108 17.20 -13.32 21.17
CA GLY C 108 16.77 -13.40 19.79
C GLY C 108 17.85 -13.82 18.82
N ILE C 109 18.99 -13.15 18.85
CA ILE C 109 20.04 -13.37 17.86
C ILE C 109 21.04 -14.39 18.39
N SER C 110 21.70 -15.09 17.48
CA SER C 110 22.58 -16.21 17.82
C SER C 110 23.77 -16.20 16.86
N ILE C 111 24.50 -17.31 16.85
CA ILE C 111 25.71 -17.46 16.06
C ILE C 111 25.45 -17.58 14.56
N THR C 112 24.21 -17.87 14.16
CA THR C 112 23.91 -18.05 12.74
C THR C 112 23.84 -16.73 11.98
N LEU C 113 24.00 -15.60 12.66
CA LEU C 113 24.08 -14.32 11.98
C LEU C 113 25.42 -14.15 11.26
N PHE C 114 26.44 -14.89 11.69
CA PHE C 114 27.75 -14.88 11.04
C PHE C 114 27.85 -15.87 9.89
N PHE C 115 27.00 -16.88 9.84
CA PHE C 115 27.06 -17.90 8.80
C PHE C 115 26.37 -17.49 7.51
N PHE C 116 25.37 -16.62 7.57
CA PHE C 116 24.55 -16.26 6.42
C PHE C 116 24.79 -14.84 5.95
N CYS C 117 25.62 -14.05 6.64
CA CYS C 117 25.69 -12.62 6.38
C CYS C 117 26.40 -12.30 5.06
N VAL C 118 27.33 -13.15 4.63
CA VAL C 118 28.11 -12.91 3.43
C VAL C 118 27.85 -13.95 2.36
N SER C 119 27.65 -15.22 2.74
CA SER C 119 27.58 -16.28 1.74
C SER C 119 26.20 -16.39 1.11
N GLU C 120 25.16 -15.88 1.75
CA GLU C 120 23.82 -16.01 1.18
C GLU C 120 23.56 -14.99 0.08
N PRO C 121 23.90 -13.70 0.25
CA PRO C 121 23.72 -12.76 -0.88
C PRO C 121 24.61 -13.06 -2.07
N LEU C 122 25.78 -13.69 -1.87
CA LEU C 122 26.63 -14.06 -2.98
C LEU C 122 26.12 -15.28 -3.74
N THR C 123 25.22 -16.06 -3.14
CA THR C 123 24.59 -17.19 -3.79
C THR C 123 23.42 -16.77 -4.66
N HIS C 124 22.62 -15.80 -4.20
CA HIS C 124 21.50 -15.28 -4.97
C HIS C 124 21.94 -14.42 -6.13
N LEU C 125 23.20 -14.01 -6.18
CA LEU C 125 23.72 -13.21 -7.29
C LEU C 125 24.17 -14.10 -8.45
N LEU C 126 24.81 -15.22 -8.15
CA LEU C 126 25.31 -16.13 -9.17
C LEU C 126 24.31 -17.20 -9.57
N GLN C 127 23.27 -17.45 -8.76
CA GLN C 127 22.23 -18.43 -9.08
C GLN C 127 20.88 -17.89 -8.63
N PRO C 128 20.34 -16.91 -9.35
CA PRO C 128 19.06 -16.32 -8.93
C PRO C 128 17.90 -17.29 -9.14
N PRO C 129 16.81 -17.13 -8.38
CA PRO C 129 15.64 -17.98 -8.63
C PRO C 129 14.94 -17.69 -9.94
N GLN C 130 15.13 -16.50 -10.53
CA GLN C 130 14.57 -16.19 -11.84
C GLN C 130 15.42 -15.08 -12.45
N GLY C 131 15.80 -15.26 -13.71
CA GLY C 131 16.59 -14.27 -14.41
C GLY C 131 17.96 -14.80 -14.77
N GLU C 132 18.87 -13.89 -15.08
CA GLU C 132 20.23 -14.23 -15.47
C GLU C 132 21.19 -13.65 -14.45
N GLY C 133 22.23 -14.40 -14.12
CA GLY C 133 23.07 -14.09 -12.99
C GLY C 133 24.30 -13.27 -13.32
N GLY C 134 24.84 -12.62 -12.29
CA GLY C 134 26.05 -11.85 -12.39
C GLY C 134 25.86 -10.40 -12.79
N THR C 135 24.62 -9.94 -12.94
CA THR C 135 24.34 -8.60 -13.40
C THR C 135 23.86 -7.72 -12.25
N ALA C 136 23.34 -6.55 -12.59
CA ALA C 136 23.01 -5.54 -11.60
C ALA C 136 21.58 -5.63 -11.07
N GLU C 137 20.71 -6.40 -11.72
CA GLU C 137 19.41 -6.68 -11.11
C GLU C 137 19.46 -7.94 -10.25
N ALA C 138 20.40 -8.84 -10.51
CA ALA C 138 20.59 -9.98 -9.61
C ALA C 138 20.98 -9.53 -8.22
N ALA C 139 21.83 -8.49 -8.12
CA ALA C 139 22.26 -7.99 -6.83
C ALA C 139 21.12 -7.28 -6.10
N ARG C 140 20.36 -6.47 -6.83
CA ARG C 140 19.21 -5.77 -6.27
C ARG C 140 18.14 -6.75 -5.79
N GLN C 141 17.98 -7.88 -6.47
CA GLN C 141 16.99 -8.87 -6.06
C GLN C 141 17.49 -9.73 -4.90
N GLY C 142 18.79 -10.03 -4.87
CA GLY C 142 19.34 -10.80 -3.76
C GLY C 142 19.33 -10.04 -2.44
N MET C 143 19.68 -8.76 -2.47
CA MET C 143 19.61 -7.96 -1.26
C MET C 143 18.18 -7.71 -0.81
N GLN C 144 17.19 -8.08 -1.61
CA GLN C 144 15.78 -7.98 -1.27
C GLN C 144 15.25 -9.28 -0.67
N LEU C 145 15.66 -10.42 -1.24
CA LEU C 145 15.39 -11.70 -0.59
C LEU C 145 16.04 -11.77 0.79
N LEU C 146 17.23 -11.19 0.95
CA LEU C 146 17.89 -11.20 2.26
C LEU C 146 17.13 -10.38 3.28
N PHE C 147 16.52 -9.27 2.86
CA PHE C 147 15.69 -8.48 3.77
C PHE C 147 14.37 -9.19 4.08
N LEU C 148 13.82 -9.91 3.12
CA LEU C 148 12.59 -10.66 3.36
C LEU C 148 12.83 -11.78 4.38
N HIS C 149 13.98 -12.45 4.30
CA HIS C 149 14.23 -13.60 5.16
C HIS C 149 14.57 -13.24 6.60
N TRP C 150 14.86 -11.97 6.90
CA TRP C 150 15.27 -11.56 8.24
C TRP C 150 14.48 -10.35 8.72
N GLY C 151 13.26 -10.16 8.23
CA GLY C 151 12.53 -8.93 8.48
C GLY C 151 11.29 -9.08 9.35
N LEU C 152 10.18 -8.50 8.89
CA LEU C 152 8.99 -8.37 9.73
C LEU C 152 8.28 -9.70 9.95
N HIS C 153 8.30 -10.59 8.96
CA HIS C 153 7.59 -11.86 9.08
C HIS C 153 8.08 -12.68 10.26
N GLY C 154 9.39 -12.70 10.51
CA GLY C 154 9.92 -13.52 11.58
C GLY C 154 9.65 -12.95 12.96
N TRP C 155 9.87 -11.65 13.13
CA TRP C 155 9.59 -11.00 14.40
C TRP C 155 8.11 -10.83 14.69
N GLY C 156 7.24 -11.08 13.71
CA GLY C 156 5.81 -10.97 13.94
C GLY C 156 5.17 -12.17 14.60
N VAL C 157 5.84 -13.33 14.61
CA VAL C 157 5.28 -14.53 15.24
C VAL C 157 5.76 -14.61 16.69
N PHE C 158 6.97 -14.09 16.94
CA PHE C 158 7.45 -13.95 18.31
C PHE C 158 6.50 -13.08 19.13
N ALA C 159 6.11 -11.94 18.57
CA ALA C 159 5.21 -11.04 19.27
C ALA C 159 3.84 -11.67 19.49
N PHE C 160 3.36 -12.44 18.53
CA PHE C 160 2.08 -13.12 18.68
C PHE C 160 2.11 -14.09 19.85
N VAL C 161 3.13 -14.95 19.90
CA VAL C 161 3.21 -15.92 20.99
C VAL C 161 3.39 -15.23 22.33
N GLY C 162 4.23 -14.18 22.38
CA GLY C 162 4.46 -13.49 23.63
C GLY C 162 3.22 -12.81 24.17
N MET C 163 2.49 -12.10 23.31
CA MET C 163 1.25 -11.45 23.72
C MET C 163 0.21 -12.47 24.19
N ALA C 164 0.05 -13.57 23.44
CA ALA C 164 -0.92 -14.57 23.85
C ALA C 164 -0.56 -15.22 25.18
N LEU C 165 0.73 -15.41 25.45
CA LEU C 165 1.14 -15.98 26.73
C LEU C 165 0.97 -15.01 27.89
N ALA C 166 1.29 -13.73 27.70
CA ALA C 166 1.20 -12.78 28.80
C ALA C 166 -0.25 -12.44 29.13
N TYR C 167 -1.12 -12.37 28.11
CA TYR C 167 -2.50 -11.95 28.34
C TYR C 167 -3.24 -12.93 29.26
N PHE C 168 -3.16 -14.22 28.99
CA PHE C 168 -3.90 -15.22 29.75
C PHE C 168 -3.29 -15.49 31.12
N ALA C 169 -2.08 -15.03 31.37
CA ALA C 169 -1.42 -15.28 32.65
C ALA C 169 -1.50 -14.10 33.60
N TYR C 170 -1.42 -12.87 33.11
CA TYR C 170 -1.41 -11.71 33.99
C TYR C 170 -2.78 -11.07 34.16
N ARG C 171 -3.76 -11.41 33.32
CA ARG C 171 -5.11 -10.90 33.49
C ARG C 171 -6.12 -11.94 33.95
N HIS C 172 -5.97 -13.21 33.59
CA HIS C 172 -6.93 -14.24 33.97
C HIS C 172 -6.40 -15.19 35.02
N ASN C 173 -5.16 -15.01 35.49
CA ASN C 173 -4.56 -15.81 36.55
C ASN C 173 -4.54 -17.30 36.18
N LEU C 174 -4.05 -17.57 34.98
CA LEU C 174 -3.87 -18.92 34.47
C LEU C 174 -2.38 -19.23 34.41
N PRO C 175 -2.01 -20.51 34.34
CA PRO C 175 -0.58 -20.85 34.24
C PRO C 175 0.08 -20.22 33.03
N LEU C 176 1.40 -20.07 33.10
CA LEU C 176 2.20 -19.59 31.98
C LEU C 176 2.57 -20.78 31.12
N ALA C 177 1.68 -21.13 30.19
CA ALA C 177 1.83 -22.33 29.38
C ALA C 177 1.18 -22.09 28.02
N LEU C 178 1.53 -22.94 27.07
CA LEU C 178 1.00 -22.81 25.71
C LEU C 178 -0.46 -23.19 25.62
N ARG C 179 -0.95 -24.05 26.51
CA ARG C 179 -2.31 -24.55 26.45
C ARG C 179 -3.33 -23.62 27.08
N SER C 180 -2.91 -22.58 27.79
CA SER C 180 -3.86 -21.68 28.44
C SER C 180 -4.69 -20.88 27.45
N ALA C 181 -4.22 -20.72 26.21
CA ALA C 181 -4.98 -19.99 25.20
C ALA C 181 -6.11 -20.80 24.59
N LEU C 182 -6.26 -22.06 24.99
CA LEU C 182 -7.39 -22.89 24.57
C LEU C 182 -8.49 -22.91 25.62
N TYR C 183 -8.37 -22.09 26.66
CA TYR C 183 -9.38 -22.09 27.72
C TYR C 183 -10.74 -21.62 27.22
N PRO C 184 -10.86 -20.52 26.46
CA PRO C 184 -12.19 -20.12 25.95
C PRO C 184 -12.83 -21.14 25.03
N LEU C 185 -12.13 -22.22 24.65
CA LEU C 185 -12.69 -23.22 23.75
C LEU C 185 -13.09 -24.50 24.45
N ILE C 186 -12.32 -24.98 25.43
CA ILE C 186 -12.60 -26.27 26.05
C ILE C 186 -12.67 -26.20 27.57
N GLY C 187 -12.41 -25.04 28.15
CA GLY C 187 -12.57 -24.90 29.59
C GLY C 187 -11.55 -25.65 30.42
N LYS C 188 -12.03 -26.46 31.36
CA LYS C 188 -11.18 -27.19 32.30
C LYS C 188 -10.47 -28.37 31.66
N ARG C 189 -10.64 -28.58 30.36
CA ARG C 189 -9.99 -29.70 29.69
C ARG C 189 -8.58 -29.37 29.24
N ILE C 190 -8.02 -28.23 29.65
CA ILE C 190 -6.60 -27.96 29.41
C ILE C 190 -5.72 -28.71 30.39
N ASN C 191 -6.30 -29.48 31.30
CA ASN C 191 -5.56 -30.34 32.22
C ASN C 191 -5.87 -31.80 31.95
N GLY C 192 -5.94 -32.15 30.67
CA GLY C 192 -6.21 -33.51 30.27
C GLY C 192 -5.45 -33.87 29.01
N PRO C 193 -5.88 -34.95 28.33
CA PRO C 193 -5.15 -35.41 27.14
C PRO C 193 -5.01 -34.36 26.04
N ILE C 194 -5.97 -33.44 25.89
CA ILE C 194 -5.89 -32.46 24.82
C ILE C 194 -4.82 -31.41 25.09
N GLY C 195 -4.70 -30.93 26.33
CA GLY C 195 -3.73 -29.92 26.65
C GLY C 195 -2.31 -30.40 26.75
N TYR C 196 -2.10 -31.69 27.03
CA TYR C 196 -0.76 -32.25 27.13
C TYR C 196 -0.12 -32.48 25.77
N ALA C 197 -0.93 -32.80 24.76
CA ALA C 197 -0.39 -32.92 23.40
C ALA C 197 0.07 -31.58 22.86
N VAL C 198 -0.67 -30.50 23.16
CA VAL C 198 -0.27 -29.17 22.70
C VAL C 198 1.08 -28.78 23.28
N ASP C 199 1.34 -29.15 24.53
CA ASP C 199 2.62 -28.85 25.16
C ASP C 199 3.72 -29.80 24.75
N GLY C 200 3.41 -31.06 24.43
CA GLY C 200 4.43 -31.97 23.95
C GLY C 200 4.87 -31.69 22.52
N PHE C 201 3.95 -31.21 21.68
CA PHE C 201 4.28 -30.86 20.31
C PHE C 201 5.10 -29.59 20.20
N GLY C 202 5.16 -28.77 21.25
CA GLY C 202 5.93 -27.55 21.22
C GLY C 202 7.36 -27.69 21.71
N ILE C 203 7.71 -28.84 22.28
CA ILE C 203 9.08 -29.09 22.68
C ILE C 203 9.91 -29.68 21.54
N ILE C 204 9.28 -30.50 20.68
CA ILE C 204 9.99 -31.15 19.59
C ILE C 204 10.50 -30.11 18.58
N ALA C 205 9.64 -29.16 18.22
CA ALA C 205 10.04 -28.09 17.31
C ALA C 205 11.21 -27.28 17.88
N THR C 206 11.16 -26.97 19.17
CA THR C 206 12.22 -26.21 19.79
C THR C 206 13.54 -26.97 19.78
N ILE C 207 13.49 -28.27 20.09
CA ILE C 207 14.71 -29.08 20.10
C ILE C 207 15.33 -29.11 18.72
N PHE C 208 14.51 -29.26 17.67
CA PHE C 208 15.08 -29.34 16.33
C PHE C 208 15.62 -28.00 15.84
N GLY C 209 14.96 -26.89 16.18
CA GLY C 209 15.51 -25.58 15.87
C GLY C 209 16.85 -25.32 16.53
N LEU C 210 16.95 -25.65 17.83
CA LEU C 210 18.21 -25.48 18.53
C LEU C 210 19.30 -26.37 17.94
N GLY C 211 18.95 -27.59 17.54
CA GLY C 211 19.94 -28.47 16.93
C GLY C 211 20.47 -27.92 15.62
N ALA C 212 19.59 -27.40 14.78
CA ALA C 212 20.04 -26.81 13.52
C ALA C 212 20.97 -25.62 13.77
N ASP C 213 20.60 -24.74 14.71
CA ASP C 213 21.45 -23.60 15.04
C ASP C 213 22.83 -24.06 15.51
N MET C 214 22.88 -25.04 16.40
CA MET C 214 24.15 -25.53 16.92
C MET C 214 25.00 -26.18 15.83
N GLY C 215 24.37 -26.87 14.87
CA GLY C 215 25.14 -27.47 13.78
C GLY C 215 25.76 -26.44 12.86
N PHE C 216 24.98 -25.41 12.50
CA PHE C 216 25.56 -24.32 11.71
C PHE C 216 26.70 -23.63 12.47
N GLY C 217 26.56 -23.47 13.79
CA GLY C 217 27.62 -22.88 14.57
C GLY C 217 28.89 -23.70 14.61
N VAL C 218 28.77 -25.03 14.71
CA VAL C 218 29.94 -25.90 14.67
C VAL C 218 30.67 -25.74 13.34
N LEU C 219 29.91 -25.73 12.23
CA LEU C 219 30.54 -25.55 10.93
C LEU C 219 31.25 -24.21 10.81
N HIS C 220 30.63 -23.13 11.31
CA HIS C 220 31.28 -21.82 11.24
C HIS C 220 32.53 -21.76 12.10
N LEU C 221 32.50 -22.37 13.29
CA LEU C 221 33.66 -22.32 14.18
C LEU C 221 34.82 -23.19 13.74
N ASN C 222 34.55 -24.27 13.00
CA ASN C 222 35.64 -25.13 12.56
C ASN C 222 36.54 -24.49 11.51
N SER C 223 36.04 -23.50 10.76
CA SER C 223 36.84 -22.86 9.73
C SER C 223 37.76 -21.77 10.25
N GLY C 224 37.37 -21.06 11.31
CA GLY C 224 38.25 -20.07 11.89
C GLY C 224 39.52 -20.67 12.45
N LEU C 225 39.42 -21.83 13.08
CA LEU C 225 40.61 -22.49 13.61
C LEU C 225 41.48 -23.02 12.48
N ASP C 226 40.87 -23.46 11.37
CA ASP C 226 41.64 -23.85 10.21
C ASP C 226 42.42 -22.67 9.65
N TYR C 227 41.75 -21.51 9.52
CA TYR C 227 42.42 -20.32 9.02
C TYR C 227 43.55 -19.87 9.94
N LEU C 228 43.33 -19.89 11.25
CA LEU C 228 44.32 -19.33 12.18
C LEU C 228 45.48 -20.29 12.41
N PHE C 229 45.18 -21.54 12.79
CA PHE C 229 46.22 -22.46 13.24
C PHE C 229 46.48 -23.61 12.27
N GLY C 230 45.44 -24.21 11.73
CA GLY C 230 45.62 -25.32 10.81
C GLY C 230 44.93 -26.59 11.25
N VAL C 231 43.87 -26.46 12.03
CA VAL C 231 43.09 -27.60 12.52
C VAL C 231 42.32 -28.22 11.35
N PRO C 232 42.39 -29.54 11.15
CA PRO C 232 41.68 -30.15 10.02
C PRO C 232 40.19 -30.28 10.27
N HIS C 233 39.46 -30.56 9.19
CA HIS C 233 38.03 -30.86 9.28
C HIS C 233 37.85 -32.37 9.41
N THR C 234 37.66 -32.85 10.63
CA THR C 234 37.59 -34.26 10.92
C THR C 234 36.36 -34.52 11.76
N GLN C 235 35.86 -35.76 11.72
CA GLN C 235 34.66 -36.11 12.48
C GLN C 235 34.92 -36.08 13.98
N TRP C 236 36.13 -36.40 14.42
CA TRP C 236 36.45 -36.38 15.85
C TRP C 236 36.74 -34.99 16.37
N ILE C 237 36.96 -34.01 15.50
CA ILE C 237 37.11 -32.62 15.93
C ILE C 237 35.75 -31.99 16.20
N GLN C 238 34.74 -32.32 15.40
CA GLN C 238 33.41 -31.76 15.60
C GLN C 238 32.77 -32.29 16.87
N VAL C 239 33.11 -33.52 17.28
CA VAL C 239 32.60 -34.03 18.55
C VAL C 239 33.13 -33.21 19.72
N GLY C 240 34.42 -32.88 19.69
CA GLY C 240 34.98 -32.04 20.73
C GLY C 240 34.43 -30.63 20.69
N LEU C 241 34.16 -30.11 19.49
CA LEU C 241 33.57 -28.78 19.39
C LEU C 241 32.17 -28.76 19.99
N ILE C 242 31.37 -29.79 19.71
CA ILE C 242 30.03 -29.90 20.29
C ILE C 242 30.10 -30.02 21.81
N THR C 243 31.03 -30.86 22.30
CA THR C 243 31.20 -31.01 23.74
C THR C 243 31.52 -29.68 24.40
N LEU C 244 32.49 -28.94 23.85
CA LEU C 244 32.84 -27.65 24.43
C LEU C 244 31.65 -26.68 24.41
N MET C 245 30.99 -26.55 23.26
CA MET C 245 29.91 -25.59 23.12
C MET C 245 28.74 -25.88 24.07
N MET C 246 28.41 -27.17 24.28
CA MET C 246 27.25 -27.47 25.11
C MET C 246 27.61 -27.57 26.60
N GLY C 247 28.82 -28.03 26.92
CA GLY C 247 29.24 -28.02 28.31
C GLY C 247 29.49 -26.63 28.85
N ALA C 248 29.81 -25.68 27.98
CA ALA C 248 29.92 -24.31 28.43
C ALA C 248 28.57 -23.64 28.66
N ALA C 249 27.49 -24.22 28.16
CA ALA C 249 26.16 -23.65 28.32
C ALA C 249 25.31 -24.37 29.37
N ILE C 250 25.64 -25.61 29.70
CA ILE C 250 24.95 -26.27 30.82
C ILE C 250 25.45 -25.76 32.16
N LEU C 251 26.76 -25.53 32.26
CA LEU C 251 27.36 -25.06 33.51
C LEU C 251 27.00 -23.62 33.83
N VAL C 252 26.56 -22.83 32.85
CA VAL C 252 26.09 -21.48 33.14
C VAL C 252 24.63 -21.50 33.56
N ALA C 253 23.86 -22.50 33.11
CA ALA C 253 22.46 -22.61 33.47
C ALA C 253 22.24 -23.26 34.83
N ILE C 254 23.11 -24.18 35.25
CA ILE C 254 22.94 -24.84 36.53
C ILE C 254 23.73 -24.14 37.64
N ALA C 255 24.26 -22.95 37.38
CA ALA C 255 25.08 -22.26 38.36
C ALA C 255 24.35 -21.13 39.08
N GLY C 256 23.23 -20.67 38.54
CA GLY C 256 22.42 -19.66 39.22
C GLY C 256 23.07 -18.29 39.32
N VAL C 257 23.52 -17.75 38.19
CA VAL C 257 24.06 -16.39 38.11
C VAL C 257 23.34 -15.67 36.98
N ASP C 258 22.79 -14.50 37.29
CA ASP C 258 22.10 -13.68 36.29
C ASP C 258 22.70 -12.30 36.16
N LYS C 259 23.25 -11.76 37.25
CA LYS C 259 23.98 -10.50 37.16
C LYS C 259 25.17 -10.60 36.20
N GLY C 260 26.08 -11.55 36.46
CA GLY C 260 27.22 -11.74 35.60
C GLY C 260 26.87 -12.12 34.18
N VAL C 261 25.73 -12.77 34.01
CA VAL C 261 25.31 -13.19 32.69
C VAL C 261 24.72 -12.02 31.92
N ARG C 262 23.79 -11.27 32.53
CA ARG C 262 23.15 -10.18 31.84
C ARG C 262 24.11 -9.02 31.72
N VAL C 263 25.15 -9.05 32.50
CA VAL C 263 26.15 -8.02 32.42
C VAL C 263 27.14 -8.36 31.32
N MET C 264 27.42 -9.65 31.13
CA MET C 264 28.35 -10.08 30.08
C MET C 264 27.67 -10.06 28.72
N SER C 265 26.35 -10.16 28.69
CA SER C 265 25.65 -10.03 27.45
C SER C 265 25.88 -8.63 26.94
N ASP C 266 25.61 -7.62 27.75
CA ASP C 266 25.76 -6.22 27.32
C ASP C 266 27.17 -5.89 26.84
N ILE C 267 28.19 -6.47 27.47
CA ILE C 267 29.55 -6.27 26.97
C ILE C 267 29.68 -6.80 25.55
N ASN C 268 29.17 -8.01 25.28
CA ASN C 268 29.27 -8.57 23.94
C ASN C 268 28.48 -7.74 22.93
N MET C 269 27.34 -7.19 23.34
CA MET C 269 26.52 -6.35 22.46
C MET C 269 27.17 -5.01 22.14
N LEU C 270 28.14 -4.58 22.95
CA LEU C 270 28.93 -3.40 22.58
C LEU C 270 30.08 -3.74 21.64
N LEU C 271 30.72 -4.90 21.85
CA LEU C 271 31.76 -5.34 20.92
C LEU C 271 31.20 -5.59 19.53
N ALA C 272 29.96 -6.08 19.43
CA ALA C 272 29.33 -6.26 18.12
C ALA C 272 29.19 -4.94 17.37
N CYS C 273 28.75 -3.89 18.06
CA CYS C 273 28.61 -2.58 17.42
C CYS C 273 29.97 -1.99 17.06
N ALA C 274 30.99 -2.22 17.89
CA ALA C 274 32.33 -1.77 17.53
C ALA C 274 32.81 -2.44 16.25
N LEU C 275 32.58 -3.75 16.11
CA LEU C 275 32.97 -4.45 14.89
C LEU C 275 32.20 -3.97 13.67
N LEU C 276 30.89 -3.73 13.82
CA LEU C 276 30.11 -3.21 12.71
C LEU C 276 30.62 -1.84 12.27
N LEU C 277 30.95 -0.96 13.23
CA LEU C 277 31.46 0.36 12.86
C LEU C 277 32.83 0.29 12.21
N PHE C 278 33.70 -0.61 12.67
CA PHE C 278 34.98 -0.80 12.01
C PHE C 278 34.78 -1.22 10.55
N VAL C 279 33.88 -2.18 10.31
CA VAL C 279 33.64 -2.64 8.95
C VAL C 279 33.05 -1.54 8.09
N LEU C 280 32.18 -0.69 8.66
CA LEU C 280 31.60 0.40 7.87
C LEU C 280 32.64 1.46 7.52
N PHE C 281 33.45 1.88 8.49
CA PHE C 281 34.36 3.00 8.28
C PHE C 281 35.69 2.60 7.66
N ALA C 282 35.98 1.30 7.53
CA ALA C 282 37.19 0.86 6.85
C ALA C 282 36.94 0.50 5.39
N GLY C 283 35.76 0.79 4.85
CA GLY C 283 35.45 0.46 3.48
C GLY C 283 34.85 1.62 2.72
N PRO C 284 34.08 1.31 1.67
CA PRO C 284 33.45 2.37 0.87
C PRO C 284 32.22 2.97 1.55
N THR C 285 32.43 3.97 2.40
CA THR C 285 31.37 4.42 3.31
C THR C 285 30.18 4.99 2.55
N GLN C 286 30.42 5.84 1.54
CA GLN C 286 29.31 6.51 0.86
C GLN C 286 28.48 5.51 0.05
N HIS C 287 29.14 4.58 -0.65
CA HIS C 287 28.43 3.53 -1.35
C HIS C 287 27.55 2.73 -0.40
N LEU C 288 28.06 2.41 0.79
CA LEU C 288 27.30 1.60 1.74
C LEU C 288 26.10 2.36 2.28
N LEU C 289 26.26 3.65 2.56
CA LEU C 289 25.12 4.44 3.03
C LEU C 289 24.04 4.55 1.97
N ASN C 290 24.43 4.78 0.72
CA ASN C 290 23.45 4.84 -0.36
C ASN C 290 22.71 3.53 -0.54
N THR C 291 23.44 2.40 -0.54
CA THR C 291 22.79 1.11 -0.72
C THR C 291 21.88 0.75 0.46
N LEU C 292 22.18 1.23 1.66
CA LEU C 292 21.28 1.00 2.79
C LEU C 292 19.91 1.62 2.54
N VAL C 293 19.88 2.91 2.16
CA VAL C 293 18.60 3.55 1.87
C VAL C 293 17.90 2.89 0.69
N GLN C 294 18.65 2.52 -0.35
CA GLN C 294 18.07 1.83 -1.49
C GLN C 294 17.39 0.53 -1.07
N ASN C 295 18.05 -0.26 -0.21
CA ASN C 295 17.49 -1.53 0.24
C ASN C 295 16.21 -1.33 1.04
N ILE C 296 16.20 -0.35 1.94
CA ILE C 296 14.98 -0.06 2.70
C ILE C 296 13.83 0.23 1.75
N GLY C 297 14.06 1.09 0.76
CA GLY C 297 13.01 1.43 -0.18
C GLY C 297 12.51 0.24 -0.98
N ASP C 298 13.43 -0.59 -1.48
CA ASP C 298 13.04 -1.76 -2.26
C ASP C 298 12.21 -2.75 -1.44
N TYR C 299 12.64 -3.03 -0.21
CA TYR C 299 11.89 -3.93 0.65
C TYR C 299 10.48 -3.42 0.92
N LEU C 300 10.35 -2.16 1.34
CA LEU C 300 9.00 -1.65 1.64
C LEU C 300 8.14 -1.58 0.39
N GLY C 301 8.74 -1.34 -0.78
CA GLY C 301 7.95 -1.32 -2.00
C GLY C 301 7.44 -2.66 -2.45
N ALA C 302 8.21 -3.72 -2.25
CA ALA C 302 7.82 -5.05 -2.74
C ALA C 302 7.23 -5.96 -1.66
N LEU C 303 7.09 -5.50 -0.43
CA LEU C 303 6.54 -6.36 0.63
C LEU C 303 5.18 -6.98 0.32
N PRO C 304 4.15 -6.23 -0.11
CA PRO C 304 2.80 -6.83 -0.18
C PRO C 304 2.62 -7.85 -1.29
N SER C 305 3.58 -8.03 -2.19
CA SER C 305 3.47 -9.00 -3.26
C SER C 305 4.44 -10.16 -3.15
N LYS C 306 5.59 -9.96 -2.50
CA LYS C 306 6.56 -11.02 -2.29
C LYS C 306 6.15 -11.99 -1.19
N SER C 307 5.04 -11.73 -0.50
CA SER C 307 4.52 -12.61 0.53
C SER C 307 3.87 -13.87 -0.04
N PHE C 308 3.49 -13.87 -1.31
CA PHE C 308 2.82 -15.02 -1.91
C PHE C 308 3.56 -15.57 -3.12
N ASP C 309 4.82 -15.21 -3.32
CA ASP C 309 5.55 -15.61 -4.52
C ASP C 309 6.08 -17.03 -4.36
N VAL C 310 5.65 -17.93 -5.25
CA VAL C 310 6.12 -19.31 -5.28
C VAL C 310 6.71 -19.70 -6.62
N TYR C 311 6.87 -18.75 -7.55
CA TYR C 311 7.47 -18.98 -8.85
C TYR C 311 6.75 -20.08 -9.63
N ALA C 312 5.42 -19.92 -9.72
CA ALA C 312 4.54 -20.96 -10.22
C ALA C 312 4.48 -21.05 -11.74
N TYR C 313 4.80 -19.99 -12.45
CA TYR C 313 4.77 -20.00 -13.91
C TYR C 313 6.14 -20.25 -14.53
N ASN C 314 7.16 -20.48 -13.71
CA ASN C 314 8.51 -20.79 -14.19
C ASN C 314 8.67 -22.30 -14.35
N LYS C 315 9.89 -22.70 -14.71
CA LYS C 315 10.20 -24.12 -14.85
C LYS C 315 10.37 -24.74 -13.46
N PRO C 316 9.84 -25.94 -13.22
CA PRO C 316 9.86 -26.48 -11.86
C PRO C 316 11.27 -26.76 -11.36
N SER C 317 11.46 -26.54 -10.06
CA SER C 317 12.74 -26.77 -9.40
C SER C 317 12.48 -27.02 -7.92
N ASP C 318 13.54 -27.00 -7.12
CA ASP C 318 13.43 -27.19 -5.68
C ASP C 318 14.14 -26.07 -4.92
N TRP C 319 14.13 -24.87 -5.48
CA TRP C 319 14.74 -23.71 -4.82
C TRP C 319 14.01 -23.34 -3.54
N LEU C 320 12.69 -23.52 -3.51
CA LEU C 320 11.89 -23.01 -2.40
C LEU C 320 12.11 -23.82 -1.13
N GLY C 321 12.37 -25.11 -1.26
CA GLY C 321 12.55 -25.96 -0.10
C GLY C 321 13.86 -25.78 0.64
N GLY C 322 14.78 -25.00 0.09
CA GLY C 322 16.06 -24.77 0.74
C GLY C 322 16.24 -23.35 1.22
N TRP C 323 15.40 -22.41 0.77
CA TRP C 323 15.56 -21.02 1.16
C TRP C 323 14.38 -20.43 1.92
N THR C 324 13.17 -20.38 1.35
CA THR C 324 12.13 -19.57 1.98
C THR C 324 11.25 -20.40 2.92
N VAL C 325 10.86 -21.59 2.49
CA VAL C 325 10.06 -22.47 3.34
C VAL C 325 10.86 -22.93 4.54
N PHE C 326 12.16 -23.17 4.34
CA PHE C 326 13.04 -23.46 5.47
C PHE C 326 13.03 -22.32 6.49
N TYR C 327 13.06 -21.08 6.03
CA TYR C 327 13.08 -19.94 6.96
C TYR C 327 11.76 -19.81 7.70
N TRP C 328 10.64 -20.01 7.07
CA TRP C 328 9.35 -19.97 7.74
C TRP C 328 9.25 -21.07 8.78
N ALA C 329 9.68 -22.28 8.49
CA ALA C 329 9.68 -23.37 9.48
C ALA C 329 10.62 -23.07 10.63
N TRP C 330 11.77 -22.46 10.36
CA TRP C 330 12.75 -22.16 11.40
C TRP C 330 12.26 -21.09 12.37
N TRP C 331 11.66 -20.01 11.87
CA TRP C 331 11.11 -19.01 12.77
C TRP C 331 9.96 -19.58 13.60
N ILE C 332 9.08 -20.39 12.99
CA ILE C 332 8.01 -21.02 13.74
C ILE C 332 8.57 -21.93 14.84
N ALA C 333 9.65 -22.66 14.55
CA ALA C 333 10.24 -23.54 15.56
C ALA C 333 10.91 -22.77 16.68
N TRP C 334 11.43 -21.58 16.42
CA TRP C 334 12.02 -20.77 17.49
C TRP C 334 10.99 -19.97 18.28
N ALA C 335 9.76 -19.82 17.77
CA ALA C 335 8.76 -19.00 18.46
C ALA C 335 8.47 -19.43 19.91
N PRO C 336 8.28 -20.72 20.23
CA PRO C 336 7.90 -21.06 21.62
C PRO C 336 8.92 -20.65 22.67
N PHE C 337 10.21 -20.67 22.35
CA PHE C 337 11.24 -20.33 23.34
C PHE C 337 11.34 -18.83 23.54
N VAL C 338 11.32 -18.04 22.47
CA VAL C 338 11.49 -16.59 22.63
C VAL C 338 10.20 -15.95 23.15
N GLY C 339 9.03 -16.48 22.78
CA GLY C 339 7.78 -15.92 23.28
C GLY C 339 7.64 -16.01 24.78
N LEU C 340 7.94 -17.17 25.36
CA LEU C 340 7.83 -17.32 26.81
C LEU C 340 8.93 -16.56 27.55
N PHE C 341 10.04 -16.27 26.87
CA PHE C 341 11.08 -15.45 27.48
C PHE C 341 10.70 -13.99 27.52
N ILE C 342 10.11 -13.46 26.43
CA ILE C 342 9.72 -12.05 26.44
C ILE C 342 8.44 -11.80 27.21
N ALA C 343 7.62 -12.83 27.44
CA ALA C 343 6.41 -12.64 28.24
C ALA C 343 6.68 -12.42 29.72
N ARG C 344 7.86 -12.83 30.21
CA ARG C 344 8.16 -12.76 31.63
C ARG C 344 8.65 -11.39 32.07
N ILE C 345 9.04 -10.53 31.14
CA ILE C 345 9.60 -9.24 31.48
C ILE C 345 8.74 -8.11 30.91
N SER C 346 7.46 -8.38 30.68
CA SER C 346 6.58 -7.41 30.03
C SER C 346 5.29 -7.19 30.81
N ARG C 347 5.28 -7.52 32.10
CA ARG C 347 4.08 -7.28 32.91
C ARG C 347 3.92 -5.80 33.20
N GLY C 348 2.70 -5.28 33.00
CA GLY C 348 2.40 -3.89 33.25
C GLY C 348 2.33 -3.02 32.02
N ARG C 349 2.72 -3.52 30.85
CA ARG C 349 2.72 -2.74 29.63
C ARG C 349 1.42 -2.96 28.86
N THR C 350 1.17 -2.08 27.90
CA THR C 350 0.00 -2.19 27.03
C THR C 350 0.36 -2.99 25.79
N ILE C 351 -0.66 -3.43 25.06
CA ILE C 351 -0.44 -4.28 23.90
C ILE C 351 0.27 -3.53 22.80
N ARG C 352 -0.14 -2.28 22.54
CA ARG C 352 0.45 -1.49 21.48
C ARG C 352 1.93 -1.23 21.71
N GLU C 353 2.28 -0.83 22.93
CA GLU C 353 3.66 -0.57 23.29
C GLU C 353 4.54 -1.81 23.17
N PHE C 354 4.04 -2.96 23.64
CA PHE C 354 4.74 -4.24 23.53
C PHE C 354 4.97 -4.64 22.08
N VAL C 355 3.92 -4.55 21.25
CA VAL C 355 4.04 -4.99 19.86
C VAL C 355 4.99 -4.08 19.08
N PHE C 356 4.86 -2.76 19.26
CA PHE C 356 5.70 -1.85 18.51
C PHE C 356 7.13 -1.78 19.05
N GLY C 357 7.37 -2.29 20.26
CA GLY C 357 8.74 -2.42 20.72
C GLY C 357 9.38 -3.66 20.14
N VAL C 358 8.66 -4.79 20.19
CA VAL C 358 9.21 -6.05 19.71
C VAL C 358 9.42 -6.02 18.21
N LEU C 359 8.53 -5.37 17.46
CA LEU C 359 8.66 -5.34 16.01
C LEU C 359 9.78 -4.44 15.50
N LEU C 360 10.24 -3.47 16.30
CA LEU C 360 11.10 -2.44 15.74
C LEU C 360 12.44 -2.28 16.43
N ILE C 361 12.60 -2.73 17.66
CA ILE C 361 13.89 -2.55 18.33
C ILE C 361 14.92 -3.58 17.87
N PRO C 362 14.62 -4.89 17.84
CA PRO C 362 15.64 -5.85 17.40
C PRO C 362 15.79 -5.95 15.89
N LEU C 363 14.87 -5.37 15.12
CA LEU C 363 14.89 -5.45 13.67
C LEU C 363 15.86 -4.47 13.03
N GLY C 364 16.03 -3.28 13.62
CA GLY C 364 16.90 -2.26 13.05
C GLY C 364 18.38 -2.62 13.10
N PHE C 365 18.82 -3.34 14.14
CA PHE C 365 20.18 -3.80 14.20
C PHE C 365 20.45 -4.93 13.20
N THR C 366 19.51 -5.88 13.11
CA THR C 366 19.67 -7.02 12.21
C THR C 366 19.70 -6.58 10.75
N LEU C 367 18.79 -5.70 10.35
CA LEU C 367 18.76 -5.29 8.94
C LEU C 367 19.96 -4.43 8.56
N ALA C 368 20.48 -3.62 9.50
CA ALA C 368 21.70 -2.86 9.23
C ALA C 368 22.92 -3.76 9.11
N TRP C 369 23.06 -4.72 10.02
CA TRP C 369 24.14 -5.71 9.91
C TRP C 369 24.09 -6.42 8.55
N MET C 370 22.93 -6.95 8.18
CA MET C 370 22.81 -7.69 6.94
C MET C 370 23.15 -6.83 5.73
N SER C 371 22.61 -5.61 5.69
CA SER C 371 22.85 -4.72 4.56
C SER C 371 24.33 -4.41 4.40
N ILE C 372 24.97 -3.93 5.47
CA ILE C 372 26.38 -3.54 5.36
C ILE C 372 27.24 -4.72 4.96
N PHE C 373 27.09 -5.86 5.66
CA PHE C 373 27.96 -6.99 5.40
C PHE C 373 27.73 -7.64 4.03
N GLY C 374 26.50 -7.62 3.52
CA GLY C 374 26.26 -8.19 2.21
C GLY C 374 26.69 -7.30 1.07
N ASN C 375 26.48 -5.99 1.23
CA ASN C 375 26.89 -5.07 0.17
C ASN C 375 28.41 -4.95 0.10
N SER C 376 29.10 -5.10 1.23
CA SER C 376 30.56 -5.08 1.19
C SER C 376 31.14 -6.18 0.30
N ALA C 377 30.47 -7.33 0.23
CA ALA C 377 30.95 -8.45 -0.57
C ALA C 377 30.44 -8.38 -2.01
N ILE C 378 29.20 -7.92 -2.21
CA ILE C 378 28.72 -7.73 -3.58
C ILE C 378 29.57 -6.71 -4.31
N ASP C 379 29.93 -5.61 -3.64
CA ASP C 379 30.73 -4.57 -4.27
C ASP C 379 32.09 -5.08 -4.70
N GLN C 380 32.62 -6.09 -4.02
CA GLN C 380 33.97 -6.55 -4.33
C GLN C 380 33.94 -7.71 -5.31
N VAL C 381 32.82 -8.41 -5.43
CA VAL C 381 32.71 -9.42 -6.48
C VAL C 381 32.38 -8.78 -7.81
N LEU C 382 31.50 -7.76 -7.84
CA LEU C 382 31.15 -7.14 -9.12
C LEU C 382 32.21 -6.18 -9.62
N ASN C 383 32.72 -5.30 -8.76
CA ASN C 383 33.49 -4.16 -9.26
C ASN C 383 34.99 -4.37 -9.21
N HIS C 384 35.48 -5.21 -8.30
CA HIS C 384 36.93 -5.38 -8.16
C HIS C 384 37.44 -6.68 -8.76
N GLY C 385 36.59 -7.51 -9.34
CA GLY C 385 37.02 -8.72 -10.01
C GLY C 385 37.62 -9.77 -9.10
N MET C 386 36.91 -10.15 -8.05
CA MET C 386 37.36 -11.19 -7.11
C MET C 386 36.42 -12.38 -7.23
N ALA C 387 36.76 -13.29 -8.14
CA ALA C 387 35.87 -14.40 -8.47
C ALA C 387 36.06 -15.59 -7.54
N ALA C 388 37.25 -15.73 -6.94
CA ALA C 388 37.47 -16.81 -6.00
C ALA C 388 36.71 -16.62 -4.71
N LEU C 389 36.24 -15.41 -4.42
CA LEU C 389 35.39 -15.17 -3.27
C LEU C 389 33.95 -15.60 -3.55
N GLY C 390 33.48 -15.38 -4.77
CA GLY C 390 32.14 -15.81 -5.14
C GLY C 390 32.01 -17.27 -5.47
N GLN C 391 33.10 -17.92 -5.90
CA GLN C 391 33.06 -19.35 -6.13
C GLN C 391 33.08 -20.12 -4.81
N SER C 392 33.62 -19.53 -3.76
CA SER C 392 33.67 -20.14 -2.43
C SER C 392 32.31 -20.22 -1.76
N ALA C 393 31.38 -19.33 -2.10
CA ALA C 393 30.04 -19.36 -1.52
C ALA C 393 29.21 -20.53 -2.01
N ILE C 394 29.67 -21.25 -3.04
CA ILE C 394 28.95 -22.39 -3.58
C ILE C 394 29.52 -23.71 -3.09
N ASP C 395 30.85 -23.82 -3.00
CA ASP C 395 31.48 -25.08 -2.63
C ASP C 395 31.83 -25.17 -1.15
N ASP C 396 31.98 -24.02 -0.47
CA ASP C 396 32.37 -24.01 0.93
C ASP C 396 31.84 -22.75 1.59
N PRO C 397 30.55 -22.73 1.95
CA PRO C 397 29.96 -21.51 2.54
C PRO C 397 30.48 -21.14 3.92
N SER C 398 31.35 -21.95 4.52
CA SER C 398 31.84 -21.68 5.86
C SER C 398 33.12 -20.83 5.87
N MET C 399 33.76 -20.65 4.73
CA MET C 399 35.02 -19.92 4.65
C MET C 399 34.90 -18.58 3.96
N THR C 400 33.72 -18.16 3.56
CA THR C 400 33.58 -16.94 2.77
C THR C 400 33.83 -15.69 3.61
N LEU C 401 33.37 -15.70 4.87
CA LEU C 401 33.53 -14.52 5.73
C LEU C 401 35.00 -14.21 5.98
N TYR C 402 35.81 -15.24 6.16
CA TYR C 402 37.24 -15.01 6.41
C TYR C 402 37.96 -14.56 5.16
N LEU C 403 37.55 -15.07 4.00
CA LEU C 403 38.08 -14.59 2.74
C LEU C 403 37.75 -13.13 2.50
N LEU C 404 36.59 -12.67 2.96
CA LEU C 404 36.28 -11.24 2.86
C LEU C 404 37.06 -10.42 3.89
N LEU C 405 37.16 -10.92 5.12
CA LEU C 405 37.83 -10.17 6.19
C LEU C 405 39.33 -10.10 6.01
N GLU C 406 39.93 -10.96 5.20
CA GLU C 406 41.38 -10.90 5.04
C GLU C 406 41.83 -9.77 4.11
N THR C 407 40.93 -8.95 3.61
CA THR C 407 41.28 -7.81 2.77
C THR C 407 41.18 -6.48 3.51
N TYR C 408 41.37 -6.50 4.82
CA TYR C 408 41.23 -5.34 5.68
C TYR C 408 42.53 -5.10 6.45
N PRO C 409 42.69 -3.93 7.09
CA PRO C 409 43.89 -3.71 7.91
C PRO C 409 43.85 -4.54 9.18
N TRP C 410 45.03 -5.05 9.56
CA TRP C 410 45.18 -5.89 10.75
C TRP C 410 44.20 -7.05 10.74
N SER C 411 44.35 -7.92 9.74
CA SER C 411 43.35 -8.94 9.47
C SER C 411 43.38 -10.09 10.47
N LYS C 412 44.53 -10.40 11.07
CA LYS C 412 44.62 -11.52 11.98
C LYS C 412 44.19 -11.17 13.40
N THR C 413 43.85 -9.91 13.67
CA THR C 413 43.29 -9.55 14.96
C THR C 413 41.76 -9.47 14.90
N VAL C 414 41.21 -9.00 13.79
CA VAL C 414 39.77 -8.92 13.63
C VAL C 414 39.16 -10.32 13.61
N ILE C 415 39.84 -11.29 13.03
CA ILE C 415 39.32 -12.65 12.95
C ILE C 415 39.31 -13.30 14.32
N ALA C 416 40.38 -13.09 15.09
CA ALA C 416 40.45 -13.64 16.44
C ALA C 416 39.40 -13.00 17.36
N VAL C 417 39.01 -11.76 17.08
CA VAL C 417 37.93 -11.14 17.84
C VAL C 417 36.57 -11.70 17.41
N THR C 418 36.39 -11.91 16.11
CA THR C 418 35.13 -12.43 15.58
C THR C 418 34.83 -13.82 16.14
N VAL C 419 35.84 -14.69 16.21
CA VAL C 419 35.64 -16.04 16.73
C VAL C 419 35.08 -16.00 18.15
N PHE C 420 35.70 -15.18 19.00
CA PHE C 420 35.27 -15.04 20.39
C PHE C 420 33.86 -14.49 20.49
N ILE C 421 33.55 -13.44 19.71
CA ILE C 421 32.22 -12.84 19.77
C ILE C 421 31.15 -13.86 19.37
N SER C 422 31.40 -14.61 18.32
CA SER C 422 30.48 -15.63 17.88
C SER C 422 30.27 -16.74 18.92
N PHE C 423 31.31 -17.21 19.59
CA PHE C 423 31.18 -18.20 20.65
C PHE C 423 30.33 -17.67 21.81
N VAL C 424 30.54 -16.40 22.18
CA VAL C 424 29.78 -15.84 23.30
C VAL C 424 28.32 -15.65 22.93
N PHE C 425 28.03 -15.27 21.69
CA PHE C 425 26.65 -15.21 21.24
C PHE C 425 25.93 -16.55 21.40
N PHE C 426 26.57 -17.63 20.93
CA PHE C 426 25.91 -18.92 21.07
C PHE C 426 25.68 -19.30 22.52
N VAL C 427 26.67 -19.04 23.39
CA VAL C 427 26.52 -19.44 24.79
C VAL C 427 25.36 -18.70 25.45
N THR C 428 25.27 -17.39 25.23
CA THR C 428 24.18 -16.62 25.85
C THR C 428 22.82 -16.90 25.23
N SER C 429 22.76 -17.56 24.08
CA SER C 429 21.46 -18.01 23.58
C SER C 429 21.07 -19.41 24.06
N ALA C 430 22.00 -20.38 24.07
CA ALA C 430 21.69 -21.70 24.57
C ALA C 430 21.41 -21.74 26.06
N ASP C 431 22.10 -20.90 26.84
CA ASP C 431 21.86 -20.86 28.28
C ASP C 431 20.41 -20.52 28.61
N SER C 432 19.82 -19.58 27.89
CA SER C 432 18.43 -19.21 28.11
C SER C 432 17.47 -20.22 27.51
N GLY C 433 17.88 -20.99 26.51
CA GLY C 433 17.02 -22.01 25.95
C GLY C 433 16.74 -23.16 26.90
N THR C 434 17.77 -23.62 27.61
CA THR C 434 17.60 -24.77 28.50
C THR C 434 16.67 -24.47 29.67
N VAL C 435 16.70 -23.24 30.19
CA VAL C 435 15.84 -22.86 31.30
C VAL C 435 14.38 -22.90 30.88
N VAL C 436 14.06 -22.30 29.74
CA VAL C 436 12.69 -22.33 29.23
C VAL C 436 12.25 -23.76 28.91
N LEU C 437 13.17 -24.59 28.41
CA LEU C 437 12.81 -25.98 28.15
C LEU C 437 12.46 -26.71 29.43
N SER C 438 13.21 -26.47 30.51
CA SER C 438 12.88 -27.09 31.79
C SER C 438 11.60 -26.54 32.39
N THR C 439 11.22 -25.32 32.05
CA THR C 439 9.96 -24.75 32.52
C THR C 439 8.75 -25.28 31.78
N LEU C 440 8.86 -25.50 30.46
CA LEU C 440 7.73 -26.02 29.69
C LEU C 440 7.33 -27.43 30.07
N SER C 441 8.16 -28.15 30.83
CA SER C 441 7.84 -29.52 31.22
C SER C 441 7.73 -29.69 32.73
N ALA C 442 7.44 -28.63 33.46
CA ALA C 442 7.26 -28.69 34.90
C ALA C 442 5.83 -28.28 35.27
N LYS C 443 5.53 -28.39 36.57
CA LYS C 443 4.18 -28.14 37.04
C LYS C 443 4.21 -27.93 38.55
N GLY C 444 3.64 -26.82 39.01
CA GLY C 444 3.52 -26.53 40.43
C GLY C 444 4.30 -25.29 40.84
N GLY C 445 4.34 -25.07 42.14
CA GLY C 445 5.13 -24.00 42.72
C GLY C 445 4.57 -22.61 42.43
N ASN C 446 5.48 -21.60 42.50
CA ASN C 446 5.12 -20.22 42.21
C ASN C 446 5.11 -19.99 40.70
N PRO C 447 4.17 -19.19 40.20
CA PRO C 447 4.19 -18.81 38.78
C PRO C 447 5.11 -17.63 38.46
N ASP C 448 6.31 -17.66 39.02
CA ASP C 448 7.38 -16.78 38.58
C ASP C 448 8.75 -17.44 38.59
N GLU C 449 8.85 -18.71 38.96
CA GLU C 449 10.10 -19.42 39.07
C GLU C 449 10.21 -20.47 37.97
N ASP C 450 11.40 -21.02 37.81
CA ASP C 450 11.71 -21.95 36.73
C ASP C 450 11.66 -23.39 37.25
N GLY C 451 11.75 -24.34 36.31
CA GLY C 451 11.64 -25.74 36.63
C GLY C 451 12.84 -26.28 37.36
N PRO C 452 12.81 -27.57 37.68
CA PRO C 452 13.95 -28.19 38.37
C PRO C 452 15.22 -28.14 37.53
N LYS C 453 16.34 -28.40 38.19
CA LYS C 453 17.66 -28.24 37.60
C LYS C 453 18.21 -29.49 36.93
N TRP C 454 17.58 -30.65 37.14
CA TRP C 454 18.03 -31.85 36.47
C TRP C 454 17.44 -32.00 35.06
N LEU C 455 16.51 -31.13 34.68
CA LEU C 455 15.94 -31.16 33.35
C LEU C 455 16.71 -30.32 32.35
N ARG C 456 17.44 -29.30 32.82
CA ARG C 456 18.31 -28.54 31.94
C ARG C 456 19.42 -29.41 31.35
N VAL C 457 20.07 -30.21 32.19
CA VAL C 457 21.08 -31.15 31.71
C VAL C 457 20.48 -32.11 30.70
N PHE C 458 19.29 -32.64 30.98
CA PHE C 458 18.67 -33.61 30.09
C PHE C 458 18.38 -33.00 28.73
N TRP C 459 17.73 -31.83 28.71
CA TRP C 459 17.38 -31.22 27.44
C TRP C 459 18.57 -30.60 26.73
N GLY C 460 19.72 -30.47 27.39
CA GLY C 460 20.93 -30.11 26.67
C GLY C 460 21.61 -31.30 26.02
N VAL C 461 21.73 -32.41 26.76
CA VAL C 461 22.31 -33.61 26.18
C VAL C 461 21.47 -34.13 25.02
N ALA C 462 20.14 -33.97 25.10
CA ALA C 462 19.29 -34.38 23.98
C ALA C 462 19.58 -33.59 22.71
N THR C 463 19.74 -32.28 22.82
CA THR C 463 20.08 -31.45 21.67
C THR C 463 21.45 -31.82 21.10
N ALA C 464 22.43 -32.06 21.99
CA ALA C 464 23.73 -32.50 21.51
C ALA C 464 23.63 -33.79 20.71
N LEU C 465 22.83 -34.75 21.18
CA LEU C 465 22.68 -36.02 20.47
C LEU C 465 22.03 -35.80 19.10
N ILE C 466 20.99 -34.97 19.03
CA ILE C 466 20.32 -34.73 17.76
C ILE C 466 21.25 -34.08 16.76
N THR C 467 22.02 -33.08 17.21
CA THR C 467 22.96 -32.39 16.32
C THR C 467 24.02 -33.35 15.81
N SER C 468 24.62 -34.13 16.71
CA SER C 468 25.61 -35.12 16.31
C SER C 468 25.06 -36.08 15.27
N GLY C 469 23.81 -36.53 15.44
CA GLY C 469 23.24 -37.46 14.47
C GLY C 469 22.97 -36.82 13.12
N LEU C 470 22.43 -35.61 13.10
CA LEU C 470 22.09 -34.96 11.83
C LEU C 470 23.29 -34.45 11.06
N LEU C 471 24.45 -34.16 11.61
CA LEU C 471 25.56 -33.69 10.82
C LEU C 471 26.37 -34.78 10.16
N PHE C 472 26.48 -35.95 10.77
CA PHE C 472 27.23 -37.06 10.22
C PHE C 472 26.48 -37.88 9.18
N SER C 473 25.33 -37.42 8.72
CA SER C 473 24.53 -38.13 7.74
C SER C 473 24.24 -37.33 6.47
N GLY C 474 24.14 -36.01 6.52
CA GLY C 474 23.96 -35.23 5.31
C GLY C 474 24.38 -33.80 5.38
N SER C 475 25.14 -33.41 6.40
CA SER C 475 25.55 -32.02 6.62
C SER C 475 24.44 -30.99 6.55
N ILE C 476 24.60 -29.95 5.76
CA ILE C 476 23.64 -28.87 5.70
C ILE C 476 22.27 -29.20 5.16
N ASP C 477 22.13 -30.19 4.29
CA ASP C 477 20.78 -30.40 3.78
C ASP C 477 19.90 -31.26 4.69
N ALA C 478 20.49 -31.90 5.71
CA ALA C 478 19.70 -32.71 6.63
C ALA C 478 19.05 -31.86 7.72
N LEU C 479 19.76 -30.84 8.20
CA LEU C 479 19.19 -29.92 9.18
C LEU C 479 17.98 -29.19 8.62
N LYS C 480 18.10 -28.68 7.39
CA LYS C 480 17.01 -27.97 6.74
C LYS C 480 15.80 -28.87 6.49
N SER C 481 16.04 -30.17 6.31
CA SER C 481 14.92 -31.09 6.09
C SER C 481 14.22 -31.45 7.40
N ALA C 482 15.01 -31.71 8.45
CA ALA C 482 14.40 -32.07 9.73
C ALA C 482 13.55 -30.94 10.29
N VAL C 483 14.02 -29.69 10.17
CA VAL C 483 13.23 -28.57 10.68
C VAL C 483 11.90 -28.45 9.95
N VAL C 484 11.95 -28.54 8.61
CA VAL C 484 10.73 -28.38 7.81
C VAL C 484 9.75 -29.51 8.09
N LEU C 485 10.26 -30.70 8.36
CA LEU C 485 9.35 -31.82 8.65
C LEU C 485 8.75 -31.70 10.04
N THR C 486 9.51 -31.24 11.04
CA THR C 486 9.01 -31.26 12.41
C THR C 486 8.27 -30.00 12.82
N SER C 487 8.26 -28.95 12.01
CA SER C 487 7.47 -27.77 12.37
C SER C 487 6.04 -27.80 11.83
N LEU C 488 5.56 -28.93 11.30
CA LEU C 488 4.22 -28.95 10.70
C LEU C 488 3.07 -29.02 11.70
N PRO C 489 3.11 -29.86 12.75
CA PRO C 489 1.96 -29.92 13.65
C PRO C 489 1.80 -28.72 14.58
N PHE C 490 2.75 -27.80 14.64
CA PHE C 490 2.63 -26.67 15.57
C PHE C 490 1.95 -25.46 14.94
N SER C 491 1.96 -25.36 13.61
CA SER C 491 1.27 -24.28 12.92
C SER C 491 -0.24 -24.33 13.14
N LEU C 492 -0.83 -25.53 13.15
CA LEU C 492 -2.24 -25.67 13.42
C LEU C 492 -2.60 -25.30 14.85
N ILE C 493 -1.73 -25.66 15.80
CA ILE C 493 -1.92 -25.23 17.19
C ILE C 493 -1.88 -23.72 17.28
N LEU C 494 -0.99 -23.07 16.52
CA LEU C 494 -0.96 -21.60 16.53
C LEU C 494 -2.27 -21.02 16.00
N LEU C 495 -2.85 -21.64 14.97
CA LEU C 495 -4.15 -21.18 14.48
C LEU C 495 -5.24 -21.32 15.55
N LEU C 496 -5.24 -22.45 16.27
CA LEU C 496 -6.20 -22.63 17.36
C LEU C 496 -6.04 -21.57 18.44
N MET C 497 -4.78 -21.23 18.77
CA MET C 497 -4.54 -20.20 19.78
C MET C 497 -5.03 -18.84 19.31
N MET C 498 -4.87 -18.55 18.02
CA MET C 498 -5.42 -17.32 17.45
C MET C 498 -6.94 -17.26 17.61
N TRP C 499 -7.60 -18.38 17.34
CA TRP C 499 -9.05 -18.44 17.52
C TRP C 499 -9.45 -18.17 18.97
N GLY C 500 -8.74 -18.79 19.92
CA GLY C 500 -9.06 -18.56 21.33
C GLY C 500 -8.85 -17.12 21.77
N LEU C 501 -7.78 -16.48 21.30
CA LEU C 501 -7.55 -15.09 21.64
C LEU C 501 -8.63 -14.18 21.08
N HIS C 502 -9.04 -14.42 19.82
CA HIS C 502 -10.13 -13.63 19.26
C HIS C 502 -11.42 -13.82 20.06
N LYS C 503 -11.68 -15.05 20.52
CA LYS C 503 -12.88 -15.29 21.32
C LYS C 503 -12.81 -14.62 22.69
N ALA C 504 -11.62 -14.40 23.24
CA ALA C 504 -11.53 -13.67 24.51
C ALA C 504 -11.69 -12.16 24.33
N PHE C 505 -11.24 -11.62 23.19
CA PHE C 505 -11.33 -10.17 22.98
C PHE C 505 -12.78 -9.68 22.94
N VAL C 506 -13.72 -10.49 22.45
CA VAL C 506 -15.10 -10.02 22.34
C VAL C 506 -15.76 -9.91 23.72
N MET C 507 -15.45 -10.84 24.63
CA MET C 507 -15.90 -10.71 26.00
C MET C 507 -15.22 -9.55 26.71
N GLU C 508 -14.01 -9.17 26.31
CA GLU C 508 -13.45 -7.90 26.77
C GLU C 508 -14.28 -6.70 26.31
N SER C 509 -14.58 -6.63 25.02
CA SER C 509 -15.30 -5.48 24.47
C SER C 509 -16.71 -5.34 25.04
N GLN C 510 -17.41 -6.44 25.29
CA GLN C 510 -18.73 -6.36 25.91
C GLN C 510 -18.66 -5.90 27.36
N ARG C 511 -17.67 -6.39 28.11
CA ARG C 511 -17.56 -6.10 29.54
C ARG C 511 -17.10 -4.68 29.82
N GLN C 512 -16.52 -3.98 28.86
CA GLN C 512 -16.14 -2.60 29.09
C GLN C 512 -17.31 -1.62 28.91
N ILE C 513 -18.41 -2.05 28.28
CA ILE C 513 -19.57 -1.20 28.09
C ILE C 513 -20.81 -1.72 28.80
N ALA C 514 -20.78 -2.93 29.36
CA ALA C 514 -21.92 -3.45 30.10
C ALA C 514 -21.56 -3.70 31.55
#